data_5WJR
# 
_entry.id   5WJR 
# 
_audit_conform.dict_name       mmcif_pdbx.dic 
_audit_conform.dict_version    5.379 
_audit_conform.dict_location   http://mmcif.pdb.org/dictionaries/ascii/mmcif_pdbx.dic 
# 
loop_
_database_2.database_id 
_database_2.database_code 
_database_2.pdbx_database_accession 
_database_2.pdbx_DOI 
PDB   5WJR         pdb_00005wjr 10.2210/pdb5wjr/pdb 
WWPDB D_1000229123 ?            ?                   
# 
_pdbx_database_status.status_code                     REL 
_pdbx_database_status.status_code_sf                  REL 
_pdbx_database_status.status_code_mr                  ? 
_pdbx_database_status.entry_id                        5WJR 
_pdbx_database_status.recvd_initial_deposition_date   2017-07-24 
_pdbx_database_status.SG_entry                        N 
_pdbx_database_status.deposit_site                    RCSB 
_pdbx_database_status.process_site                    RCSB 
_pdbx_database_status.status_code_cs                  ? 
_pdbx_database_status.methods_development_category    ? 
_pdbx_database_status.pdb_format_compatible           Y 
_pdbx_database_status.status_code_nmr_data            ? 
# 
loop_
_audit_author.name 
_audit_author.pdbx_ordinal 
_audit_author.identifier_ORCID 
'Fang, Z.'  1 ? 
'Huang, Z.' 2 ? 
# 
_citation.abstract                  ? 
_citation.abstract_id_CAS           ? 
_citation.book_id_ISBN              ? 
_citation.book_publisher            ? 
_citation.book_publisher_city       ? 
_citation.book_title                ? 
_citation.coordinate_linkage        ? 
_citation.country                   DE 
_citation.database_id_Medline       ? 
_citation.details                   ? 
_citation.id                        primary 
_citation.journal_abbrev            Chemistryselect 
_citation.journal_id_ASTM           ? 
_citation.journal_id_CSD            ? 
_citation.journal_id_ISSN           2365-6549 
_citation.journal_full              ? 
_citation.journal_issue             ? 
_citation.journal_volume            8 
_citation.language                  ? 
_citation.page_first                ? 
_citation.page_last                 ? 
_citation.title                     'Synthesis of Pyrimidine Modified Seleno-DNA as a Novel Approach to Antisense Candidate' 
_citation.year                      2023 
_citation.database_id_CSD           ? 
_citation.pdbx_database_id_DOI      10.1002/slct.202302253 
_citation.pdbx_database_id_PubMed   ? 
_citation.unpublished_flag          ? 
# 
loop_
_citation_author.citation_id 
_citation_author.name 
_citation_author.ordinal 
_citation_author.identifier_ORCID 
primary 'Fang, Z.'   1 ? 
primary 'Dantsu, Y.' 2 ? 
primary 'Chen, C.'   3 ? 
primary 'Zhang, W.'  4 ? 
primary 'Huang, Z.'  5 ? 
# 
_cell.angle_alpha                  90.00 
_cell.angle_alpha_esd              ? 
_cell.angle_beta                   95.95 
_cell.angle_beta_esd               ? 
_cell.angle_gamma                  90.00 
_cell.angle_gamma_esd              ? 
_cell.entry_id                     5WJR 
_cell.details                      ? 
_cell.formula_units_Z              ? 
_cell.length_a                     80.264 
_cell.length_a_esd                 ? 
_cell.length_b                     37.644 
_cell.length_b_esd                 ? 
_cell.length_c                     62.121 
_cell.length_c_esd                 ? 
_cell.volume                       ? 
_cell.volume_esd                   ? 
_cell.Z_PDB                        4 
_cell.reciprocal_angle_alpha       ? 
_cell.reciprocal_angle_beta        ? 
_cell.reciprocal_angle_gamma       ? 
_cell.reciprocal_angle_alpha_esd   ? 
_cell.reciprocal_angle_beta_esd    ? 
_cell.reciprocal_angle_gamma_esd   ? 
_cell.reciprocal_length_a          ? 
_cell.reciprocal_length_b          ? 
_cell.reciprocal_length_c          ? 
_cell.reciprocal_length_a_esd      ? 
_cell.reciprocal_length_b_esd      ? 
_cell.reciprocal_length_c_esd      ? 
_cell.pdbx_unique_axis             ? 
# 
_symmetry.entry_id                         5WJR 
_symmetry.cell_setting                     ? 
_symmetry.Int_Tables_number                5 
_symmetry.space_group_name_Hall            ? 
_symmetry.space_group_name_H-M             'C 1 2 1' 
_symmetry.pdbx_full_space_group_name_H-M   ? 
# 
loop_
_entity.id 
_entity.type 
_entity.src_method 
_entity.pdbx_description 
_entity.formula_weight 
_entity.pdbx_number_of_molecules 
_entity.pdbx_ec 
_entity.pdbx_mutation 
_entity.pdbx_fragment 
_entity.details 
1 polymer     syn 
;RNA (5'-R(*UP*CP*GP*AP*CP*A)-3')
;
1875.189  1  ?        ?     ?                 ? 
2 polymer     syn 
;DNA (5'-D(*AP*TP*GP*TP*CP*G)-3')
;
1824.228  1  ?        ?     ?                 ? 
3 polymer     man 'Ribonuclease H'                   16329.478 1  3.1.26.4 D132N 'residues 59-196' ? 
4 non-polymer syn 'MAGNESIUM ION'                    24.305    2  ?        ?     ?                 ? 
5 water       nat water                              18.015    70 ?        ?     ?                 ? 
# 
_entity_name_com.entity_id   3 
_entity_name_com.name        'RNase H' 
# 
loop_
_entity_poly.entity_id 
_entity_poly.type 
_entity_poly.nstd_linkage 
_entity_poly.nstd_monomer 
_entity_poly.pdbx_seq_one_letter_code 
_entity_poly.pdbx_seq_one_letter_code_can 
_entity_poly.pdbx_strand_id 
_entity_poly.pdbx_target_identifier 
1 polyribonucleotide      no no UCGACA UCGACA B ? 
2 polydeoxyribonucleotide no no '(DA)(DT)(DG)(DT)(DC)(DG)' ATGTCG C ? 
3 'polypeptide(L)'        no no 
;GSHMAKEEIIWESLSVDVGSQGNPGIVEYKGVDTKTGEVLFEREPIPIGTNNMGEFLAIVHGLRYLKERNSRKPIYSNSQ
TAIKWVKDKKAKSTLVRNEETALIWKLVDEAEEWLNTHTYETPILKWQTDKWGEIKADYGRK
;
;GSHMAKEEIIWESLSVDVGSQGNPGIVEYKGVDTKTGEVLFEREPIPIGTNNMGEFLAIVHGLRYLKERNSRKPIYSNSQ
TAIKWVKDKKAKSTLVRNEETALIWKLVDEAEEWLNTHTYETPILKWQTDKWGEIKADYGRK
;
A ? 
# 
loop_
_entity_poly_seq.entity_id 
_entity_poly_seq.num 
_entity_poly_seq.mon_id 
_entity_poly_seq.hetero 
1 1   U   n 
1 2   C   n 
1 3   G   n 
1 4   A   n 
1 5   C   n 
1 6   A   n 
2 1   DA  n 
2 2   DT  n 
2 3   DG  n 
2 4   DT  n 
2 5   DC  n 
2 6   DG  n 
3 1   GLY n 
3 2   SER n 
3 3   HIS n 
3 4   MET n 
3 5   ALA n 
3 6   LYS n 
3 7   GLU n 
3 8   GLU n 
3 9   ILE n 
3 10  ILE n 
3 11  TRP n 
3 12  GLU n 
3 13  SER n 
3 14  LEU n 
3 15  SER n 
3 16  VAL n 
3 17  ASP n 
3 18  VAL n 
3 19  GLY n 
3 20  SER n 
3 21  GLN n 
3 22  GLY n 
3 23  ASN n 
3 24  PRO n 
3 25  GLY n 
3 26  ILE n 
3 27  VAL n 
3 28  GLU n 
3 29  TYR n 
3 30  LYS n 
3 31  GLY n 
3 32  VAL n 
3 33  ASP n 
3 34  THR n 
3 35  LYS n 
3 36  THR n 
3 37  GLY n 
3 38  GLU n 
3 39  VAL n 
3 40  LEU n 
3 41  PHE n 
3 42  GLU n 
3 43  ARG n 
3 44  GLU n 
3 45  PRO n 
3 46  ILE n 
3 47  PRO n 
3 48  ILE n 
3 49  GLY n 
3 50  THR n 
3 51  ASN n 
3 52  ASN n 
3 53  MET n 
3 54  GLY n 
3 55  GLU n 
3 56  PHE n 
3 57  LEU n 
3 58  ALA n 
3 59  ILE n 
3 60  VAL n 
3 61  HIS n 
3 62  GLY n 
3 63  LEU n 
3 64  ARG n 
3 65  TYR n 
3 66  LEU n 
3 67  LYS n 
3 68  GLU n 
3 69  ARG n 
3 70  ASN n 
3 71  SER n 
3 72  ARG n 
3 73  LYS n 
3 74  PRO n 
3 75  ILE n 
3 76  TYR n 
3 77  SER n 
3 78  ASN n 
3 79  SER n 
3 80  GLN n 
3 81  THR n 
3 82  ALA n 
3 83  ILE n 
3 84  LYS n 
3 85  TRP n 
3 86  VAL n 
3 87  LYS n 
3 88  ASP n 
3 89  LYS n 
3 90  LYS n 
3 91  ALA n 
3 92  LYS n 
3 93  SER n 
3 94  THR n 
3 95  LEU n 
3 96  VAL n 
3 97  ARG n 
3 98  ASN n 
3 99  GLU n 
3 100 GLU n 
3 101 THR n 
3 102 ALA n 
3 103 LEU n 
3 104 ILE n 
3 105 TRP n 
3 106 LYS n 
3 107 LEU n 
3 108 VAL n 
3 109 ASP n 
3 110 GLU n 
3 111 ALA n 
3 112 GLU n 
3 113 GLU n 
3 114 TRP n 
3 115 LEU n 
3 116 ASN n 
3 117 THR n 
3 118 HIS n 
3 119 THR n 
3 120 TYR n 
3 121 GLU n 
3 122 THR n 
3 123 PRO n 
3 124 ILE n 
3 125 LEU n 
3 126 LYS n 
3 127 TRP n 
3 128 GLN n 
3 129 THR n 
3 130 ASP n 
3 131 LYS n 
3 132 TRP n 
3 133 GLY n 
3 134 GLU n 
3 135 ILE n 
3 136 LYS n 
3 137 ALA n 
3 138 ASP n 
3 139 TYR n 
3 140 GLY n 
3 141 ARG n 
3 142 LYS n 
# 
_entity_src_gen.entity_id                          3 
_entity_src_gen.pdbx_src_id                        1 
_entity_src_gen.pdbx_alt_source_flag               sample 
_entity_src_gen.pdbx_seq_type                      'Biological sequence' 
_entity_src_gen.pdbx_beg_seq_num                   1 
_entity_src_gen.pdbx_end_seq_num                   142 
_entity_src_gen.gene_src_common_name               ? 
_entity_src_gen.gene_src_genus                     ? 
_entity_src_gen.pdbx_gene_src_gene                 'rnhA, BH0863' 
_entity_src_gen.gene_src_species                   ? 
_entity_src_gen.gene_src_strain                    'ATCC BAA-125 / DSM 18197 / FERM 7344 / JCM 9153 / C-125' 
_entity_src_gen.gene_src_tissue                    ? 
_entity_src_gen.gene_src_tissue_fraction           ? 
_entity_src_gen.gene_src_details                   ? 
_entity_src_gen.pdbx_gene_src_fragment             ? 
_entity_src_gen.pdbx_gene_src_scientific_name      'Bacillus halodurans' 
_entity_src_gen.pdbx_gene_src_ncbi_taxonomy_id     272558 
_entity_src_gen.pdbx_gene_src_variant              ? 
_entity_src_gen.pdbx_gene_src_cell_line            ? 
_entity_src_gen.pdbx_gene_src_atcc                 ? 
_entity_src_gen.pdbx_gene_src_organ                ? 
_entity_src_gen.pdbx_gene_src_organelle            ? 
_entity_src_gen.pdbx_gene_src_cell                 ? 
_entity_src_gen.pdbx_gene_src_cellular_location    ? 
_entity_src_gen.host_org_common_name               ? 
_entity_src_gen.pdbx_host_org_scientific_name      'Escherichia coli K-12' 
_entity_src_gen.pdbx_host_org_ncbi_taxonomy_id     83333 
_entity_src_gen.host_org_genus                     ? 
_entity_src_gen.pdbx_host_org_gene                 ? 
_entity_src_gen.pdbx_host_org_organ                ? 
_entity_src_gen.host_org_species                   ? 
_entity_src_gen.pdbx_host_org_tissue               ? 
_entity_src_gen.pdbx_host_org_tissue_fraction      ? 
_entity_src_gen.pdbx_host_org_strain               ? 
_entity_src_gen.pdbx_host_org_variant              ? 
_entity_src_gen.pdbx_host_org_cell_line            ? 
_entity_src_gen.pdbx_host_org_atcc                 ? 
_entity_src_gen.pdbx_host_org_culture_collection   ? 
_entity_src_gen.pdbx_host_org_cell                 ? 
_entity_src_gen.pdbx_host_org_organelle            ? 
_entity_src_gen.pdbx_host_org_cellular_location    ? 
_entity_src_gen.pdbx_host_org_vector_type          ? 
_entity_src_gen.pdbx_host_org_vector               ? 
_entity_src_gen.host_org_details                   ? 
_entity_src_gen.expression_system_id               ? 
_entity_src_gen.plasmid_name                       ? 
_entity_src_gen.plasmid_details                    ? 
_entity_src_gen.pdbx_description                   ? 
# 
loop_
_pdbx_entity_src_syn.entity_id 
_pdbx_entity_src_syn.pdbx_src_id 
_pdbx_entity_src_syn.pdbx_alt_source_flag 
_pdbx_entity_src_syn.pdbx_beg_seq_num 
_pdbx_entity_src_syn.pdbx_end_seq_num 
_pdbx_entity_src_syn.organism_scientific 
_pdbx_entity_src_syn.organism_common_name 
_pdbx_entity_src_syn.ncbi_taxonomy_id 
_pdbx_entity_src_syn.details 
1 1 sample 1 6 'synthetic construct' ? 32630 ? 
2 1 sample 1 6 'synthetic construct' ? 32630 ? 
# 
loop_
_struct_ref.id 
_struct_ref.db_name 
_struct_ref.db_code 
_struct_ref.pdbx_db_accession 
_struct_ref.pdbx_db_isoform 
_struct_ref.entity_id 
_struct_ref.pdbx_seq_one_letter_code 
_struct_ref.pdbx_align_begin 
1 PDB 5WJR       5WJR   ? 1 ? 1  
2 PDB 5WJR       5WJR   ? 2 ? 1  
3 UNP RNH1_BACHD Q9KEI9 ? 3 
;AKEEIIWESLSVDVGSQGNPGIVEYKGVDTKTGEVLFEREPIPIGTNNMGEFLAIVHGLRYLKERNSRKPIYSDSQTAIK
WVKDKKAKSTLVRNEETALIWKLVDEAEEWLNTHTYETPILKWQTDKWGEIKADYGRK
;
59 
# 
loop_
_struct_ref_seq.align_id 
_struct_ref_seq.ref_id 
_struct_ref_seq.pdbx_PDB_id_code 
_struct_ref_seq.pdbx_strand_id 
_struct_ref_seq.seq_align_beg 
_struct_ref_seq.pdbx_seq_align_beg_ins_code 
_struct_ref_seq.seq_align_end 
_struct_ref_seq.pdbx_seq_align_end_ins_code 
_struct_ref_seq.pdbx_db_accession 
_struct_ref_seq.db_align_beg 
_struct_ref_seq.pdbx_db_align_beg_ins_code 
_struct_ref_seq.db_align_end 
_struct_ref_seq.pdbx_db_align_end_ins_code 
_struct_ref_seq.pdbx_auth_seq_align_beg 
_struct_ref_seq.pdbx_auth_seq_align_end 
1 1 5WJR B 1 ? 6   ? 5WJR   1  ? 6   ? 1  6   
2 2 5WJR C 1 ? 3   ? 5WJR   1  ? 3   ? 1  3   
3 3 5WJR A 5 ? 142 ? Q9KEI9 59 ? 196 ? 59 196 
# 
loop_
_struct_ref_seq_dif.align_id 
_struct_ref_seq_dif.pdbx_pdb_id_code 
_struct_ref_seq_dif.mon_id 
_struct_ref_seq_dif.pdbx_pdb_strand_id 
_struct_ref_seq_dif.seq_num 
_struct_ref_seq_dif.pdbx_pdb_ins_code 
_struct_ref_seq_dif.pdbx_seq_db_name 
_struct_ref_seq_dif.pdbx_seq_db_accession_code 
_struct_ref_seq_dif.db_mon_id 
_struct_ref_seq_dif.pdbx_seq_db_seq_num 
_struct_ref_seq_dif.details 
_struct_ref_seq_dif.pdbx_auth_seq_num 
_struct_ref_seq_dif.pdbx_ordinal 
3 5WJR GLY A 1  ? UNP Q9KEI9 ?   ?   'expression tag'      55  1 
3 5WJR SER A 2  ? UNP Q9KEI9 ?   ?   'expression tag'      56  2 
3 5WJR HIS A 3  ? UNP Q9KEI9 ?   ?   'expression tag'      57  3 
3 5WJR MET A 4  ? UNP Q9KEI9 ?   ?   'expression tag'      58  4 
3 5WJR ASN A 78 ? UNP Q9KEI9 ASP 132 'engineered mutation' 132 5 
# 
loop_
_chem_comp.id 
_chem_comp.type 
_chem_comp.mon_nstd_flag 
_chem_comp.name 
_chem_comp.pdbx_synonyms 
_chem_comp.formula 
_chem_comp.formula_weight 
A   'RNA linking'       y "ADENOSINE-5'-MONOPHOSPHATE"         ? 'C10 H14 N5 O7 P' 347.221 
ALA 'L-peptide linking' y ALANINE                              ? 'C3 H7 N O2'      89.093  
ARG 'L-peptide linking' y ARGININE                             ? 'C6 H15 N4 O2 1'  175.209 
ASN 'L-peptide linking' y ASPARAGINE                           ? 'C4 H8 N2 O3'     132.118 
ASP 'L-peptide linking' y 'ASPARTIC ACID'                      ? 'C4 H7 N O4'      133.103 
C   'RNA linking'       y "CYTIDINE-5'-MONOPHOSPHATE"          ? 'C9 H14 N3 O8 P'  323.197 
DA  'DNA linking'       y "2'-DEOXYADENOSINE-5'-MONOPHOSPHATE" ? 'C10 H14 N5 O6 P' 331.222 
DC  'DNA linking'       y "2'-DEOXYCYTIDINE-5'-MONOPHOSPHATE"  ? 'C9 H14 N3 O7 P'  307.197 
DG  'DNA linking'       y "2'-DEOXYGUANOSINE-5'-MONOPHOSPHATE" ? 'C10 H14 N5 O7 P' 347.221 
DT  'DNA linking'       y "THYMIDINE-5'-MONOPHOSPHATE"         ? 'C10 H15 N2 O8 P' 322.208 
G   'RNA linking'       y "GUANOSINE-5'-MONOPHOSPHATE"         ? 'C10 H14 N5 O8 P' 363.221 
GLN 'L-peptide linking' y GLUTAMINE                            ? 'C5 H10 N2 O3'    146.144 
GLU 'L-peptide linking' y 'GLUTAMIC ACID'                      ? 'C5 H9 N O4'      147.129 
GLY 'peptide linking'   y GLYCINE                              ? 'C2 H5 N O2'      75.067  
HIS 'L-peptide linking' y HISTIDINE                            ? 'C6 H10 N3 O2 1'  156.162 
HOH non-polymer         . WATER                                ? 'H2 O'            18.015  
ILE 'L-peptide linking' y ISOLEUCINE                           ? 'C6 H13 N O2'     131.173 
LEU 'L-peptide linking' y LEUCINE                              ? 'C6 H13 N O2'     131.173 
LYS 'L-peptide linking' y LYSINE                               ? 'C6 H15 N2 O2 1'  147.195 
MET 'L-peptide linking' y METHIONINE                           ? 'C5 H11 N O2 S'   149.211 
MG  non-polymer         . 'MAGNESIUM ION'                      ? 'Mg 2'            24.305  
PHE 'L-peptide linking' y PHENYLALANINE                        ? 'C9 H11 N O2'     165.189 
PRO 'L-peptide linking' y PROLINE                              ? 'C5 H9 N O2'      115.130 
SER 'L-peptide linking' y SERINE                               ? 'C3 H7 N O3'      105.093 
THR 'L-peptide linking' y THREONINE                            ? 'C4 H9 N O3'      119.119 
TRP 'L-peptide linking' y TRYPTOPHAN                           ? 'C11 H12 N2 O2'   204.225 
TYR 'L-peptide linking' y TYROSINE                             ? 'C9 H11 N O3'     181.189 
U   'RNA linking'       y "URIDINE-5'-MONOPHOSPHATE"           ? 'C9 H13 N2 O9 P'  324.181 
VAL 'L-peptide linking' y VALINE                               ? 'C5 H11 N O2'     117.146 
# 
_exptl.absorpt_coefficient_mu     ? 
_exptl.absorpt_correction_T_max   ? 
_exptl.absorpt_correction_T_min   ? 
_exptl.absorpt_correction_type    ? 
_exptl.absorpt_process_details    ? 
_exptl.entry_id                   5WJR 
_exptl.crystals_number            1 
_exptl.details                    ? 
_exptl.method                     'X-RAY DIFFRACTION' 
_exptl.method_details             ? 
# 
_exptl_crystal.colour                      ? 
_exptl_crystal.density_diffrn              ? 
_exptl_crystal.density_Matthews            2.46 
_exptl_crystal.density_method              ? 
_exptl_crystal.density_percent_sol         50.08 
_exptl_crystal.description                 ? 
_exptl_crystal.F_000                       ? 
_exptl_crystal.id                          1 
_exptl_crystal.preparation                 ? 
_exptl_crystal.size_max                    ? 
_exptl_crystal.size_mid                    ? 
_exptl_crystal.size_min                    ? 
_exptl_crystal.size_rad                    ? 
_exptl_crystal.colour_lustre               ? 
_exptl_crystal.colour_modifier             ? 
_exptl_crystal.colour_primary              ? 
_exptl_crystal.density_meas                ? 
_exptl_crystal.density_meas_esd            ? 
_exptl_crystal.density_meas_gt             ? 
_exptl_crystal.density_meas_lt             ? 
_exptl_crystal.density_meas_temp           ? 
_exptl_crystal.density_meas_temp_esd       ? 
_exptl_crystal.density_meas_temp_gt        ? 
_exptl_crystal.density_meas_temp_lt        ? 
_exptl_crystal.pdbx_crystal_image_url      ? 
_exptl_crystal.pdbx_crystal_image_format   ? 
_exptl_crystal.pdbx_mosaicity              ? 
_exptl_crystal.pdbx_mosaicity_esd          ? 
# 
_exptl_crystal_grow.apparatus       ? 
_exptl_crystal_grow.atmosphere      ? 
_exptl_crystal_grow.crystal_id      1 
_exptl_crystal_grow.details         ? 
_exptl_crystal_grow.method          'VAPOR DIFFUSION, HANGING DROP' 
_exptl_crystal_grow.method_ref      ? 
_exptl_crystal_grow.pH              ? 
_exptl_crystal_grow.pressure        ? 
_exptl_crystal_grow.pressure_esd    ? 
_exptl_crystal_grow.seeding         ? 
_exptl_crystal_grow.seeding_ref     ? 
_exptl_crystal_grow.temp            293 
_exptl_crystal_grow.temp_details    ? 
_exptl_crystal_grow.temp_esd        ? 
_exptl_crystal_grow.time            ? 
_exptl_crystal_grow.pdbx_details    '0.1M MES pH 6.5, 12%(w/v) PEG 20000' 
_exptl_crystal_grow.pdbx_pH_range   ? 
# 
_diffrn.ambient_environment    ? 
_diffrn.ambient_temp           100 
_diffrn.ambient_temp_details   ? 
_diffrn.ambient_temp_esd       ? 
_diffrn.crystal_id             1 
_diffrn.crystal_support        ? 
_diffrn.crystal_treatment      ? 
_diffrn.details                ? 
_diffrn.id                     1 
_diffrn.ambient_pressure       ? 
_diffrn.ambient_pressure_esd   ? 
_diffrn.ambient_pressure_gt    ? 
_diffrn.ambient_pressure_lt    ? 
_diffrn.ambient_temp_gt        ? 
_diffrn.ambient_temp_lt        ? 
# 
_diffrn_detector.details                      ? 
_diffrn_detector.detector                     PIXEL 
_diffrn_detector.diffrn_id                    1 
_diffrn_detector.type                         'DECTRIS PILATUS 6M' 
_diffrn_detector.area_resol_mean              ? 
_diffrn_detector.dtime                        ? 
_diffrn_detector.pdbx_frames_total            ? 
_diffrn_detector.pdbx_collection_time_total   ? 
_diffrn_detector.pdbx_collection_date         2017-05-14 
# 
_diffrn_radiation.collimation                      ? 
_diffrn_radiation.diffrn_id                        1 
_diffrn_radiation.filter_edge                      ? 
_diffrn_radiation.inhomogeneity                    ? 
_diffrn_radiation.monochromator                    ? 
_diffrn_radiation.polarisn_norm                    ? 
_diffrn_radiation.polarisn_ratio                   ? 
_diffrn_radiation.probe                            ? 
_diffrn_radiation.type                             ? 
_diffrn_radiation.xray_symbol                      ? 
_diffrn_radiation.wavelength_id                    1 
_diffrn_radiation.pdbx_monochromatic_or_laue_m_l   M 
_diffrn_radiation.pdbx_wavelength_list             ? 
_diffrn_radiation.pdbx_wavelength                  ? 
_diffrn_radiation.pdbx_diffrn_protocol             'SINGLE WAVELENGTH' 
_diffrn_radiation.pdbx_analyzer                    ? 
_diffrn_radiation.pdbx_scattering_type             x-ray 
# 
_diffrn_radiation_wavelength.id           1 
_diffrn_radiation_wavelength.wavelength   1 
_diffrn_radiation_wavelength.wt           1.0 
# 
_diffrn_source.current                     ? 
_diffrn_source.details                     ? 
_diffrn_source.diffrn_id                   1 
_diffrn_source.power                       ? 
_diffrn_source.size                        ? 
_diffrn_source.source                      SYNCHROTRON 
_diffrn_source.target                      ? 
_diffrn_source.type                        'ALS BEAMLINE 5.0.1' 
_diffrn_source.voltage                     ? 
_diffrn_source.take-off_angle              ? 
_diffrn_source.pdbx_wavelength_list        1 
_diffrn_source.pdbx_wavelength             ? 
_diffrn_source.pdbx_synchrotron_beamline   5.0.1 
_diffrn_source.pdbx_synchrotron_site       ALS 
# 
_reflns.B_iso_Wilson_estimate            ? 
_reflns.entry_id                         5WJR 
_reflns.data_reduction_details           ? 
_reflns.data_reduction_method            ? 
_reflns.d_resolution_high                1.70 
_reflns.d_resolution_low                 61.79 
_reflns.details                          ? 
_reflns.limit_h_max                      ? 
_reflns.limit_h_min                      ? 
_reflns.limit_k_max                      ? 
_reflns.limit_k_min                      ? 
_reflns.limit_l_max                      ? 
_reflns.limit_l_min                      ? 
_reflns.number_all                       ? 
_reflns.number_obs                       20483 
_reflns.observed_criterion               ? 
_reflns.observed_criterion_F_max         ? 
_reflns.observed_criterion_F_min         ? 
_reflns.observed_criterion_I_max         ? 
_reflns.observed_criterion_I_min         ? 
_reflns.observed_criterion_sigma_F       ? 
_reflns.observed_criterion_sigma_I       ? 
_reflns.percent_possible_obs             92.1 
_reflns.R_free_details                   ? 
_reflns.Rmerge_F_all                     ? 
_reflns.Rmerge_F_obs                     ? 
_reflns.Friedel_coverage                 ? 
_reflns.number_gt                        ? 
_reflns.threshold_expression             ? 
_reflns.pdbx_redundancy                  5.8 
_reflns.pdbx_Rmerge_I_obs                ? 
_reflns.pdbx_Rmerge_I_all                ? 
_reflns.pdbx_Rsym_value                  ? 
_reflns.pdbx_netI_over_av_sigmaI         ? 
_reflns.pdbx_netI_over_sigmaI            21.1 
_reflns.pdbx_res_netI_over_av_sigmaI_2   ? 
_reflns.pdbx_res_netI_over_sigmaI_2      ? 
_reflns.pdbx_chi_squared                 0.981 
_reflns.pdbx_scaling_rejects             ? 
_reflns.pdbx_d_res_high_opt              ? 
_reflns.pdbx_d_res_low_opt               ? 
_reflns.pdbx_d_res_opt_method            ? 
_reflns.phase_calculation_details        ? 
_reflns.pdbx_Rrim_I_all                  ? 
_reflns.pdbx_Rpim_I_all                  0.033 
_reflns.pdbx_d_opt                       ? 
_reflns.pdbx_number_measured_all         ? 
_reflns.pdbx_diffrn_id                   1 
_reflns.pdbx_ordinal                     1 
_reflns.pdbx_CC_half                     ? 
_reflns.pdbx_R_split                     ? 
# 
_reflns_shell.d_res_high                  1.70 
_reflns_shell.d_res_low                   1.76 
_reflns_shell.meanI_over_sigI_all         ? 
_reflns_shell.meanI_over_sigI_obs         3.5 
_reflns_shell.number_measured_all         ? 
_reflns_shell.number_measured_obs         ? 
_reflns_shell.number_possible             ? 
_reflns_shell.number_unique_all           ? 
_reflns_shell.number_unique_obs           1081 
_reflns_shell.percent_possible_all        53.7 
_reflns_shell.percent_possible_obs        ? 
_reflns_shell.Rmerge_F_all                ? 
_reflns_shell.Rmerge_F_obs                ? 
_reflns_shell.Rmerge_I_all                ? 
_reflns_shell.Rmerge_I_obs                ? 
_reflns_shell.meanI_over_sigI_gt          ? 
_reflns_shell.meanI_over_uI_all           ? 
_reflns_shell.meanI_over_uI_gt            ? 
_reflns_shell.number_measured_gt          ? 
_reflns_shell.number_unique_gt            ? 
_reflns_shell.percent_possible_gt         ? 
_reflns_shell.Rmerge_F_gt                 ? 
_reflns_shell.Rmerge_I_gt                 ? 
_reflns_shell.pdbx_redundancy             3.3 
_reflns_shell.pdbx_Rsym_value             ? 
_reflns_shell.pdbx_chi_squared            0.921 
_reflns_shell.pdbx_netI_over_sigmaI_all   ? 
_reflns_shell.pdbx_netI_over_sigmaI_obs   ? 
_reflns_shell.pdbx_Rrim_I_all             ? 
_reflns_shell.pdbx_Rpim_I_all             0.136 
_reflns_shell.pdbx_rejects                ? 
_reflns_shell.pdbx_ordinal                1 
_reflns_shell.pdbx_diffrn_id              1 
_reflns_shell.pdbx_CC_half                0.944 
_reflns_shell.pdbx_R_split                ? 
# 
_refine.aniso_B[1][1]                            -0.01 
_refine.aniso_B[1][2]                            -0.00 
_refine.aniso_B[1][3]                            -0.00 
_refine.aniso_B[2][2]                            -0.00 
_refine.aniso_B[2][3]                            0.00 
_refine.aniso_B[3][3]                            0.01 
_refine.B_iso_max                                ? 
_refine.B_iso_mean                               15.648 
_refine.B_iso_min                                ? 
_refine.correlation_coeff_Fo_to_Fc               0.945 
_refine.correlation_coeff_Fo_to_Fc_free          0.910 
_refine.details                                  'HYDROGENS HAVE BEEN ADDED IN THE RIDING POSITIONS' 
_refine.diff_density_max                         ? 
_refine.diff_density_max_esd                     ? 
_refine.diff_density_min                         ? 
_refine.diff_density_min_esd                     ? 
_refine.diff_density_rms                         ? 
_refine.diff_density_rms_esd                     ? 
_refine.entry_id                                 5WJR 
_refine.pdbx_refine_id                           'X-RAY DIFFRACTION' 
_refine.ls_abs_structure_details                 ? 
_refine.ls_abs_structure_Flack                   ? 
_refine.ls_abs_structure_Flack_esd               ? 
_refine.ls_abs_structure_Rogers                  ? 
_refine.ls_abs_structure_Rogers_esd              ? 
_refine.ls_d_res_high                            1.70 
_refine.ls_d_res_low                             61.79 
_refine.ls_extinction_coef                       ? 
_refine.ls_extinction_coef_esd                   ? 
_refine.ls_extinction_expression                 ? 
_refine.ls_extinction_method                     ? 
_refine.ls_goodness_of_fit_all                   ? 
_refine.ls_goodness_of_fit_all_esd               ? 
_refine.ls_goodness_of_fit_obs                   ? 
_refine.ls_goodness_of_fit_obs_esd               ? 
_refine.ls_hydrogen_treatment                    ? 
_refine.ls_matrix_type                           ? 
_refine.ls_number_constraints                    ? 
_refine.ls_number_parameters                     ? 
_refine.ls_number_reflns_all                     ? 
_refine.ls_number_reflns_obs                     17002 
_refine.ls_number_reflns_R_free                  891 
_refine.ls_number_reflns_R_work                  ? 
_refine.ls_number_restraints                     ? 
_refine.ls_percent_reflns_obs                    87.33 
_refine.ls_percent_reflns_R_free                 5.0 
_refine.ls_R_factor_all                          ? 
_refine.ls_R_factor_obs                          0.19098 
_refine.ls_R_factor_R_free                       0.23394 
_refine.ls_R_factor_R_free_error                 ? 
_refine.ls_R_factor_R_free_error_details         ? 
_refine.ls_R_factor_R_work                       0.18879 
_refine.ls_R_Fsqd_factor_obs                     ? 
_refine.ls_R_I_factor_obs                        ? 
_refine.ls_redundancy_reflns_all                 ? 
_refine.ls_redundancy_reflns_obs                 ? 
_refine.ls_restrained_S_all                      ? 
_refine.ls_restrained_S_obs                      ? 
_refine.ls_shift_over_esd_max                    ? 
_refine.ls_shift_over_esd_mean                   ? 
_refine.ls_structure_factor_coef                 ? 
_refine.ls_weighting_details                     ? 
_refine.ls_weighting_scheme                      ? 
_refine.ls_wR_factor_all                         ? 
_refine.ls_wR_factor_obs                         ? 
_refine.ls_wR_factor_R_free                      ? 
_refine.ls_wR_factor_R_work                      ? 
_refine.occupancy_max                            ? 
_refine.occupancy_min                            ? 
_refine.solvent_model_details                    MASK 
_refine.solvent_model_param_bsol                 ? 
_refine.solvent_model_param_ksol                 ? 
_refine.ls_R_factor_gt                           ? 
_refine.ls_goodness_of_fit_gt                    ? 
_refine.ls_goodness_of_fit_ref                   ? 
_refine.ls_shift_over_su_max                     ? 
_refine.ls_shift_over_su_max_lt                  ? 
_refine.ls_shift_over_su_mean                    ? 
_refine.ls_shift_over_su_mean_lt                 ? 
_refine.pdbx_ls_sigma_I                          ? 
_refine.pdbx_ls_sigma_F                          ? 
_refine.pdbx_ls_sigma_Fsqd                       ? 
_refine.pdbx_data_cutoff_high_absF               ? 
_refine.pdbx_data_cutoff_high_rms_absF           ? 
_refine.pdbx_data_cutoff_low_absF                ? 
_refine.pdbx_isotropic_thermal_model             ? 
_refine.pdbx_ls_cross_valid_method               THROUGHOUT 
_refine.pdbx_method_to_determine_struct          'MOLECULAR REPLACEMENT' 
_refine.pdbx_starting_model                      2G8U 
_refine.pdbx_stereochemistry_target_values       'MAXIMUM LIKELIHOOD' 
_refine.pdbx_R_Free_selection_details            RANDOM 
_refine.pdbx_stereochem_target_val_spec_case     ? 
_refine.pdbx_overall_ESU_R                       0.119 
_refine.pdbx_overall_ESU_R_Free                  0.121 
_refine.pdbx_solvent_vdw_probe_radii             1.20 
_refine.pdbx_solvent_ion_probe_radii             0.80 
_refine.pdbx_solvent_shrinkage_radii             0.80 
_refine.pdbx_real_space_R                        ? 
_refine.pdbx_density_correlation                 ? 
_refine.pdbx_pd_number_of_powder_patterns        ? 
_refine.pdbx_pd_number_of_points                 ? 
_refine.pdbx_pd_meas_number_of_points            ? 
_refine.pdbx_pd_proc_ls_prof_R_factor            ? 
_refine.pdbx_pd_proc_ls_prof_wR_factor           ? 
_refine.pdbx_pd_Marquardt_correlation_coeff      ? 
_refine.pdbx_pd_Fsqrd_R_factor                   ? 
_refine.pdbx_pd_ls_matrix_band_width             ? 
_refine.pdbx_overall_phase_error                 ? 
_refine.pdbx_overall_SU_R_free_Cruickshank_DPI   ? 
_refine.pdbx_overall_SU_R_free_Blow_DPI          ? 
_refine.pdbx_overall_SU_R_Blow_DPI               ? 
_refine.pdbx_TLS_residual_ADP_flag               ? 
_refine.pdbx_diffrn_id                           1 
_refine.overall_SU_B                             2.240 
_refine.overall_SU_ML                            0.073 
_refine.overall_SU_R_Cruickshank_DPI             ? 
_refine.overall_SU_R_free                        ? 
_refine.overall_FOM_free_R_set                   ? 
_refine.overall_FOM_work_R_set                   ? 
_refine.pdbx_average_fsc_overall                 ? 
_refine.pdbx_average_fsc_work                    ? 
_refine.pdbx_average_fsc_free                    ? 
# 
_refine_hist.pdbx_refine_id                   'X-RAY DIFFRACTION' 
_refine_hist.cycle_id                         1 
_refine_hist.pdbx_number_atoms_protein        1076 
_refine_hist.pdbx_number_atoms_nucleic_acid   245 
_refine_hist.pdbx_number_atoms_ligand         2 
_refine_hist.number_atoms_solvent             71 
_refine_hist.number_atoms_total               1394 
_refine_hist.d_res_high                       1.70 
_refine_hist.d_res_low                        61.79 
# 
loop_
_refine_ls_restr.pdbx_refine_id 
_refine_ls_restr.criterion 
_refine_ls_restr.dev_ideal 
_refine_ls_restr.dev_ideal_target 
_refine_ls_restr.number 
_refine_ls_restr.rejects 
_refine_ls_restr.type 
_refine_ls_restr.weight 
_refine_ls_restr.pdbx_restraint_function 
'X-RAY DIFFRACTION' ? 0.019  0.018  1374 ? r_bond_refined_d             ? ? 
'X-RAY DIFFRACTION' ? 0.002  0.020  1156 ? r_bond_other_d               ? ? 
'X-RAY DIFFRACTION' ? 1.849  1.782  1912 ? r_angle_refined_deg          ? ? 
'X-RAY DIFFRACTION' ? 1.172  3.000  2699 ? r_angle_other_deg            ? ? 
'X-RAY DIFFRACTION' ? 6.251  5.000  131  ? r_dihedral_angle_1_deg       ? ? 
'X-RAY DIFFRACTION' ? 33.170 25.098 51   ? r_dihedral_angle_2_deg       ? ? 
'X-RAY DIFFRACTION' ? 13.849 15.000 202  ? r_dihedral_angle_3_deg       ? ? 
'X-RAY DIFFRACTION' ? 19.773 15.000 5    ? r_dihedral_angle_4_deg       ? ? 
'X-RAY DIFFRACTION' ? 0.115  0.200  205  ? r_chiral_restr               ? ? 
'X-RAY DIFFRACTION' ? 0.012  0.020  1334 ? r_gen_planes_refined         ? ? 
'X-RAY DIFFRACTION' ? 0.002  0.020  275  ? r_gen_planes_other           ? ? 
'X-RAY DIFFRACTION' ? ?      ?      ?    ? r_nbd_refined                ? ? 
'X-RAY DIFFRACTION' ? ?      ?      ?    ? r_nbd_other                  ? ? 
'X-RAY DIFFRACTION' ? ?      ?      ?    ? r_nbtor_refined              ? ? 
'X-RAY DIFFRACTION' ? ?      ?      ?    ? r_nbtor_other                ? ? 
'X-RAY DIFFRACTION' ? ?      ?      ?    ? r_xyhbond_nbd_refined        ? ? 
'X-RAY DIFFRACTION' ? ?      ?      ?    ? r_xyhbond_nbd_other          ? ? 
'X-RAY DIFFRACTION' ? ?      ?      ?    ? r_metal_ion_refined          ? ? 
'X-RAY DIFFRACTION' ? ?      ?      ?    ? r_metal_ion_other            ? ? 
'X-RAY DIFFRACTION' ? ?      ?      ?    ? r_symmetry_vdw_refined       ? ? 
'X-RAY DIFFRACTION' ? ?      ?      ?    ? r_symmetry_vdw_other         ? ? 
'X-RAY DIFFRACTION' ? ?      ?      ?    ? r_symmetry_hbond_refined     ? ? 
'X-RAY DIFFRACTION' ? ?      ?      ?    ? r_symmetry_hbond_other       ? ? 
'X-RAY DIFFRACTION' ? ?      ?      ?    ? r_symmetry_metal_ion_refined ? ? 
'X-RAY DIFFRACTION' ? ?      ?      ?    ? r_symmetry_metal_ion_other   ? ? 
'X-RAY DIFFRACTION' ? 1.606  1.338  527  ? r_mcbond_it                  ? ? 
'X-RAY DIFFRACTION' ? 1.557  1.335  526  ? r_mcbond_other               ? ? 
'X-RAY DIFFRACTION' ? 2.417  1.993  657  ? r_mcangle_it                 ? ? 
'X-RAY DIFFRACTION' ? 2.415  1.996  658  ? r_mcangle_other              ? ? 
'X-RAY DIFFRACTION' ? 2.425  1.641  847  ? r_scbond_it                  ? ? 
'X-RAY DIFFRACTION' ? 2.423  1.641  848  ? r_scbond_other               ? ? 
'X-RAY DIFFRACTION' ? ?      ?      ?    ? r_scangle_it                 ? ? 
'X-RAY DIFFRACTION' ? 3.724  2.364  1256 ? r_scangle_other              ? ? 
'X-RAY DIFFRACTION' ? 6.199  16.132 1707 ? r_long_range_B_refined       ? ? 
'X-RAY DIFFRACTION' ? 6.089  16.012 1698 ? r_long_range_B_other         ? ? 
'X-RAY DIFFRACTION' ? ?      ?      ?    ? r_rigid_bond_restr           ? ? 
'X-RAY DIFFRACTION' ? ?      ?      ?    ? r_sphericity_free            ? ? 
'X-RAY DIFFRACTION' ? ?      ?      ?    ? r_sphericity_bonded          ? ? 
# 
_refine_ls_shell.pdbx_refine_id                   'X-RAY DIFFRACTION' 
_refine_ls_shell.d_res_high                       1.702 
_refine_ls_shell.d_res_low                        1.746 
_refine_ls_shell.number_reflns_all                ? 
_refine_ls_shell.number_reflns_obs                ? 
_refine_ls_shell.number_reflns_R_free             28 
_refine_ls_shell.number_reflns_R_work             535 
_refine_ls_shell.percent_reflns_obs               38.04 
_refine_ls_shell.percent_reflns_R_free            ? 
_refine_ls_shell.R_factor_all                     ? 
_refine_ls_shell.R_factor_obs                     ? 
_refine_ls_shell.R_factor_R_free                  0.273 
_refine_ls_shell.R_factor_R_free_error            ? 
_refine_ls_shell.R_factor_R_work                  0.222 
_refine_ls_shell.redundancy_reflns_all            ? 
_refine_ls_shell.redundancy_reflns_obs            ? 
_refine_ls_shell.wR_factor_all                    ? 
_refine_ls_shell.wR_factor_obs                    ? 
_refine_ls_shell.wR_factor_R_free                 ? 
_refine_ls_shell.wR_factor_R_work                 ? 
_refine_ls_shell.pdbx_total_number_of_bins_used   20 
_refine_ls_shell.pdbx_phase_error                 ? 
_refine_ls_shell.pdbx_fsc_work                    ? 
_refine_ls_shell.pdbx_fsc_free                    ? 
# 
_struct.entry_id                     5WJR 
_struct.title                        
'High resolution native hexamer DNA and RNA hybrid in complex with RNase H catalytic domain D132N mutant' 
_struct.pdbx_model_details           ? 
_struct.pdbx_formula_weight          ? 
_struct.pdbx_formula_weight_method   ? 
_struct.pdbx_model_type_details      ? 
_struct.pdbx_CASP_flag               N 
# 
_struct_keywords.entry_id        5WJR 
_struct_keywords.text            'HYDROLASE-DNA-RNA complex, HYDROLASE' 
_struct_keywords.pdbx_keywords   HYDROLASE 
# 
loop_
_struct_asym.id 
_struct_asym.pdbx_blank_PDB_chainid_flag 
_struct_asym.pdbx_modified 
_struct_asym.entity_id 
_struct_asym.details 
A N N 1 ? 
B N N 2 ? 
C N N 3 ? 
D N N 4 ? 
E N N 4 ? 
F N N 5 ? 
G N N 5 ? 
H N N 5 ? 
# 
loop_
_struct_conf.conf_type_id 
_struct_conf.id 
_struct_conf.pdbx_PDB_helix_id 
_struct_conf.beg_label_comp_id 
_struct_conf.beg_label_asym_id 
_struct_conf.beg_label_seq_id 
_struct_conf.pdbx_beg_PDB_ins_code 
_struct_conf.end_label_comp_id 
_struct_conf.end_label_asym_id 
_struct_conf.end_label_seq_id 
_struct_conf.pdbx_end_PDB_ins_code 
_struct_conf.beg_auth_comp_id 
_struct_conf.beg_auth_asym_id 
_struct_conf.beg_auth_seq_id 
_struct_conf.end_auth_comp_id 
_struct_conf.end_auth_asym_id 
_struct_conf.end_auth_seq_id 
_struct_conf.pdbx_PDB_helix_class 
_struct_conf.details 
_struct_conf.pdbx_PDB_helix_length 
HELX_P HELX_P1 AA1 THR C 50  ? ARG C 69  ? THR A 104 ARG A 123 1 ? 20 
HELX_P HELX_P2 AA2 SER C 79  ? LYS C 89  ? SER A 133 LYS A 143 1 ? 11 
HELX_P HELX_P3 AA3 THR C 101 ? ASN C 116 ? THR A 155 ASN A 170 1 ? 16 
HELX_P HELX_P4 AA4 GLN C 128 ? GLY C 133 ? GLN A 182 GLY A 187 1 ? 6  
# 
_struct_conf_type.id          HELX_P 
_struct_conf_type.criteria    ? 
_struct_conf_type.reference   ? 
# 
loop_
_struct_conn.id 
_struct_conn.conn_type_id 
_struct_conn.pdbx_leaving_atom_flag 
_struct_conn.pdbx_PDB_id 
_struct_conn.ptnr1_label_asym_id 
_struct_conn.ptnr1_label_comp_id 
_struct_conn.ptnr1_label_seq_id 
_struct_conn.ptnr1_label_atom_id 
_struct_conn.pdbx_ptnr1_label_alt_id 
_struct_conn.pdbx_ptnr1_PDB_ins_code 
_struct_conn.pdbx_ptnr1_standard_comp_id 
_struct_conn.ptnr1_symmetry 
_struct_conn.ptnr2_label_asym_id 
_struct_conn.ptnr2_label_comp_id 
_struct_conn.ptnr2_label_seq_id 
_struct_conn.ptnr2_label_atom_id 
_struct_conn.pdbx_ptnr2_label_alt_id 
_struct_conn.pdbx_ptnr2_PDB_ins_code 
_struct_conn.ptnr1_auth_asym_id 
_struct_conn.ptnr1_auth_comp_id 
_struct_conn.ptnr1_auth_seq_id 
_struct_conn.ptnr2_auth_asym_id 
_struct_conn.ptnr2_auth_comp_id 
_struct_conn.ptnr2_auth_seq_id 
_struct_conn.ptnr2_symmetry 
_struct_conn.pdbx_ptnr3_label_atom_id 
_struct_conn.pdbx_ptnr3_label_seq_id 
_struct_conn.pdbx_ptnr3_label_comp_id 
_struct_conn.pdbx_ptnr3_label_asym_id 
_struct_conn.pdbx_ptnr3_label_alt_id 
_struct_conn.pdbx_ptnr3_PDB_ins_code 
_struct_conn.details 
_struct_conn.pdbx_dist_value 
_struct_conn.pdbx_value_order 
_struct_conn.pdbx_role 
metalc1  metalc ? ? A A   6  "O3'" ? ? ? 1_555 D MG  .  MG  ? ? B A   6   B MG  201 1_555 ? ? ? ? ? ? ?            2.555 ? ? 
metalc2  metalc ? ? D MG  .  MG    ? ? ? 1_555 C ASP 17 OD1 ? ? B MG  201 A ASP 71  1_555 ? ? ? ? ? ? ?            2.181 ? ? 
metalc3  metalc ? ? D MG  .  MG    ? ? ? 1_555 C GLU 55 OE2 ? ? B MG  201 A GLU 109 1_555 ? ? ? ? ? ? ?            2.353 ? ? 
metalc4  metalc ? ? D MG  .  MG    ? ? ? 1_555 C ASN 78 OD1 ? ? B MG  201 A ASN 132 1_555 ? ? ? ? ? ? ?            2.166 ? ? 
metalc5  metalc ? ? F HOH .  O     ? ? ? 4_546 E MG  .  MG  ? ? B HOH 305 A MG  201 1_555 ? ? ? ? ? ? ?            2.413 ? ? 
metalc6  metalc ? ? C ASP 17 OD2   ? ? ? 1_555 E MG  .  MG  ? ? A ASP 71  A MG  201 1_555 ? ? ? ? ? ? ?            2.675 ? ? 
hydrog1  hydrog ? ? A C   2  N3    ? ? ? 1_555 B DG  6  N1  ? ? B C   2   C DG  6   1_555 ? ? ? ? ? ? WATSON-CRICK ?     ? ? 
hydrog2  hydrog ? ? A C   2  N4    ? ? ? 1_555 B DG  6  O6  ? ? B C   2   C DG  6   1_555 ? ? ? ? ? ? WATSON-CRICK ?     ? ? 
hydrog3  hydrog ? ? A C   2  O2    ? ? ? 1_555 B DG  6  N2  ? ? B C   2   C DG  6   1_555 ? ? ? ? ? ? WATSON-CRICK ?     ? ? 
hydrog4  hydrog ? ? A G   3  N1    ? ? ? 1_555 B DC  5  N3  ? ? B G   3   C DC  5   1_555 ? ? ? ? ? ? WATSON-CRICK ?     ? ? 
hydrog5  hydrog ? ? A G   3  N2    ? ? ? 1_555 B DC  5  O2  ? ? B G   3   C DC  5   1_555 ? ? ? ? ? ? WATSON-CRICK ?     ? ? 
hydrog6  hydrog ? ? A G   3  O6    ? ? ? 1_555 B DC  5  N4  ? ? B G   3   C DC  5   1_555 ? ? ? ? ? ? WATSON-CRICK ?     ? ? 
hydrog7  hydrog ? ? A A   4  N1    ? ? ? 1_555 B DT  4  N3  ? ? B A   4   C DT  4   1_555 ? ? ? ? ? ? WATSON-CRICK ?     ? ? 
hydrog8  hydrog ? ? A A   4  N6    ? ? ? 1_555 B DT  4  O4  ? ? B A   4   C DT  4   1_555 ? ? ? ? ? ? WATSON-CRICK ?     ? ? 
hydrog9  hydrog ? ? A C   5  N3    ? ? ? 1_555 B DG  3  N1  ? ? B C   5   C DG  3   1_555 ? ? ? ? ? ? WATSON-CRICK ?     ? ? 
hydrog10 hydrog ? ? A C   5  N4    ? ? ? 1_555 B DG  3  O6  ? ? B C   5   C DG  3   1_555 ? ? ? ? ? ? WATSON-CRICK ?     ? ? 
hydrog11 hydrog ? ? A C   5  O2    ? ? ? 1_555 B DG  3  N2  ? ? B C   5   C DG  3   1_555 ? ? ? ? ? ? WATSON-CRICK ?     ? ? 
hydrog12 hydrog ? ? A A   6  N1    ? ? ? 1_555 B DT  2  N3  ? ? B A   6   C DT  2   1_555 ? ? ? ? ? ? WATSON-CRICK ?     ? ? 
hydrog13 hydrog ? ? A A   6  N6    ? ? ? 1_555 B DT  2  O4  ? ? B A   6   C DT  2   1_555 ? ? ? ? ? ? WATSON-CRICK ?     ? ? 
# 
loop_
_struct_conn_type.id 
_struct_conn_type.criteria 
_struct_conn_type.reference 
metalc ? ? 
hydrog ? ? 
# 
_struct_mon_prot_cis.pdbx_id                1 
_struct_mon_prot_cis.label_comp_id          ASN 
_struct_mon_prot_cis.label_seq_id           23 
_struct_mon_prot_cis.label_asym_id          C 
_struct_mon_prot_cis.label_alt_id           . 
_struct_mon_prot_cis.pdbx_PDB_ins_code      ? 
_struct_mon_prot_cis.auth_comp_id           ASN 
_struct_mon_prot_cis.auth_seq_id            77 
_struct_mon_prot_cis.auth_asym_id           A 
_struct_mon_prot_cis.pdbx_label_comp_id_2   PRO 
_struct_mon_prot_cis.pdbx_label_seq_id_2    24 
_struct_mon_prot_cis.pdbx_label_asym_id_2   C 
_struct_mon_prot_cis.pdbx_PDB_ins_code_2    ? 
_struct_mon_prot_cis.pdbx_auth_comp_id_2    PRO 
_struct_mon_prot_cis.pdbx_auth_seq_id_2     78 
_struct_mon_prot_cis.pdbx_auth_asym_id_2    A 
_struct_mon_prot_cis.pdbx_PDB_model_num     1 
_struct_mon_prot_cis.pdbx_omega_angle       1.46 
# 
_struct_sheet.id               AA1 
_struct_sheet.type             ? 
_struct_sheet.number_strands   5 
_struct_sheet.details          ? 
# 
loop_
_struct_sheet_order.sheet_id 
_struct_sheet_order.range_id_1 
_struct_sheet_order.range_id_2 
_struct_sheet_order.offset 
_struct_sheet_order.sense 
AA1 1 2 ? anti-parallel 
AA1 2 3 ? anti-parallel 
AA1 3 4 ? parallel      
AA1 4 5 ? parallel      
# 
loop_
_struct_sheet_range.sheet_id 
_struct_sheet_range.id 
_struct_sheet_range.beg_label_comp_id 
_struct_sheet_range.beg_label_asym_id 
_struct_sheet_range.beg_label_seq_id 
_struct_sheet_range.pdbx_beg_PDB_ins_code 
_struct_sheet_range.end_label_comp_id 
_struct_sheet_range.end_label_asym_id 
_struct_sheet_range.end_label_seq_id 
_struct_sheet_range.pdbx_end_PDB_ins_code 
_struct_sheet_range.beg_auth_comp_id 
_struct_sheet_range.beg_auth_asym_id 
_struct_sheet_range.beg_auth_seq_id 
_struct_sheet_range.end_auth_comp_id 
_struct_sheet_range.end_auth_asym_id 
_struct_sheet_range.end_auth_seq_id 
AA1 1 VAL C 39  ? GLY C 49  ? VAL A 93  GLY A 103 
AA1 2 GLY C 25  ? ASP C 33  ? GLY A 79  ASP A 87  
AA1 3 LEU C 14  ? GLN C 21  ? LEU A 68  GLN A 75  
AA1 4 ILE C 75  ? SER C 77  ? ILE A 129 SER A 131 
AA1 5 ILE C 124 ? LYS C 126 ? ILE A 178 LYS A 180 
# 
loop_
_pdbx_struct_sheet_hbond.sheet_id 
_pdbx_struct_sheet_hbond.range_id_1 
_pdbx_struct_sheet_hbond.range_id_2 
_pdbx_struct_sheet_hbond.range_1_label_atom_id 
_pdbx_struct_sheet_hbond.range_1_label_comp_id 
_pdbx_struct_sheet_hbond.range_1_label_asym_id 
_pdbx_struct_sheet_hbond.range_1_label_seq_id 
_pdbx_struct_sheet_hbond.range_1_PDB_ins_code 
_pdbx_struct_sheet_hbond.range_1_auth_atom_id 
_pdbx_struct_sheet_hbond.range_1_auth_comp_id 
_pdbx_struct_sheet_hbond.range_1_auth_asym_id 
_pdbx_struct_sheet_hbond.range_1_auth_seq_id 
_pdbx_struct_sheet_hbond.range_2_label_atom_id 
_pdbx_struct_sheet_hbond.range_2_label_comp_id 
_pdbx_struct_sheet_hbond.range_2_label_asym_id 
_pdbx_struct_sheet_hbond.range_2_label_seq_id 
_pdbx_struct_sheet_hbond.range_2_PDB_ins_code 
_pdbx_struct_sheet_hbond.range_2_auth_atom_id 
_pdbx_struct_sheet_hbond.range_2_auth_comp_id 
_pdbx_struct_sheet_hbond.range_2_auth_asym_id 
_pdbx_struct_sheet_hbond.range_2_auth_seq_id 
AA1 1 2 O ILE C 46 ? O ILE A 100 N VAL C 27  ? N VAL A 81  
AA1 2 3 O VAL C 32 ? O VAL A 86  N SER C 15  ? N SER A 69  
AA1 3 4 N LEU C 14 ? N LEU A 68  O TYR C 76  ? O TYR A 130 
AA1 4 5 N ILE C 75 ? N ILE A 129 O LEU C 125 ? O LEU A 179 
# 
loop_
_struct_site.id 
_struct_site.pdbx_evidence_code 
_struct_site.pdbx_auth_asym_id 
_struct_site.pdbx_auth_comp_id 
_struct_site.pdbx_auth_seq_id 
_struct_site.pdbx_auth_ins_code 
_struct_site.pdbx_num_residues 
_struct_site.details 
AC1 Software B MG 201 ? 6 'binding site for residue MG B 201' 
AC2 Software A MG 201 ? 7 'binding site for residue MG A 201' 
# 
loop_
_struct_site_gen.id 
_struct_site_gen.site_id 
_struct_site_gen.pdbx_num_res 
_struct_site_gen.label_comp_id 
_struct_site_gen.label_asym_id 
_struct_site_gen.label_seq_id 
_struct_site_gen.pdbx_auth_ins_code 
_struct_site_gen.auth_comp_id 
_struct_site_gen.auth_asym_id 
_struct_site_gen.auth_seq_id 
_struct_site_gen.label_atom_id 
_struct_site_gen.label_alt_id 
_struct_site_gen.symmetry 
_struct_site_gen.details 
1  AC1 6 ASP C 17  ? ASP A 71  . ? 1_555 ? 
2  AC1 6 GLU C 55  ? GLU A 109 . ? 1_555 ? 
3  AC1 6 ASN C 78  ? ASN A 132 . ? 1_555 ? 
4  AC1 6 MG  E .   ? MG  A 201 . ? 1_555 ? 
5  AC1 6 HOH H .   ? HOH A 325 . ? 1_555 ? 
6  AC1 6 A   A 6   ? A   B 6   . ? 1_555 ? 
7  AC2 7 ASP C 17  ? ASP A 71  . ? 1_555 ? 
8  AC2 7 ASN C 78  ? ASN A 132 . ? 1_555 ? 
9  AC2 7 GLU C 134 ? GLU A 188 . ? 1_555 ? 
10 AC2 7 ASP C 138 ? ASP A 192 . ? 1_555 ? 
11 AC2 7 A   A 6   ? A   B 6   . ? 1_555 ? 
12 AC2 7 MG  D .   ? MG  B 201 . ? 1_555 ? 
13 AC2 7 HOH F .   ? HOH B 305 . ? 4_546 ? 
# 
_atom_sites.entry_id                    5WJR 
_atom_sites.fract_transf_matrix[1][1]   -0.01237917 
_atom_sites.fract_transf_matrix[1][2]   -0.00163636 
_atom_sites.fract_transf_matrix[1][3]   0.00099630 
_atom_sites.fract_transf_matrix[2][1]   0.00178427 
_atom_sites.fract_transf_matrix[2][2]   0.00256390 
_atom_sites.fract_transf_matrix[2][3]   0.02638071 
_atom_sites.fract_transf_matrix[3][1]   -0.00387049 
_atom_sites.fract_transf_matrix[3][2]   0.01566475 
_atom_sites.fract_transf_matrix[3][3]   -0.00126065 
_atom_sites.fract_transf_vector[1]      0.203029 
_atom_sites.fract_transf_vector[2]      -0.184671 
_atom_sites.fract_transf_vector[3]      0.173955 
# 
loop_
_atom_type.symbol 
C  
MG 
N  
O  
P  
S  
# 
loop_
_atom_site.group_PDB 
_atom_site.id 
_atom_site.type_symbol 
_atom_site.label_atom_id 
_atom_site.label_alt_id 
_atom_site.label_comp_id 
_atom_site.label_asym_id 
_atom_site.label_entity_id 
_atom_site.label_seq_id 
_atom_site.pdbx_PDB_ins_code 
_atom_site.Cartn_x 
_atom_site.Cartn_y 
_atom_site.Cartn_z 
_atom_site.occupancy 
_atom_site.B_iso_or_equiv 
_atom_site.pdbx_formal_charge 
_atom_site.auth_seq_id 
_atom_site.auth_comp_id 
_atom_site.auth_asym_id 
_atom_site.auth_atom_id 
_atom_site.pdbx_PDB_model_num 
ATOM   1    O  "O5'" . U   A 1 1   ? -8.914  28.931  13.103  1.00 19.68 ? 1   U   B "O5'" 1 
ATOM   2    C  "C5'" . U   A 1 1   ? -8.285  30.238  13.255  1.00 18.02 ? 1   U   B "C5'" 1 
ATOM   3    C  "C4'" . U   A 1 1   ? -6.786  30.138  13.354  1.00 15.25 ? 1   U   B "C4'" 1 
ATOM   4    O  "O4'" . U   A 1 1   ? -6.358  29.376  14.533  1.00 13.29 ? 1   U   B "O4'" 1 
ATOM   5    C  "C3'" . U   A 1 1   ? -6.052  29.410  12.229  1.00 15.04 ? 1   U   B "C3'" 1 
ATOM   6    O  "O3'" . U   A 1 1   ? -5.961  30.184  11.085  1.00 16.32 ? 1   U   B "O3'" 1 
ATOM   7    C  "C2'" . U   A 1 1   ? -4.690  29.227  12.880  1.00 14.77 ? 1   U   B "C2'" 1 
ATOM   8    O  "O2'" . U   A 1 1   ? -3.879  30.388  12.948  1.00 12.48 ? 1   U   B "O2'" 1 
ATOM   9    C  "C1'" . U   A 1 1   ? -5.118  28.747  14.266  1.00 12.88 ? 1   U   B "C1'" 1 
ATOM   10   N  N1    . U   A 1 1   ? -5.347  27.287  14.269  1.00 12.87 ? 1   U   B N1    1 
ATOM   11   C  C2    . U   A 1 1   ? -4.245  26.443  14.366  1.00 13.74 ? 1   U   B C2    1 
ATOM   12   O  O2    . U   A 1 1   ? -3.094  26.844  14.416  1.00 13.26 ? 1   U   B O2    1 
ATOM   13   N  N3    . U   A 1 1   ? -4.540  25.101  14.364  1.00 13.71 ? 1   U   B N3    1 
ATOM   14   C  C4    . U   A 1 1   ? -5.783  24.523  14.301  1.00 15.53 ? 1   U   B C4    1 
ATOM   15   O  O4    . U   A 1 1   ? -5.869  23.285  14.264  1.00 14.67 ? 1   U   B O4    1 
ATOM   16   C  C5    . U   A 1 1   ? -6.873  25.454  14.241  1.00 14.87 ? 1   U   B C5    1 
ATOM   17   C  C6    . U   A 1 1   ? -6.625  26.776  14.229  1.00 13.50 ? 1   U   B C6    1 
ATOM   18   P  P     . C   A 1 2   ? -6.500  29.502  9.732   1.00 17.04 ? 2   C   B P     1 
ATOM   19   O  OP1   . C   A 1 2   ? -6.198  30.352  8.623   1.00 12.48 ? 2   C   B OP1   1 
ATOM   20   O  OP2   . C   A 1 2   ? -7.857  29.127  10.057  1.00 20.21 ? 2   C   B OP2   1 
ATOM   21   O  "O5'" . C   A 1 2   ? -5.732  28.132  9.659   1.00 20.10 ? 2   C   B "O5'" 1 
ATOM   22   C  "C5'" . C   A 1 2   ? -4.602  27.964  8.769   1.00 16.81 ? 2   C   B "C5'" 1 
ATOM   23   C  "C4'" . C   A 1 2   ? -3.284  27.797  9.497   1.00 16.85 ? 2   C   B "C4'" 1 
ATOM   24   O  "O4'" . C   A 1 2   ? -3.499  27.104  10.749  1.00 15.68 ? 2   C   B "O4'" 1 
ATOM   25   C  "C3'" . C   A 1 2   ? -2.240  26.958  8.760   1.00 16.14 ? 2   C   B "C3'" 1 
ATOM   26   O  "O3'" . C   A 1 2   ? -1.496  27.676  7.797   1.00 16.08 ? 2   C   B "O3'" 1 
ATOM   27   C  "C2'" . C   A 1 2   ? -1.426  26.374  9.907   1.00 17.10 ? 2   C   B "C2'" 1 
ATOM   28   O  "O2'" . C   A 1 2   ? -0.477  27.280  10.388  1.00 18.51 ? 2   C   B "O2'" 1 
ATOM   29   C  "C1'" . C   A 1 2   ? -2.511  26.121  10.946  1.00 16.68 ? 2   C   B "C1'" 1 
ATOM   30   N  N1    . C   A 1 2   ? -3.137  24.783  10.944  1.00 14.79 ? 2   C   B N1    1 
ATOM   31   C  C2    . C   A 1 2   ? -2.353  23.683  11.262  1.00 14.14 ? 2   C   B C2    1 
ATOM   32   O  O2    . C   A 1 2   ? -1.155  23.847  11.456  1.00 12.94 ? 2   C   B O2    1 
ATOM   33   N  N3    . C   A 1 2   ? -2.921  22.458  11.309  1.00 15.06 ? 2   C   B N3    1 
ATOM   34   C  C4    . C   A 1 2   ? -4.221  22.319  11.081  1.00 14.95 ? 2   C   B C4    1 
ATOM   35   N  N4    . C   A 1 2   ? -4.733  21.095  11.118  1.00 15.83 ? 2   C   B N4    1 
ATOM   36   C  C5    . C   A 1 2   ? -5.048  23.426  10.764  1.00 17.66 ? 2   C   B C5    1 
ATOM   37   C  C6    . C   A 1 2   ? -4.471  24.629  10.716  1.00 15.62 ? 2   C   B C6    1 
ATOM   38   P  P     . G   A 1 3   ? -1.240  27.029  6.365   1.00 18.22 ? 3   G   B P     1 
ATOM   39   O  OP1   . G   A 1 3   ? -0.696  28.114  5.498   1.00 16.73 ? 3   G   B OP1   1 
ATOM   40   O  OP2   . G   A 1 3   ? -2.481  26.340  6.000   1.00 16.74 ? 3   G   B OP2   1 
ATOM   41   O  "O5'" . G   A 1 3   ? -0.185  25.924  6.735   1.00 16.74 ? 3   G   B "O5'" 1 
ATOM   42   C  "C5'" . G   A 1 3   ? 1.129   26.307  7.125   1.00 18.27 ? 3   G   B "C5'" 1 
ATOM   43   C  "C4'" . G   A 1 3   ? 1.893   25.110  7.559   1.00 18.95 ? 3   G   B "C4'" 1 
ATOM   44   O  "O4'" . G   A 1 3   ? 1.231   24.491  8.693   1.00 19.23 ? 3   G   B "O4'" 1 
ATOM   45   C  "C3'" . G   A 1 3   ? 1.986   23.992  6.519   1.00 19.40 ? 3   G   B "C3'" 1 
ATOM   46   O  "O3'" . G   A 1 3   ? 3.063   24.166  5.626   1.00 21.51 ? 3   G   B "O3'" 1 
ATOM   47   C  "C2'" . G   A 1 3   ? 2.274   22.808  7.396   1.00 17.37 ? 3   G   B "C2'" 1 
ATOM   48   O  "O2'" . G   A 1 3   ? 3.618   22.773  7.805   1.00 18.14 ? 3   G   B "O2'" 1 
ATOM   49   C  "C1'" . G   A 1 3   ? 1.344   23.086  8.574   1.00 17.15 ? 3   G   B "C1'" 1 
ATOM   50   N  N9    . G   A 1 3   ? 0.016   22.518  8.403   1.00 14.20 ? 3   G   B N9    1 
ATOM   51   C  C8    . G   A 1 3   ? -1.141  23.121  7.982   1.00 14.00 ? 3   G   B C8    1 
ATOM   52   N  N7    . G   A 1 3   ? -2.167  22.313  7.973   1.00 15.43 ? 3   G   B N7    1 
ATOM   53   C  C5    . G   A 1 3   ? -1.627  21.081  8.320   1.00 14.22 ? 3   G   B C5    1 
ATOM   54   C  C6    . G   A 1 3   ? -2.227  19.800  8.404   1.00 14.11 ? 3   G   B C6    1 
ATOM   55   O  O6    . G   A 1 3   ? -3.411  19.484  8.236   1.00 13.74 ? 3   G   B O6    1 
ATOM   56   N  N1    . G   A 1 3   ? -1.310  18.837  8.812   1.00 14.44 ? 3   G   B N1    1 
ATOM   57   C  C2    . G   A 1 3   ? 0.033   19.049  8.986   1.00 14.77 ? 3   G   B C2    1 
ATOM   58   N  N2    . G   A 1 3   ? 0.757   17.987  9.342   1.00 15.56 ? 3   G   B N2    1 
ATOM   59   N  N3    . G   A 1 3   ? 0.609   20.234  8.897   1.00 14.62 ? 3   G   B N3    1 
ATOM   60   C  C4    . G   A 1 3   ? -0.268  21.190  8.542   1.00 14.72 ? 3   G   B C4    1 
ATOM   61   P  P     . A   A 1 4   ? 2.930   23.656  4.116   1.00 23.53 ? 4   A   B P     1 
ATOM   62   O  OP1   . A   A 1 4   ? 4.077   24.163  3.389   1.00 26.07 ? 4   A   B OP1   1 
ATOM   63   O  OP2   . A   A 1 4   ? 1.586   23.929  3.621   1.00 22.89 ? 4   A   B OP2   1 
ATOM   64   O  "O5'" . A   A 1 4   ? 2.967   22.062  4.310   1.00 22.00 ? 4   A   B "O5'" 1 
ATOM   65   C  "C5'" . A   A 1 4   ? 4.113   21.450  4.866   1.00 19.61 ? 4   A   B "C5'" 1 
ATOM   66   C  "C4'" . A   A 1 4   ? 3.875   20.001  5.174   1.00 17.90 ? 4   A   B "C4'" 1 
ATOM   67   O  "O4'" . A   A 1 4   ? 2.794   19.844  6.119   1.00 17.26 ? 4   A   B "O4'" 1 
ATOM   68   C  "C3'" . A   A 1 4   ? 3.464   19.096  4.015   1.00 17.71 ? 4   A   B "C3'" 1 
ATOM   69   O  "O3'" . A   A 1 4   ? 4.552   18.694  3.194   1.00 16.36 ? 4   A   B "O3'" 1 
ATOM   70   C  "C2'" . A   A 1 4   ? 2.928   17.912  4.779   1.00 15.66 ? 4   A   B "C2'" 1 
ATOM   71   O  "O2'" . A   A 1 4   ? 3.943   17.221  5.448   1.00 17.23 ? 4   A   B "O2'" 1 
ATOM   72   C  "C1'" . A   A 1 4   ? 2.143   18.605  5.890   1.00 16.13 ? 4   A   B "C1'" 1 
ATOM   73   N  N9    . A   A 1 4   ? 0.743   18.869  5.579   1.00 14.59 ? 4   A   B N9    1 
ATOM   74   C  C8    . A   A 1 4   ? 0.154   20.019  5.113   1.00 13.57 ? 4   A   B C8    1 
ATOM   75   N  N7    . A   A 1 4   ? -1.142  19.924  4.962   1.00 12.28 ? 4   A   B N7    1 
ATOM   76   C  C5    . A   A 1 4   ? -1.430  18.637  5.396   1.00 11.86 ? 4   A   B C5    1 
ATOM   77   C  C6    . A   A 1 4   ? -2.626  17.914  5.471   1.00 11.59 ? 4   A   B C6    1 
ATOM   78   N  N6    . A   A 1 4   ? -3.815  18.441  5.223   1.00 10.53 ? 4   A   B N6    1 
ATOM   79   N  N1    . A   A 1 4   ? -2.566  16.645  5.938   1.00 10.51 ? 4   A   B N1    1 
ATOM   80   C  C2    . A   A 1 4   ? -1.366  16.121  6.218   1.00 11.56 ? 4   A   B C2    1 
ATOM   81   N  N3    . A   A 1 4   ? -0.174  16.687  6.153   1.00 11.51 ? 4   A   B N3    1 
ATOM   82   C  C4    . A   A 1 4   ? -0.279  17.973  5.765   1.00 12.21 ? 4   A   B C4    1 
ATOM   83   P  P     . C   A 1 5   ? 4.299   18.232  1.730   1.00 16.32 ? 5   C   B P     1 
ATOM   84   O  OP1   . C   A 1 5   ? 5.617   18.061  1.084   1.00 15.44 ? 5   C   B OP1   1 
ATOM   85   O  OP2   . C   A 1 5   ? 3.232   18.976  1.098   1.00 17.73 ? 5   C   B OP2   1 
ATOM   86   O  "O5'" . C   A 1 5   ? 3.643   16.764  1.901   1.00 12.51 ? 5   C   B "O5'" 1 
ATOM   87   C  "C5'" . C   A 1 5   ? 4.434   15.705  2.391   1.00 13.19 ? 5   C   B "C5'" 1 
ATOM   88   C  "C4'" . C   A 1 5   ? 3.575   14.461  2.569   1.00 11.54 ? 5   C   B "C4'" 1 
ATOM   89   O  "O4'" . C   A 1 5   ? 2.515   14.634  3.578   1.00 11.19 ? 5   C   B "O4'" 1 
ATOM   90   C  "C3'" . C   A 1 5   ? 2.820   14.004  1.335   1.00 10.79 ? 5   C   B "C3'" 1 
ATOM   91   O  "O3'" . C   A 1 5   ? 3.789   13.365  0.505   1.00 10.56 ? 5   C   B "O3'" 1 
ATOM   92   C  "C2'" . C   A 1 5   ? 1.767   13.103  1.946   1.00 9.96  ? 5   C   B "C2'" 1 
ATOM   93   O  "O2'" . C   A 1 5   ? 2.290   11.855  2.337   1.00 9.32  ? 5   C   B "O2'" 1 
ATOM   94   C  "C1'" . C   A 1 5   ? 1.366   13.907  3.184   1.00 10.47 ? 5   C   B "C1'" 1 
ATOM   95   N  N1    . C   A 1 5   ? 0.262   14.850  2.952   1.00 10.53 ? 5   C   B N1    1 
ATOM   96   C  C2    . C   A 1 5   ? -1.036  14.349  3.008   1.00 10.03 ? 5   C   B C2    1 
ATOM   97   O  O2    . C   A 1 5   ? -1.199  13.159  3.317   1.00 11.58 ? 5   C   B O2    1 
ATOM   98   N  N3    . C   A 1 5   ? -2.078  15.185  2.813   1.00 9.60  ? 5   C   B N3    1 
ATOM   99   C  C4    . C   A 1 5   ? -1.856  16.462  2.492   1.00 10.14 ? 5   C   B C4    1 
ATOM   100  N  N4    . C   A 1 5   ? -2.913  17.244  2.263   1.00 9.86  ? 5   C   B N4    1 
ATOM   101  C  C5    . C   A 1 5   ? -0.536  16.973  2.314   1.00 10.15 ? 5   C   B C5    1 
ATOM   102  C  C6    . C   A 1 5   ? 0.484   16.149  2.584   1.00 10.63 ? 5   C   B C6    1 
ATOM   103  P  P     . A   A 1 6   ? 3.466   13.148  -1.034  1.00 10.69 ? 6   A   B P     1 
ATOM   104  O  OP1   . A   A 1 6   ? 4.632   12.374  -1.544  1.00 10.32 ? 6   A   B OP1   1 
ATOM   105  O  OP2   . A   A 1 6   ? 3.133   14.470  -1.708  1.00 11.63 ? 6   A   B OP2   1 
ATOM   106  O  "O5'" . A   A 1 6   ? 2.101   12.338  -0.955  1.00 12.21 ? 6   A   B "O5'" 1 
ATOM   107  C  "C5'" . A   A 1 6   ? 1.107   12.211  -1.928  1.00 11.00 ? 6   A   B "C5'" 1 
ATOM   108  C  "C4'" . A   A 1 6   ? 0.019   11.388  -1.282  1.00 10.68 ? 6   A   B "C4'" 1 
ATOM   109  O  "O4'" . A   A 1 6   ? -0.515  12.097  -0.107  1.00 10.44 ? 6   A   B "O4'" 1 
ATOM   110  C  "C3'" . A   A 1 6   ? -1.173  11.190  -2.176  1.00 10.09 ? 6   A   B "C3'" 1 
ATOM   111  O  "O3'" . A   A 1 6   ? -1.007  10.093  -3.024  1.00 10.12 ? 6   A   B "O3'" 1 
ATOM   112  C  "C2'" . A   A 1 6   ? -2.300  10.991  -1.172  1.00 9.89  ? 6   A   B "C2'" 1 
ATOM   113  O  "O2'" . A   A 1 6   ? -2.335  9.687   -0.614  1.00 9.48  ? 6   A   B "O2'" 1 
ATOM   114  C  "C1'" . A   A 1 6   ? -1.924  12.022  -0.119  1.00 9.42  ? 6   A   B "C1'" 1 
ATOM   115  N  N9    . A   A 1 6   ? -2.484  13.365  -0.334  1.00 9.92  ? 6   A   B N9    1 
ATOM   116  C  C8    . A   A 1 6   ? -1.824  14.553  -0.572  1.00 9.90  ? 6   A   B C8    1 
ATOM   117  N  N7    . A   A 1 6   ? -2.625  15.589  -0.690  1.00 9.93  ? 6   A   B N7    1 
ATOM   118  C  C5    . A   A 1 6   ? -3.887  15.059  -0.448  1.00 9.58  ? 6   A   B C5    1 
ATOM   119  C  C6    . A   A 1 6   ? -5.165  15.645  -0.402  1.00 9.25  ? 6   A   B C6    1 
ATOM   120  N  N6    . A   A 1 6   ? -5.380  16.948  -0.571  1.00 8.84  ? 6   A   B N6    1 
ATOM   121  N  N1    . A   A 1 6   ? -6.223  14.833  -0.189  1.00 9.08  ? 6   A   B N1    1 
ATOM   122  C  C2    . A   A 1 6   ? -6.000  13.514  -0.008  1.00 9.37  ? 6   A   B C2    1 
ATOM   123  N  N3    . A   A 1 6   ? -4.849  12.845  -0.044  1.00 9.06  ? 6   A   B N3    1 
ATOM   124  C  C4    . A   A 1 6   ? -3.816  13.686  -0.251  1.00 9.49  ? 6   A   B C4    1 
ATOM   125  O  "O5'" . DA  B 2 1   ? -13.703 21.829  -0.546  1.00 27.81 ? 1   DA  C "O5'" 1 
ATOM   126  C  "C5'" . DA  B 2 1   ? -15.103 21.502  -0.655  1.00 27.02 ? 1   DA  C "C5'" 1 
ATOM   127  C  "C4'" . DA  B 2 1   ? -15.318 20.117  -1.226  1.00 30.16 ? 1   DA  C "C4'" 1 
ATOM   128  O  "O4'" . DA  B 2 1   ? -14.655 19.940  -2.498  1.00 27.43 ? 1   DA  C "O4'" 1 
ATOM   129  C  "C3'" . DA  B 2 1   ? -14.799 18.985  -0.346  1.00 28.52 ? 1   DA  C "C3'" 1 
ATOM   130  O  "O3'" . DA  B 2 1   ? -15.815 18.575  0.555   1.00 33.06 ? 1   DA  C "O3'" 1 
ATOM   131  C  "C2'" . DA  B 2 1   ? -14.521 17.870  -1.323  1.00 27.47 ? 1   DA  C "C2'" 1 
ATOM   132  C  "C1'" . DA  B 2 1   ? -14.078 18.613  -2.552  1.00 27.89 ? 1   DA  C "C1'" 1 
ATOM   133  N  N9    . DA  B 2 1   ? -12.628 18.761  -2.655  1.00 25.50 ? 1   DA  C N9    1 
ATOM   134  C  C8    . DA  B 2 1   ? -11.933 19.942  -2.698  1.00 20.88 ? 1   DA  C C8    1 
ATOM   135  N  N7    . DA  B 2 1   ? -10.649 19.793  -2.872  1.00 20.76 ? 1   DA  C N7    1 
ATOM   136  C  C5    . DA  B 2 1   ? -10.474 18.415  -2.910  1.00 20.01 ? 1   DA  C C5    1 
ATOM   137  C  C6    . DA  B 2 1   ? -9.337  17.614  -3.091  1.00 19.51 ? 1   DA  C C6    1 
ATOM   138  N  N6    . DA  B 2 1   ? -8.109  18.106  -3.267  1.00 18.07 ? 1   DA  C N6    1 
ATOM   139  N  N1    . DA  B 2 1   ? -9.500  16.272  -3.044  1.00 18.95 ? 1   DA  C N1    1 
ATOM   140  C  C2    . DA  B 2 1   ? -10.738 15.784  -2.873  1.00 18.23 ? 1   DA  C C2    1 
ATOM   141  N  N3    . DA  B 2 1   ? -11.887 16.438  -2.726  1.00 19.83 ? 1   DA  C N3    1 
ATOM   142  C  C4    . DA  B 2 1   ? -11.683 17.766  -2.750  1.00 22.16 ? 1   DA  C C4    1 
ATOM   143  P  P     . DT  B 2 2   ? -15.393 18.040  2.005   1.00 32.52 ? 2   DT  C P     1 
ATOM   144  O  OP1   . DT  B 2 2   ? -16.624 17.875  2.788   1.00 30.51 ? 2   DT  C OP1   1 
ATOM   145  O  OP2   . DT  B 2 2   ? -14.247 18.843  2.513   1.00 22.53 ? 2   DT  C OP2   1 
ATOM   146  O  "O5'" . DT  B 2 2   ? -14.730 16.623  1.678   1.00 22.96 ? 2   DT  C "O5'" 1 
ATOM   147  C  "C5'" . DT  B 2 2   ? -15.448 15.522  1.093   1.00 17.05 ? 2   DT  C "C5'" 1 
ATOM   148  C  "C4'" . DT  B 2 2   ? -14.491 14.350  1.088   1.00 16.70 ? 2   DT  C "C4'" 1 
ATOM   149  O  "O4'" . DT  B 2 2   ? -13.289 14.682  0.342   1.00 14.92 ? 2   DT  C "O4'" 1 
ATOM   150  C  "C3'" . DT  B 2 2   ? -14.030 13.991  2.508   1.00 14.83 ? 2   DT  C "C3'" 1 
ATOM   151  O  "O3'" . DT  B 2 2   ? -14.327 12.634  2.742   1.00 14.64 ? 2   DT  C "O3'" 1 
ATOM   152  C  "C2'" . DT  B 2 2   ? -12.559 14.335  2.550   1.00 15.67 ? 2   DT  C "C2'" 1 
ATOM   153  C  "C1'" . DT  B 2 2   ? -12.145 14.295  1.093   1.00 15.60 ? 2   DT  C "C1'" 1 
ATOM   154  N  N1    . DT  B 2 2   ? -11.057 15.257  0.814   1.00 14.75 ? 2   DT  C N1    1 
ATOM   155  C  C2    . DT  B 2 2   ? -9.812  14.759  0.474   1.00 13.90 ? 2   DT  C C2    1 
ATOM   156  O  O2    . DT  B 2 2   ? -9.565  13.561  0.396   1.00 11.44 ? 2   DT  C O2    1 
ATOM   157  N  N3    . DT  B 2 2   ? -8.854  15.717  0.268   1.00 12.24 ? 2   DT  C N3    1 
ATOM   158  C  C4    . DT  B 2 2   ? -9.027  17.092  0.298   1.00 14.16 ? 2   DT  C C4    1 
ATOM   159  O  O4    . DT  B 2 2   ? -8.086  17.832  0.042   1.00 12.18 ? 2   DT  C O4    1 
ATOM   160  C  C5    . DT  B 2 2   ? -10.359 17.541  0.633   1.00 13.65 ? 2   DT  C C5    1 
ATOM   161  C  C7    . DT  B 2 2   ? -10.630 19.011  0.691   1.00 15.20 ? 2   DT  C C7    1 
ATOM   162  C  C6    . DT  B 2 2   ? -11.291 16.616  0.888   1.00 14.21 ? 2   DT  C C6    1 
ATOM   163  P  P     . DG  B 2 3   ? -14.112 11.976  4.209   1.00 13.30 ? 3   DG  C P     1 
ATOM   164  O  OP1   . DG  B 2 3   ? -15.050 10.799  4.240   1.00 13.01 ? 3   DG  C OP1   1 
ATOM   165  O  OP2   . DG  B 2 3   ? -14.053 13.041  5.223   1.00 12.66 ? 3   DG  C OP2   1 
ATOM   166  O  "O5'" . DG  B 2 3   ? -12.585 11.495  4.102   1.00 10.98 ? 3   DG  C "O5'" 1 
ATOM   167  C  "C5'" . DG  B 2 3   ? -12.192 10.416  3.181   1.00 9.68  ? 3   DG  C "C5'" 1 
ATOM   168  C  "C4'" . DG  B 2 3   ? -10.723 10.089  3.382   1.00 9.37  ? 3   DG  C "C4'" 1 
ATOM   169  O  "O4'" . DG  B 2 3   ? -9.871  11.198  2.986   1.00 9.37  ? 3   DG  C "O4'" 1 
ATOM   170  C  "C3'" . DG  B 2 3   ? -10.379 9.838   4.851   1.00 8.61  ? 3   DG  C "C3'" 1 
ATOM   171  O  "O3'" . DG  B 2 3   ? -9.648  8.635   4.847   1.00 8.36  ? 3   DG  C "O3'" 1 
ATOM   172  C  "C2'" . DG  B 2 3   ? -9.579  11.058  5.262   1.00 8.60  ? 3   DG  C "C2'" 1 
ATOM   173  C  "C1'" . DG  B 2 3   ? -8.879  11.361  3.959   1.00 8.78  ? 3   DG  C "C1'" 1 
ATOM   174  N  N9    . DG  B 2 3   ? -8.331  12.705  3.818   1.00 8.52  ? 3   DG  C N9    1 
ATOM   175  C  C8    . DG  B 2 3   ? -8.990  13.907  3.824   1.00 9.44  ? 3   DG  C C8    1 
ATOM   176  N  N7    . DG  B 2 3   ? -8.203  14.925  3.588   1.00 9.96  ? 3   DG  C N7    1 
ATOM   177  C  C5    . DG  B 2 3   ? -6.950  14.355  3.418   1.00 9.10  ? 3   DG  C C5    1 
ATOM   178  C  C6    . DG  B 2 3   ? -5.690  14.954  3.211   1.00 8.63  ? 3   DG  C C6    1 
ATOM   179  O  O6    . DG  B 2 3   ? -5.428  16.146  3.037   1.00 9.30  ? 3   DG  C O6    1 
ATOM   180  N  N1    . DG  B 2 3   ? -4.680  14.001  3.103   1.00 9.53  ? 3   DG  C N1    1 
ATOM   181  C  C2    . DG  B 2 3   ? -4.866  12.635  3.234   1.00 8.17  ? 3   DG  C C2    1 
ATOM   182  N  N2    . DG  B 2 3   ? -3.783  11.865  3.146   1.00 7.98  ? 3   DG  C N2    1 
ATOM   183  N  N3    . DG  B 2 3   ? -6.027  12.080  3.471   1.00 8.26  ? 3   DG  C N3    1 
ATOM   184  C  C4    . DG  B 2 3   ? -7.018  12.983  3.543   1.00 9.02  ? 3   DG  C C4    1 
ATOM   185  P  P     . DT  B 2 4   ? -9.401  7.781   6.213   1.00 8.60  ? 4   DT  C P     1 
ATOM   186  O  OP1   . DT  B 2 4   ? -9.268  6.359   5.830   1.00 7.90  ? 4   DT  C OP1   1 
ATOM   187  O  OP2   . DT  B 2 4   ? -10.399 8.178   7.250   1.00 9.69  ? 4   DT  C OP2   1 
ATOM   188  O  "O5'" . DT  B 2 4   ? -8.025  8.325   6.737   1.00 8.56  ? 4   DT  C "O5'" 1 
ATOM   189  C  "C5'" . DT  B 2 4   ? -7.841  8.956   7.996   1.00 9.39  ? 4   DT  C "C5'" 1 
ATOM   190  C  "C4'" . DT  B 2 4   ? -6.503  9.630   7.986   1.00 9.87  ? 4   DT  C "C4'" 1 
ATOM   191  O  "O4'" . DT  B 2 4   ? -6.532  10.778  7.105   1.00 10.32 ? 4   DT  C "O4'" 1 
ATOM   192  C  "C3'" . DT  B 2 4   ? -5.998  10.170  9.320   1.00 10.61 ? 4   DT  C "C3'" 1 
ATOM   193  O  "O3'" . DT  B 2 4   ? -5.189  9.147   9.897   1.00 11.46 ? 4   DT  C "O3'" 1 
ATOM   194  C  "C2'" . DT  B 2 4   ? -5.181  11.381  8.911   1.00 10.78 ? 4   DT  C "C2'" 1 
ATOM   195  C  "C1'" . DT  B 2 4   ? -5.383  11.510  7.407   1.00 9.48  ? 4   DT  C "C1'" 1 
ATOM   196  N  N1    . DT  B 2 4   ? -5.615  12.927  7.015   1.00 9.55  ? 4   DT  C N1    1 
ATOM   197  C  C2    . DT  B 2 4   ? -4.535  13.678  6.609   1.00 10.01 ? 4   DT  C C2    1 
ATOM   198  O  O2    . DT  B 2 4   ? -3.400  13.228  6.507   1.00 11.13 ? 4   DT  C O2    1 
ATOM   199  N  N3    . DT  B 2 4   ? -4.820  14.991  6.348   1.00 10.28 ? 4   DT  C N3    1 
ATOM   200  C  C4    . DT  B 2 4   ? -6.045  15.624  6.476   1.00 10.63 ? 4   DT  C C4    1 
ATOM   201  O  O4    . DT  B 2 4   ? -6.138  16.836  6.241   1.00 10.04 ? 4   DT  C O4    1 
ATOM   202  C  C5    . DT  B 2 4   ? -7.118  14.789  6.982   1.00 10.21 ? 4   DT  C C5    1 
ATOM   203  C  C7    . DT  B 2 4   ? -8.485  15.374  7.151   1.00 10.95 ? 4   DT  C C7    1 
ATOM   204  C  C6    . DT  B 2 4   ? -6.842  13.503  7.243   1.00 9.95  ? 4   DT  C C6    1 
ATOM   205  P  P     . DC  B 2 5   ? -4.601  9.223   11.365  1.00 12.41 ? 5   DC  C P     1 
ATOM   206  O  OP1   . DC  B 2 5   ? -4.215  7.877   11.781  1.00 10.96 ? 5   DC  C OP1   1 
ATOM   207  O  OP2   . DC  B 2 5   ? -5.532  10.037  12.240  1.00 12.79 ? 5   DC  C OP2   1 
ATOM   208  O  "O5'" . DC  B 2 5   ? -3.337  10.168  11.216  1.00 11.43 ? 5   DC  C "O5'" 1 
ATOM   209  C  "C5'" . DC  B 2 5   ? -2.156  9.706   10.527  1.00 14.10 ? 5   DC  C "C5'" 1 
ATOM   210  C  "C4'" . DC  B 2 5   ? -1.021  10.691  10.585  1.00 14.85 ? 5   DC  C "C4'" 1 
ATOM   211  O  "O4'" . DC  B 2 5   ? -1.358  11.892  9.857   1.00 15.40 ? 5   DC  C "O4'" 1 
ATOM   212  C  "C3'" . DC  B 2 5   ? -0.569  11.135  11.982  1.00 16.78 ? 5   DC  C "C3'" 1 
ATOM   213  O  "O3'" . DC  B 2 5   ? 0.858   11.204  11.973  1.00 20.09 ? 5   DC  C "O3'" 1 
ATOM   214  C  "C2'" . DC  B 2 5   ? -1.174  12.517  12.112  1.00 17.08 ? 5   DC  C "C2'" 1 
ATOM   215  C  "C1'" . DC  B 2 5   ? -1.070  13.019  10.675  1.00 15.75 ? 5   DC  C "C1'" 1 
ATOM   216  N  N1    . DC  B 2 5   ? -2.031  14.074  10.314  1.00 15.22 ? 5   DC  C N1    1 
ATOM   217  C  C2    . DC  B 2 5   ? -1.546  15.251  9.734   1.00 14.01 ? 5   DC  C C2    1 
ATOM   218  O  O2    . DC  B 2 5   ? -0.328  15.368  9.551   1.00 15.02 ? 5   DC  C O2    1 
ATOM   219  N  N3    . DC  B 2 5   ? -2.414  16.225  9.386   1.00 13.61 ? 5   DC  C N3    1 
ATOM   220  C  C4    . DC  B 2 5   ? -3.717  16.066  9.615   1.00 13.78 ? 5   DC  C C4    1 
ATOM   221  N  N4    . DC  B 2 5   ? -4.537  17.041  9.237   1.00 14.31 ? 5   DC  C N4    1 
ATOM   222  C  C5    . DC  B 2 5   ? -4.241  14.870  10.192  1.00 14.03 ? 5   DC  C C5    1 
ATOM   223  C  C6    . DC  B 2 5   ? -3.367  13.927  10.559  1.00 14.29 ? 5   DC  C C6    1 
ATOM   224  P  P     . DG  B 2 6   ? 1.673   11.486  13.338  1.00 23.97 ? 6   DG  C P     1 
ATOM   225  O  OP1   . DG  B 2 6   ? 2.905   10.680  13.262  1.00 30.86 ? 6   DG  C OP1   1 
ATOM   226  O  OP2   . DG  B 2 6   ? 0.719   11.443  14.474  1.00 20.66 ? 6   DG  C OP2   1 
ATOM   227  O  "O5'" . DG  B 2 6   ? 2.074   13.020  13.250  1.00 21.98 ? 6   DG  C "O5'" 1 
ATOM   228  C  "C5'" . DG  B 2 6   ? 3.113   13.381  12.353  1.00 23.04 ? 6   DG  C "C5'" 1 
ATOM   229  C  "C4'" . DG  B 2 6   ? 3.541   14.806  12.593  1.00 26.07 ? 6   DG  C "C4'" 1 
ATOM   230  O  "O4'" . DG  B 2 6   ? 2.493   15.656  12.068  1.00 24.95 ? 6   DG  C "O4'" 1 
ATOM   231  C  "C3'" . DG  B 2 6   ? 3.719   15.177  14.069  1.00 25.44 ? 6   DG  C "C3'" 1 
ATOM   232  O  "O3'" . DG  B 2 6   ? 4.897   15.944  14.248  1.00 31.89 ? 6   DG  C "O3'" 1 
ATOM   233  C  "C2'" . DG  B 2 6   ? 2.486   15.990  14.383  1.00 26.15 ? 6   DG  C "C2'" 1 
ATOM   234  C  "C1'" . DG  B 2 6   ? 2.149   16.626  13.033  1.00 23.01 ? 6   DG  C "C1'" 1 
ATOM   235  N  N9    . DG  B 2 6   ? 0.736   16.903  12.879  1.00 18.69 ? 6   DG  C N9    1 
ATOM   236  C  C8    . DG  B 2 6   ? -0.299  16.004  13.004  1.00 18.93 ? 6   DG  C C8    1 
ATOM   237  N  N7    . DG  B 2 6   ? -1.469  16.542  12.818  1.00 17.88 ? 6   DG  C N7    1 
ATOM   238  C  C5    . DG  B 2 6   ? -1.189  17.870  12.523  1.00 17.47 ? 6   DG  C C5    1 
ATOM   239  C  C6    . DG  B 2 6   ? -2.061  18.943  12.225  1.00 17.93 ? 6   DG  C C6    1 
ATOM   240  O  O6    . DG  B 2 6   ? -3.293  18.929  12.141  1.00 17.45 ? 6   DG  C O6    1 
ATOM   241  N  N1    . DG  B 2 6   ? -1.360  20.127  12.002  1.00 15.64 ? 6   DG  C N1    1 
ATOM   242  C  C2    . DG  B 2 6   ? 0.004   20.265  12.077  1.00 16.77 ? 6   DG  C C2    1 
ATOM   243  N  N2    . DG  B 2 6   ? 0.496   21.501  11.852  1.00 17.54 ? 6   DG  C N2    1 
ATOM   244  N  N3    . DG  B 2 6   ? 0.831   19.269  12.348  1.00 17.11 ? 6   DG  C N3    1 
ATOM   245  C  C4    . DG  B 2 6   ? 0.167   18.110  12.571  1.00 17.87 ? 6   DG  C C4    1 
ATOM   246  N  N     . GLU C 3 8   ? 20.804  8.363   -3.707  1.00 36.00 ? 62  GLU A N     1 
ATOM   247  C  CA    . GLU C 3 8   ? 19.693  8.823   -2.810  1.00 33.88 ? 62  GLU A CA    1 
ATOM   248  C  C     . GLU C 3 8   ? 18.422  7.959   -3.044  1.00 27.21 ? 62  GLU A C     1 
ATOM   249  O  O     . GLU C 3 8   ? 17.954  7.361   -2.095  1.00 27.87 ? 62  GLU A O     1 
ATOM   250  C  CB    . GLU C 3 8   ? 19.438  10.325  -2.967  1.00 37.52 ? 62  GLU A CB    1 
ATOM   251  C  CG    . GLU C 3 8   ? 18.523  10.941  -1.924  1.00 38.41 ? 62  GLU A CG    1 
ATOM   252  C  CD    . GLU C 3 8   ? 19.214  11.613  -0.738  1.00 44.08 ? 62  GLU A CD    1 
ATOM   253  O  OE1   . GLU C 3 8   ? 20.275  12.286  -0.906  1.00 43.37 ? 62  GLU A OE1   1 
ATOM   254  O  OE2   . GLU C 3 8   ? 18.638  11.516  0.384   1.00 49.16 ? 62  GLU A OE2   1 
ATOM   255  N  N     . ILE C 3 9   ? 17.897  7.879   -4.272  1.00 22.07 ? 63  ILE A N     1 
ATOM   256  C  CA    . ILE C 3 9   ? 16.782  6.977   -4.598  1.00 19.16 ? 63  ILE A CA    1 
ATOM   257  C  C     . ILE C 3 9   ? 17.305  5.561   -4.597  1.00 18.98 ? 63  ILE A C     1 
ATOM   258  O  O     . ILE C 3 9   ? 18.289  5.271   -5.311  1.00 16.56 ? 63  ILE A O     1 
ATOM   259  C  CB    . ILE C 3 9   ? 16.187  7.240   -5.980  1.00 19.14 ? 63  ILE A CB    1 
ATOM   260  C  CG1   . ILE C 3 9   ? 15.409  8.557   -5.966  1.00 20.63 ? 63  ILE A CG1   1 
ATOM   261  C  CG2   . ILE C 3 9   ? 15.269  6.112   -6.441  1.00 19.53 ? 63  ILE A CG2   1 
ATOM   262  C  CD1   . ILE C 3 9   ? 15.002  8.970   -7.347  1.00 21.94 ? 63  ILE A CD1   1 
ATOM   263  N  N     . ILE C 3 10  ? 16.664  4.668   -3.806  1.00 14.52 ? 64  ILE A N     1 
ATOM   264  C  CA    . ILE C 3 10  ? 17.015  3.260   -3.800  1.00 14.76 ? 64  ILE A CA    1 
ATOM   265  C  C     . ILE C 3 10  ? 16.242  2.610   -4.946  1.00 14.98 ? 64  ILE A C     1 
ATOM   266  O  O     . ILE C 3 10  ? 15.087  2.261   -4.821  1.00 13.24 ? 64  ILE A O     1 
ATOM   267  C  CB    . ILE C 3 10  ? 16.757  2.624   -2.433  1.00 14.97 ? 64  ILE A CB    1 
ATOM   268  C  CG1   . ILE C 3 10  ? 17.465  3.462   -1.319  1.00 18.06 ? 64  ILE A CG1   1 
ATOM   269  C  CG2   . ILE C 3 10  ? 17.114  1.108   -2.443  1.00 14.11 ? 64  ILE A CG2   1 
ATOM   270  C  CD1   . ILE C 3 10  ? 17.219  2.915   0.061   1.00 22.00 ? 64  ILE A CD1   1 
ATOM   271  N  N     . TRP C 3 11  ? 16.896  2.464   -6.084  1.00 14.29 ? 65  TRP A N     1 
ATOM   272  C  CA    . TRP C 3 11  ? 16.287  1.908   -7.263  1.00 15.02 ? 65  TRP A CA    1 
ATOM   273  C  C     . TRP C 3 11  ? 15.902  0.460   -7.102  1.00 12.74 ? 65  TRP A C     1 
ATOM   274  O  O     . TRP C 3 11  ? 14.942  0.044   -7.708  1.00 12.36 ? 65  TRP A O     1 
ATOM   275  C  CB    . TRP C 3 11  ? 17.205  2.097   -8.496  1.00 17.22 ? 65  TRP A CB    1 
ATOM   276  C  CG    . TRP C 3 11  ? 17.281  3.547   -8.881  1.00 18.80 ? 65  TRP A CG    1 
ATOM   277  C  CD1   . TRP C 3 11  ? 18.272  4.406   -8.568  1.00 19.87 ? 65  TRP A CD1   1 
ATOM   278  C  CD2   . TRP C 3 11  ? 16.247  4.325   -9.506  1.00 18.22 ? 65  TRP A CD2   1 
ATOM   279  N  NE1   . TRP C 3 11  ? 17.965  5.666   -9.016  1.00 20.29 ? 65  TRP A NE1   1 
ATOM   280  C  CE2   . TRP C 3 11  ? 16.737  5.654   -9.610  1.00 21.14 ? 65  TRP A CE2   1 
ATOM   281  C  CE3   . TRP C 3 11  ? 14.998  4.020   -10.062 1.00 19.73 ? 65  TRP A CE3   1 
ATOM   282  C  CZ2   . TRP C 3 11  ? 15.989  6.702   -10.184 1.00 19.48 ? 65  TRP A CZ2   1 
ATOM   283  C  CZ3   . TRP C 3 11  ? 14.241  5.069   -10.680 1.00 21.80 ? 65  TRP A CZ3   1 
ATOM   284  C  CH2   . TRP C 3 11  ? 14.768  6.383   -10.752 1.00 20.95 ? 65  TRP A CH2   1 
ATOM   285  N  N     . GLU C 3 12  ? 16.680  -0.292  -6.345  1.00 12.02 ? 66  GLU A N     1 
ATOM   286  C  CA    . GLU C 3 12  ? 16.368  -1.721  -6.108  1.00 12.43 ? 66  GLU A CA    1 
ATOM   287  C  C     . GLU C 3 12  ? 15.258  -1.824  -5.004  1.00 10.88 ? 66  GLU A C     1 
ATOM   288  O  O     . GLU C 3 12  ? 15.539  -2.055  -3.825  1.00 11.09 ? 66  GLU A O     1 
ATOM   289  C  CB    . GLU C 3 12  ? 17.592  -2.495  -5.738  1.00 12.89 ? 66  GLU A CB    1 
ATOM   290  C  CG    . GLU C 3 12  ? 17.449  -3.981  -5.905  1.00 14.98 ? 66  GLU A CG    1 
ATOM   291  C  CD    . GLU C 3 12  ? 18.839  -4.629  -5.667  1.00 15.81 ? 66  GLU A CD    1 
ATOM   292  O  OE1   . GLU C 3 12  ? 19.827  -4.248  -6.318  1.00 17.92 ? 66  GLU A OE1   1 
ATOM   293  O  OE2   . GLU C 3 12  ? 18.954  -5.421  -4.745  1.00 17.61 ? 66  GLU A OE2   1 
ATOM   294  N  N     . SER C 3 13  ? 14.016  -1.553  -5.431  1.00 11.31 ? 67  SER A N     1 
ATOM   295  C  CA    . SER C 3 13  ? 12.889  -1.382  -4.522  1.00 10.17 ? 67  SER A CA    1 
ATOM   296  C  C     . SER C 3 13  ? 11.598  -1.636  -5.247  1.00 9.77  ? 67  SER A C     1 
ATOM   297  O  O     . SER C 3 13  ? 11.556  -1.749  -6.501  1.00 9.33  ? 67  SER A O     1 
ATOM   298  C  CB    . SER C 3 13  ? 12.888  0.049   -3.906  1.00 9.78  ? 67  SER A CB    1 
ATOM   299  O  OG    . SER C 3 13  ? 12.714  1.021   -4.939  1.00 10.45 ? 67  SER A OG    1 
ATOM   300  N  N     . LEU C 3 14  ? 10.528  -1.747  -4.441  1.00 9.76  ? 68  LEU A N     1 
ATOM   301  C  CA    . LEU C 3 14  ? 9.155   -1.943  -4.915  1.00 10.33 ? 68  LEU A CA    1 
ATOM   302  C  C     . LEU C 3 14  ? 8.456   -0.631  -4.574  1.00 11.31 ? 68  LEU A C     1 
ATOM   303  O  O     . LEU C 3 14  ? 8.618   -0.180  -3.419  1.00 11.42 ? 68  LEU A O     1 
ATOM   304  C  CB    . LEU C 3 14  ? 8.478   -3.071  -4.116  1.00 12.17 ? 68  LEU A CB    1 
ATOM   305  C  CG    . LEU C 3 14  ? 6.963   -3.215  -4.370  1.00 14.95 ? 68  LEU A CG    1 
ATOM   306  C  CD1   . LEU C 3 14  ? 6.822   -3.765  -5.733  1.00 16.44 ? 68  LEU A CD1   1 
ATOM   307  C  CD2   . LEU C 3 14  ? 6.275   -4.191  -3.383  1.00 17.68 ? 68  LEU A CD2   1 
ATOM   308  N  N     . SER C 3 15  ? 7.758   -0.026  -5.524  1.00 8.47  ? 69  SER A N     1 
ATOM   309  C  CA    . SER C 3 15  ? 6.973   1.181   -5.269  1.00 8.56  ? 69  SER A CA    1 
ATOM   310  C  C     . SER C 3 15  ? 5.503   0.833   -5.341  1.00 8.18  ? 69  SER A C     1 
ATOM   311  O  O     . SER C 3 15  ? 5.079   0.091   -6.220  1.00 7.69  ? 69  SER A O     1 
ATOM   312  C  CB    . SER C 3 15  ? 7.293   2.269   -6.323  1.00 8.28  ? 69  SER A CB    1 
ATOM   313  O  OG    . SER C 3 15  ? 8.606   2.733   -6.120  1.00 8.32  ? 69  SER A OG    1 
ATOM   314  N  N     . VAL C 3 16  ? 4.705   1.366   -4.415  1.00 7.92  ? 70  VAL A N     1 
ATOM   315  C  CA    . VAL C 3 16  ? 3.286   1.101   -4.382  1.00 7.77  ? 70  VAL A CA    1 
ATOM   316  C  C     . VAL C 3 16  ? 2.502   2.411   -4.380  1.00 8.80  ? 70  VAL A C     1 
ATOM   317  O  O     . VAL C 3 16  ? 2.970   3.464   -3.949  1.00 9.45  ? 70  VAL A O     1 
ATOM   318  C  CB    . VAL C 3 16  ? 2.880   0.219   -3.184  1.00 7.73  ? 70  VAL A CB    1 
ATOM   319  C  CG1   . VAL C 3 16  ? 3.576   -1.067  -3.248  1.00 8.28  ? 70  VAL A CG1   1 
ATOM   320  C  CG2   . VAL C 3 16  ? 3.152   0.921   -1.827  1.00 7.96  ? 70  VAL A CG2   1 
ATOM   321  N  N     . ASP C 3 17  ? 1.335   2.379   -4.998  1.00 10.17 ? 71  ASP A N     1 
ATOM   322  C  CA    . ASP C 3 17  ? 0.422   3.525   -4.936  1.00 9.64  ? 71  ASP A CA    1 
ATOM   323  C  C     . ASP C 3 17  ? -0.997  3.073   -5.062  1.00 9.55  ? 71  ASP A C     1 
ATOM   324  O  O     . ASP C 3 17  ? -1.279  1.970   -5.609  1.00 8.07  ? 71  ASP A O     1 
ATOM   325  C  CB    . ASP C 3 17  ? 0.751   4.551   -6.072  1.00 8.97  ? 71  ASP A CB    1 
ATOM   326  C  CG    . ASP C 3 17  ? 0.300   5.932   -5.781  1.00 10.86 ? 71  ASP A CG    1 
ATOM   327  O  OD1   . ASP C 3 17  ? -0.179  6.245   -4.670  1.00 9.87  ? 71  ASP A OD1   1 
ATOM   328  O  OD2   . ASP C 3 17  ? 0.365   6.738   -6.725  1.00 11.39 ? 71  ASP A OD2   1 
ATOM   329  N  N     . VAL C 3 18  ? -1.874  3.953   -4.619  1.00 9.37  ? 72  VAL A N     1 
ATOM   330  C  CA    . VAL C 3 18  ? -3.308  3.839   -4.745  1.00 10.89 ? 72  VAL A CA    1 
ATOM   331  C  C     . VAL C 3 18  ? -3.815  4.635   -5.970  1.00 11.29 ? 72  VAL A C     1 
ATOM   332  O  O     . VAL C 3 18  ? -3.249  5.617   -6.337  1.00 10.07 ? 72  VAL A O     1 
ATOM   333  C  CB    . VAL C 3 18  ? -3.985  4.289   -3.414  1.00 12.00 ? 72  VAL A CB    1 
ATOM   334  C  CG1   . VAL C 3 18  ? -3.961  5.806   -3.197  1.00 13.58 ? 72  VAL A CG1   1 
ATOM   335  C  CG2   . VAL C 3 18  ? -5.422  3.856   -3.335  1.00 13.73 ? 72  VAL A CG2   1 
ATOM   336  N  N     . GLY C 3 19  ? -4.929  4.169   -6.576  1.00 10.99 ? 73  GLY A N     1 
ATOM   337  C  CA    . GLY C 3 19  ? -5.713  4.948   -7.527  1.00 11.58 ? 73  GLY A CA    1 
ATOM   338  C  C     . GLY C 3 19  ? -7.172  4.920   -7.063  1.00 11.69 ? 73  GLY A C     1 
ATOM   339  O  O     . GLY C 3 19  ? -7.656  3.874   -6.512  1.00 12.05 ? 73  GLY A O     1 
ATOM   340  N  N     . SER C 3 20  ? -7.894  6.031   -7.210  1.00 11.73 ? 74  SER A N     1 
ATOM   341  C  CA    . SER C 3 20  ? -9.279  6.002   -6.930  1.00 11.53 ? 74  SER A CA    1 
ATOM   342  C  C     . SER C 3 20  ? -10.145 6.763   -7.910  1.00 11.77 ? 74  SER A C     1 
ATOM   343  O  O     . SER C 3 20  ? -9.647  7.627   -8.624  1.00 12.06 ? 74  SER A O     1 
ATOM   344  C  CB    . SER C 3 20  ? -9.593  6.484   -5.509  1.00 11.29 ? 74  SER A CB    1 
ATOM   345  O  OG    . SER C 3 20  ? -9.670  7.924   -5.422  1.00 11.09 ? 74  SER A OG    1 
ATOM   346  N  N     . GLN C 3 21  ? -11.441 6.501   -7.778  1.00 11.65 ? 75  GLN A N     1 
ATOM   347  C  CA    . GLN C 3 21  ? -12.499 7.350   -8.362  1.00 13.09 ? 75  GLN A CA    1 
ATOM   348  C  C     . GLN C 3 21  ? -13.484 7.715   -7.278  1.00 11.90 ? 75  GLN A C     1 
ATOM   349  O  O     . GLN C 3 21  ? -14.290 6.890   -6.818  1.00 11.93 ? 75  GLN A O     1 
ATOM   350  C  CB    . GLN C 3 21  ? -13.201 6.580   -9.438  1.00 16.04 ? 75  GLN A CB    1 
ATOM   351  C  CG    . GLN C 3 21  ? -14.311 7.309   -10.119 1.00 18.92 ? 75  GLN A CG    1 
ATOM   352  C  CD    . GLN C 3 21  ? -14.889 6.440   -11.174 1.00 22.55 ? 75  GLN A CD    1 
ATOM   353  O  OE1   . GLN C 3 21  ? -14.298 6.270   -12.233 1.00 28.80 ? 75  GLN A OE1   1 
ATOM   354  N  NE2   . GLN C 3 21  ? -16.005 5.827   -10.877 1.00 26.69 ? 75  GLN A NE2   1 
ATOM   355  N  N     . GLY C 3 22  ? -13.328 8.942   -6.797  1.00 12.35 ? 76  GLY A N     1 
ATOM   356  C  CA    . GLY C 3 22  ? -13.952 9.372   -5.577  1.00 12.28 ? 76  GLY A CA    1 
ATOM   357  C  C     . GLY C 3 22  ? -13.041 9.094   -4.389  1.00 12.00 ? 76  GLY A C     1 
ATOM   358  O  O     . GLY C 3 22  ? -12.169 8.167   -4.430  1.00 11.19 ? 76  GLY A O     1 
ATOM   359  N  N     . ASN C 3 23  ? -13.225 9.855   -3.325  1.00 10.71 ? 77  ASN A N     1 
ATOM   360  C  CA    . ASN C 3 23  ? -12.596 9.495   -2.037  1.00 10.38 ? 77  ASN A CA    1 
ATOM   361  C  C     . ASN C 3 23  ? -13.553 9.996   -0.932  1.00 11.44 ? 77  ASN A C     1 
ATOM   362  O  O     . ASN C 3 23  ? -13.592 11.224  -0.659  1.00 11.22 ? 77  ASN A O     1 
ATOM   363  C  CB    . ASN C 3 23  ? -11.259 10.184  -1.911  1.00 10.83 ? 77  ASN A CB    1 
ATOM   364  C  CG    . ASN C 3 23  ? -10.556 9.890   -0.605  1.00 9.57  ? 77  ASN A CG    1 
ATOM   365  O  OD1   . ASN C 3 23  ? -10.803 8.812   -0.006  1.00 10.18 ? 77  ASN A OD1   1 
ATOM   366  N  ND2   . ASN C 3 23  ? -9.856  10.855  -0.088  1.00 8.42  ? 77  ASN A ND2   1 
ATOM   367  N  N     . PRO C 3 24  ? -14.332 9.117   -0.324  1.00 9.88  ? 78  PRO A N     1 
ATOM   368  C  CA    . PRO C 3 24  ? -14.385 7.657   -0.555  1.00 10.26 ? 78  PRO A CA    1 
ATOM   369  C  C     . PRO C 3 24  ? -14.922 7.303   -1.903  1.00 11.67 ? 78  PRO A C     1 
ATOM   370  O  O     . PRO C 3 24  ? -15.783 8.043   -2.432  1.00 11.78 ? 78  PRO A O     1 
ATOM   371  C  CB    . PRO C 3 24  ? -15.306 7.181   0.594   1.00 11.23 ? 78  PRO A CB    1 
ATOM   372  C  CG    . PRO C 3 24  ? -15.276 8.257   1.583   1.00 10.54 ? 78  PRO A CG    1 
ATOM   373  C  CD    . PRO C 3 24  ? -15.065 9.569   0.868   1.00 10.44 ? 78  PRO A CD    1 
ATOM   374  N  N     . GLY C 3 25  ? -14.448 6.234   -2.488  1.00 11.41 ? 79  GLY A N     1 
ATOM   375  C  CA    . GLY C 3 25  ? -14.892 5.830   -3.779  1.00 13.33 ? 79  GLY A CA    1 
ATOM   376  C  C     . GLY C 3 25  ? -14.233 4.520   -4.169  1.00 12.82 ? 79  GLY A C     1 
ATOM   377  O  O     . GLY C 3 25  ? -13.777 3.763   -3.289  1.00 11.38 ? 79  GLY A O     1 
ATOM   378  N  N     . ILE C 3 26  ? -14.240 4.240   -5.458  1.00 12.94 ? 80  ILE A N     1 
ATOM   379  C  CA    . ILE C 3 26  ? -13.687 2.999   -5.971  1.00 13.51 ? 80  ILE A CA    1 
ATOM   380  C  C     . ILE C 3 26  ? -12.164 3.094   -5.782  1.00 13.36 ? 80  ILE A C     1 
ATOM   381  O  O     . ILE C 3 26  ? -11.587 4.066   -6.194  1.00 11.46 ? 80  ILE A O     1 
ATOM   382  C  CB    . ILE C 3 26  ? -14.004 2.733   -7.445  1.00 15.13 ? 80  ILE A CB    1 
ATOM   383  C  CG1   . ILE C 3 26  ? -15.510 2.708   -7.707  1.00 17.20 ? 80  ILE A CG1   1 
ATOM   384  C  CG2   . ILE C 3 26  ? -13.342 1.429   -7.902  1.00 15.34 ? 80  ILE A CG2   1 
ATOM   385  C  CD1   . ILE C 3 26  ? -15.874 2.705   -9.199  1.00 18.09 ? 80  ILE A CD1   1 
ATOM   386  N  N     . VAL C 3 27  ? -11.538 2.092   -5.142  1.00 11.62 ? 81  VAL A N     1 
ATOM   387  C  CA    . VAL C 3 27  ? -10.102 2.106   -4.821  1.00 11.88 ? 81  VAL A CA    1 
ATOM   388  C  C     . VAL C 3 27  ? -9.418  0.913   -5.436  1.00 10.93 ? 81  VAL A C     1 
ATOM   389  O  O     . VAL C 3 27  ? -9.943  -0.224  -5.370  1.00 10.16 ? 81  VAL A O     1 
ATOM   390  C  CB    . VAL C 3 27  ? -9.940  2.043   -3.252  1.00 13.78 ? 81  VAL A CB    1 
ATOM   391  C  CG1   . VAL C 3 27  ? -8.497  1.716   -2.813  1.00 14.87 ? 81  VAL A CG1   1 
ATOM   392  C  CG2   . VAL C 3 27  ? -10.395 3.375   -2.660  1.00 13.78 ? 81  VAL A CG2   1 
ATOM   393  N  N     . GLU C 3 28  ? -8.260  1.146   -6.029  1.00 10.80 ? 82  GLU A N     1 
ATOM   394  C  CA    . GLU C 3 28  ? -7.366  0.069   -6.480  1.00 11.60 ? 82  GLU A CA    1 
ATOM   395  C  C     . GLU C 3 28  ? -5.933  0.443   -6.069  1.00 10.14 ? 82  GLU A C     1 
ATOM   396  O  O     . GLU C 3 28  ? -5.667  1.529   -5.615  1.00 9.66  ? 82  GLU A O     1 
ATOM   397  C  CB    . GLU C 3 28  ? -7.456  -0.075  -8.018  1.00 13.47 ? 82  GLU A CB    1 
ATOM   398  C  CG    . GLU C 3 28  ? -6.942  1.096   -8.836  1.00 16.60 ? 82  GLU A CG    1 
ATOM   399  C  CD    . GLU C 3 28  ? -7.284  1.014   -10.345 1.00 23.40 ? 82  GLU A CD    1 
ATOM   400  O  OE1   . GLU C 3 28  ? -7.178  2.034   -11.022 1.00 30.33 ? 82  GLU A OE1   1 
ATOM   401  O  OE2   . GLU C 3 28  ? -7.661  -0.055  -10.861 1.00 25.66 ? 82  GLU A OE2   1 
ATOM   402  N  N     . TYR C 3 29  ? -5.015  -0.482  -6.174  1.00 9.15  ? 83  TYR A N     1 
ATOM   403  C  CA    . TYR C 3 29  ? -3.643  -0.193  -5.874  1.00 10.05 ? 83  TYR A CA    1 
ATOM   404  C  C     . TYR C 3 29  ? -2.741  -1.129  -6.714  1.00 10.34 ? 83  TYR A C     1 
ATOM   405  O  O     . TYR C 3 29  ? -3.195  -2.178  -7.217  1.00 10.53 ? 83  TYR A O     1 
ATOM   406  C  CB    . TYR C 3 29  ? -3.351  -0.253  -4.365  1.00 10.36 ? 83  TYR A CB    1 
ATOM   407  C  CG    . TYR C 3 29  ? -3.561  -1.593  -3.726  1.00 11.66 ? 83  TYR A CG    1 
ATOM   408  C  CD1   . TYR C 3 29  ? -2.690  -2.624  -3.985  1.00 12.67 ? 83  TYR A CD1   1 
ATOM   409  C  CD2   . TYR C 3 29  ? -4.620  -1.838  -2.894  1.00 14.99 ? 83  TYR A CD2   1 
ATOM   410  C  CE1   . TYR C 3 29  ? -2.844  -3.879  -3.422  1.00 14.57 ? 83  TYR A CE1   1 
ATOM   411  C  CE2   . TYR C 3 29  ? -4.773  -3.145  -2.307  1.00 15.18 ? 83  TYR A CE2   1 
ATOM   412  C  CZ    . TYR C 3 29  ? -3.880  -4.114  -2.609  1.00 14.41 ? 83  TYR A CZ    1 
ATOM   413  O  OH    . TYR C 3 29  ? -3.922  -5.419  -2.117  1.00 19.23 ? 83  TYR A OH    1 
ATOM   414  N  N     . LYS C 3 30  ? -1.496  -0.741  -6.842  1.00 10.13 ? 84  LYS A N     1 
ATOM   415  C  CA    . LYS C 3 30  ? -0.563  -1.560  -7.558  1.00 10.86 ? 84  LYS A CA    1 
ATOM   416  C  C     . LYS C 3 30  ? 0.829   -1.388  -7.008  1.00 10.12 ? 84  LYS A C     1 
ATOM   417  O  O     . LYS C 3 30  ? 1.153   -0.397  -6.337  1.00 8.80  ? 84  LYS A O     1 
ATOM   418  C  CB    . LYS C 3 30  ? -0.631  -1.220  -9.032  1.00 12.53 ? 84  LYS A CB    1 
ATOM   419  C  CG    . LYS C 3 30  ? 0.064   0.003   -9.490  1.00 15.35 ? 84  LYS A CG    1 
ATOM   420  C  CD    . LYS C 3 30  ? -0.267  0.162   -10.979 1.00 18.38 ? 84  LYS A CD    1 
ATOM   421  C  CE    . LYS C 3 30  ? 0.371   1.395   -11.607 1.00 22.03 ? 84  LYS A CE    1 
ATOM   422  N  NZ    . LYS C 3 30  ? -0.466  2.567   -11.391 1.00 24.91 ? 84  LYS A NZ    1 
ATOM   423  N  N     . GLY C 3 31  ? 1.674   -2.346  -7.377  1.00 8.87  ? 85  GLY A N     1 
ATOM   424  C  CA    . GLY C 3 31  ? 3.031   -2.412  -6.938  1.00 9.51  ? 85  GLY A CA    1 
ATOM   425  C  C     . GLY C 3 31  ? 3.900   -2.503  -8.224  1.00 10.66 ? 85  GLY A C     1 
ATOM   426  O  O     . GLY C 3 31  ? 3.605   -3.331  -9.106  1.00 11.39 ? 85  GLY A O     1 
ATOM   427  N  N     . VAL C 3 32  ? 4.943   -1.679  -8.322  1.00 10.08 ? 86  VAL A N     1 
ATOM   428  C  CA    . VAL C 3 32  ? 5.848   -1.750  -9.494  1.00 11.03 ? 86  VAL A CA    1 
ATOM   429  C  C     . VAL C 3 32  ? 7.317   -1.825  -9.114  1.00 11.36 ? 86  VAL A C     1 
ATOM   430  O  O     . VAL C 3 32  ? 7.730   -1.389  -8.029  1.00 10.34 ? 86  VAL A O     1 
ATOM   431  C  CB    . VAL C 3 32  ? 5.638   -0.555  -10.428 1.00 11.95 ? 86  VAL A CB    1 
ATOM   432  C  CG1   . VAL C 3 32  ? 4.164   -0.381  -10.786 1.00 11.21 ? 86  VAL A CG1   1 
ATOM   433  C  CG2   . VAL C 3 32  ? 6.313   0.722   -9.895  1.00 12.67 ? 86  VAL A CG2   1 
ATOM   434  N  N     . ASP C 3 33  ? 8.120   -2.362  -10.015 1.00 11.87 ? 87  ASP A N     1 
ATOM   435  C  CA    . ASP C 3 33  ? 9.546   -2.369  -9.828  1.00 13.82 ? 87  ASP A CA    1 
ATOM   436  C  C     . ASP C 3 33  ? 9.982   -0.919  -10.018 1.00 13.37 ? 87  ASP A C     1 
ATOM   437  O  O     . ASP C 3 33  ? 9.683   -0.302  -11.070 1.00 15.42 ? 87  ASP A O     1 
ATOM   438  C  CB    . ASP C 3 33  ? 10.193  -3.355  -10.869 1.00 15.30 ? 87  ASP A CB    1 
ATOM   439  C  CG    . ASP C 3 33  ? 11.700  -3.477  -10.699 1.00 17.86 ? 87  ASP A CG    1 
ATOM   440  O  OD1   . ASP C 3 33  ? 12.380  -2.425  -10.625 1.00 21.46 ? 87  ASP A OD1   1 
ATOM   441  O  OD2   . ASP C 3 33  ? 12.178  -4.631  -10.644 1.00 22.62 ? 87  ASP A OD2   1 
ATOM   442  N  N     . THR C 3 34  ? 10.675  -0.334  -9.032  1.00 12.38 ? 88  THR A N     1 
ATOM   443  C  CA    . THR C 3 34  ? 11.044  1.098   -9.122  1.00 13.44 ? 88  THR A CA    1 
ATOM   444  C  C     . THR C 3 34  ? 12.007  1.346   -10.305 1.00 17.46 ? 88  THR A C     1 
ATOM   445  O  O     . THR C 3 34  ? 11.951  2.398   -10.938 1.00 18.38 ? 88  THR A O     1 
ATOM   446  C  CB    . THR C 3 34  ? 11.667  1.553   -7.827  1.00 12.54 ? 88  THR A CB    1 
ATOM   447  O  OG1   . THR C 3 34  ? 10.782  1.233   -6.747  1.00 10.43 ? 88  THR A OG1   1 
ATOM   448  C  CG2   . THR C 3 34  ? 11.881  3.056   -7.749  1.00 11.51 ? 88  THR A CG2   1 
ATOM   449  N  N     . LYS C 3 35  ? 12.851  0.368   -10.588 1.00 22.33 ? 89  LYS A N     1 
ATOM   450  C  CA    . LYS C 3 35  ? 13.868  0.509   -11.677 1.00 28.87 ? 89  LYS A CA    1 
ATOM   451  C  C     . LYS C 3 35  ? 13.167  0.473   -13.027 1.00 30.61 ? 89  LYS A C     1 
ATOM   452  O  O     . LYS C 3 35  ? 13.146  1.469   -13.773 1.00 31.55 ? 89  LYS A O     1 
ATOM   453  C  CB    . LYS C 3 35  ? 14.964  -0.574  -11.547 1.00 32.35 ? 89  LYS A CB    1 
ATOM   454  C  CG    . LYS C 3 35  ? 16.243  -0.299  -12.357 1.00 35.11 ? 89  LYS A CG    1 
ATOM   455  C  CD    . LYS C 3 35  ? 17.163  -1.497  -12.414 1.00 37.22 ? 89  LYS A CD    1 
ATOM   456  C  CE    . LYS C 3 35  ? 17.781  -1.834  -11.076 1.00 40.29 ? 89  LYS A CE    1 
ATOM   457  N  NZ    . LYS C 3 35  ? 19.075  -2.578  -11.307 1.00 43.57 ? 89  LYS A NZ    1 
ATOM   458  N  N     . THR C 3 36  ? 12.462  -0.614  -13.275 1.00 29.61 ? 90  THR A N     1 
ATOM   459  C  CA    . THR C 3 36  ? 11.947  -0.879  -14.616 1.00 33.40 ? 90  THR A CA    1 
ATOM   460  C  C     . THR C 3 36  ? 10.567  -0.366  -14.865 1.00 34.19 ? 90  THR A C     1 
ATOM   461  O  O     . THR C 3 36  ? 10.137  -0.320  -16.005 1.00 32.86 ? 90  THR A O     1 
ATOM   462  C  CB    . THR C 3 36  ? 11.922  -2.380  -14.888 1.00 35.83 ? 90  THR A CB    1 
ATOM   463  O  OG1   . THR C 3 36  ? 10.933  -2.993  -14.055 1.00 32.69 ? 90  THR A OG1   1 
ATOM   464  C  CG2   . THR C 3 36  ? 13.280  -3.003  -14.589 1.00 36.85 ? 90  THR A CG2   1 
ATOM   465  N  N     . GLY C 3 37  ? 9.826   -0.036  -13.815 1.00 26.80 ? 91  GLY A N     1 
ATOM   466  C  CA    . GLY C 3 37  ? 8.432   0.266   -13.946 1.00 21.87 ? 91  GLY A CA    1 
ATOM   467  C  C     . GLY C 3 37  ? 7.535   -0.935  -14.228 1.00 21.72 ? 91  GLY A C     1 
ATOM   468  O  O     . GLY C 3 37  ? 6.340   -0.773  -14.378 1.00 25.81 ? 91  GLY A O     1 
ATOM   469  N  N     . GLU C 3 38  ? 8.051   -2.140  -14.219 1.00 20.79 ? 92  GLU A N     1 
ATOM   470  C  CA    . GLU C 3 38  ? 7.189   -3.291  -14.434 1.00 22.10 ? 92  GLU A CA    1 
ATOM   471  C  C     . GLU C 3 38  ? 6.124   -3.431  -13.319 1.00 20.61 ? 92  GLU A C     1 
ATOM   472  O  O     . GLU C 3 38  ? 6.466   -3.406  -12.125 1.00 16.27 ? 92  GLU A O     1 
ATOM   473  C  CB    . GLU C 3 38  ? 7.985   -4.564  -14.430 1.00 24.08 ? 92  GLU A CB    1 
ATOM   474  C  CG    . GLU C 3 38  ? 7.168   -5.792  -14.788 1.00 30.97 ? 92  GLU A CG    1 
ATOM   475  C  CD    . GLU C 3 38  ? 7.915   -7.107  -14.604 1.00 34.57 ? 92  GLU A CD    1 
ATOM   476  O  OE1   . GLU C 3 38  ? 9.134   -7.097  -14.265 1.00 36.30 ? 92  GLU A OE1   1 
ATOM   477  O  OE2   . GLU C 3 38  ? 7.258   -8.157  -14.804 1.00 34.69 ? 92  GLU A OE2   1 
ATOM   478  N  N     . VAL C 3 39  ? 4.900   -3.707  -13.717 1.00 19.02 ? 93  VAL A N     1 
ATOM   479  C  CA    . VAL C 3 39  ? 3.799   -3.925  -12.776 1.00 19.51 ? 93  VAL A CA    1 
ATOM   480  C  C     . VAL C 3 39  ? 3.869   -5.313  -12.184 1.00 17.88 ? 93  VAL A C     1 
ATOM   481  O  O     . VAL C 3 39  ? 3.778   -6.340  -12.861 1.00 18.95 ? 93  VAL A O     1 
ATOM   482  C  CB    . VAL C 3 39  ? 2.405   -3.657  -13.404 1.00 20.48 ? 93  VAL A CB    1 
ATOM   483  C  CG1   . VAL C 3 39  ? 1.310   -3.907  -12.373 1.00 19.54 ? 93  VAL A CG1   1 
ATOM   484  C  CG2   . VAL C 3 39  ? 2.304   -2.214  -13.904 1.00 21.82 ? 93  VAL A CG2   1 
ATOM   485  N  N     . LEU C 3 40  ? 4.025   -5.401  -10.894 1.00 14.68 ? 94  LEU A N     1 
ATOM   486  C  CA    . LEU C 3 40  ? 4.198   -6.716  -10.255 1.00 14.94 ? 94  LEU A CA    1 
ATOM   487  C  C     . LEU C 3 40  ? 2.932   -7.259  -9.674  1.00 14.67 ? 94  LEU A C     1 
ATOM   488  O  O     . LEU C 3 40  ? 2.768   -8.501  -9.520  1.00 14.97 ? 94  LEU A O     1 
ATOM   489  C  CB    . LEU C 3 40  ? 5.301   -6.662  -9.194  1.00 15.73 ? 94  LEU A CB    1 
ATOM   490  C  CG    . LEU C 3 40  ? 6.667   -6.147  -9.678  1.00 16.83 ? 94  LEU A CG    1 
ATOM   491  C  CD1   . LEU C 3 40  ? 7.655   -5.923  -8.560  1.00 16.89 ? 94  LEU A CD1   1 
ATOM   492  C  CD2   . LEU C 3 40  ? 7.207   -7.071  -10.773 1.00 17.89 ? 94  LEU A CD2   1 
ATOM   493  N  N     . PHE C 3 41  ? 2.082   -6.348  -9.180  1.00 13.10 ? 95  PHE A N     1 
ATOM   494  C  CA    . PHE C 3 41  ? 0.755   -6.721  -8.723  1.00 12.26 ? 95  PHE A CA    1 
ATOM   495  C  C     . PHE C 3 41  ? -0.172  -5.533  -8.888  1.00 12.45 ? 95  PHE A C     1 
ATOM   496  O  O     . PHE C 3 41  ? 0.243   -4.364  -8.815  1.00 11.77 ? 95  PHE A O     1 
ATOM   497  C  CB    . PHE C 3 41  ? 0.719   -7.274  -7.286  1.00 10.63 ? 95  PHE A CB    1 
ATOM   498  C  CG    . PHE C 3 41  ? 1.250   -6.318  -6.227  1.00 10.27 ? 95  PHE A CG    1 
ATOM   499  C  CD1   . PHE C 3 41  ? 0.424   -5.352  -5.688  1.00 10.00 ? 95  PHE A CD1   1 
ATOM   500  C  CD2   . PHE C 3 41  ? 2.572   -6.383  -5.790  1.00 9.28  ? 95  PHE A CD2   1 
ATOM   501  C  CE1   . PHE C 3 41  ? 0.890   -4.483  -4.661  1.00 9.73  ? 95  PHE A CE1   1 
ATOM   502  C  CE2   . PHE C 3 41  ? 3.037   -5.522  -4.802  1.00 9.62  ? 95  PHE A CE2   1 
ATOM   503  C  CZ    . PHE C 3 41  ? 2.190   -4.585  -4.245  1.00 9.50  ? 95  PHE A CZ    1 
ATOM   504  N  N     . GLU C 3 42  ? -1.442  -5.839  -9.075  1.00 14.82 ? 96  GLU A N     1 
ATOM   505  C  CA    . GLU C 3 42  ? -2.473  -4.808  -9.178  1.00 15.00 ? 96  GLU A CA    1 
ATOM   506  C  C     . GLU C 3 42  ? -3.731  -5.425  -8.643  1.00 14.84 ? 96  GLU A C     1 
ATOM   507  O  O     . GLU C 3 42  ? -4.168  -6.496  -9.114  1.00 13.82 ? 96  GLU A O     1 
ATOM   508  C  CB    . GLU C 3 42  ? -2.662  -4.337  -10.599 1.00 19.34 ? 96  GLU A CB    1 
ATOM   509  C  CG    . GLU C 3 42  ? -3.761  -3.272  -10.732 1.00 23.66 ? 96  GLU A CG    1 
ATOM   510  C  CD    . GLU C 3 42  ? -3.527  -2.348  -11.931 1.00 25.93 ? 96  GLU A CD    1 
ATOM   511  O  OE1   . GLU C 3 42  ? -2.927  -2.816  -12.919 1.00 29.26 ? 96  GLU A OE1   1 
ATOM   512  O  OE2   . GLU C 3 42  ? -3.913  -1.178  -11.866 1.00 28.16 ? 96  GLU A OE2   1 
ATOM   513  N  N     . ARG C 3 43  ? -4.315  -4.788  -7.634  1.00 12.67 ? 97  ARG A N     1 
ATOM   514  C  CA    . ARG C 3 43  ? -5.519  -5.313  -6.999  1.00 12.80 ? 97  ARG A CA    1 
ATOM   515  C  C     . ARG C 3 43  ? -6.822  -4.851  -7.642  1.00 12.53 ? 97  ARG A C     1 
ATOM   516  O  O     . ARG C 3 43  ? -7.056  -3.654  -7.815  1.00 11.53 ? 97  ARG A O     1 
ATOM   517  C  CB    . ARG C 3 43  ? -5.526  -4.966  -5.508  1.00 14.46 ? 97  ARG A CB    1 
ATOM   518  C  CG    . ARG C 3 43  ? -6.908  -4.963  -4.876  1.00 17.94 ? 97  ARG A CG    1 
ATOM   519  C  CD    . ARG C 3 43  ? -7.301  -6.354  -4.403  1.00 20.21 ? 97  ARG A CD    1 
ATOM   520  N  NE    . ARG C 3 43  ? -8.738  -6.466  -4.170  1.00 25.68 ? 97  ARG A NE    1 
ATOM   521  C  CZ    . ARG C 3 43  ? -9.296  -7.360  -3.360  1.00 27.87 ? 97  ARG A CZ    1 
ATOM   522  N  NH1   . ARG C 3 43  ? -8.537  -8.224  -2.700  1.00 33.44 ? 97  ARG A NH1   1 
ATOM   523  N  NH2   . ARG C 3 43  ? -10.613 -7.390  -3.209  1.00 28.18 ? 97  ARG A NH2   1 
ATOM   524  N  N     . GLU C 3 44  ? -7.666  -5.816  -7.991  1.00 12.30 ? 98  GLU A N     1 
ATOM   525  C  CA    . GLU C 3 44  ? -8.973  -5.526  -8.587  1.00 14.73 ? 98  GLU A CA    1 
ATOM   526  C  C     . GLU C 3 44  ? -9.663  -4.396  -7.819  1.00 13.43 ? 98  GLU A C     1 
ATOM   527  O  O     . GLU C 3 44  ? -9.620  -4.388  -6.603  1.00 11.72 ? 98  GLU A O     1 
ATOM   528  C  CB    . GLU C 3 44  ? -9.815  -6.794  -8.479  1.00 16.33 ? 98  GLU A CB    1 
ATOM   529  C  CG    . GLU C 3 44  ? -11.238 -6.656  -8.826  1.00 17.61 ? 98  GLU A CG    1 
ATOM   530  C  CD    . GLU C 3 44  ? -11.921 -7.987  -9.133  1.00 21.28 ? 98  GLU A CD    1 
ATOM   531  O  OE1   . GLU C 3 44  ? -11.463 -9.088  -8.699  1.00 16.30 ? 98  GLU A OE1   1 
ATOM   532  O  OE2   . GLU C 3 44  ? -12.999 -7.903  -9.847  1.00 26.49 ? 98  GLU A OE2   1 
ATOM   533  N  N     . PRO C 3 45  ? -10.362 -3.482  -8.529  1.00 16.49 ? 99  PRO A N     1 
ATOM   534  C  CA    . PRO C 3 45  ? -11.005 -2.341  -7.848  1.00 15.44 ? 99  PRO A CA    1 
ATOM   535  C  C     . PRO C 3 45  ? -11.941 -2.781  -6.725  1.00 15.10 ? 99  PRO A C     1 
ATOM   536  O  O     . PRO C 3 45  ? -12.640 -3.773  -6.864  1.00 12.85 ? 99  PRO A O     1 
ATOM   537  C  CB    . PRO C 3 45  ? -11.707 -1.640  -8.992  1.00 16.44 ? 99  PRO A CB    1 
ATOM   538  C  CG    . PRO C 3 45  ? -10.856 -1.932  -10.190 1.00 17.41 ? 99  PRO A CG    1 
ATOM   539  C  CD    . PRO C 3 45  ? -10.500 -3.366  -10.005 1.00 16.50 ? 99  PRO A CD    1 
ATOM   540  N  N     . ILE C 3 46  ? -11.863 -2.099  -5.584  1.00 12.50 ? 100 ILE A N     1 
ATOM   541  C  CA    . ILE C 3 46  ? -12.698 -2.309  -4.431  1.00 14.65 ? 100 ILE A CA    1 
ATOM   542  C  C     . ILE C 3 46  ? -13.796 -1.227  -4.484  1.00 15.51 ? 100 ILE A C     1 
ATOM   543  O  O     . ILE C 3 46  ? -13.461 -0.075  -4.643  1.00 12.81 ? 100 ILE A O     1 
ATOM   544  C  CB    . ILE C 3 46  ? -11.873 -2.147  -3.173  1.00 15.09 ? 100 ILE A CB    1 
ATOM   545  C  CG1   . ILE C 3 46  ? -10.723 -3.193  -3.177  1.00 14.86 ? 100 ILE A CG1   1 
ATOM   546  C  CG2   . ILE C 3 46  ? -12.716 -2.219  -1.901  1.00 15.39 ? 100 ILE A CG2   1 
ATOM   547  C  CD1   . ILE C 3 46  ? -9.544  -2.745  -2.324  1.00 15.43 ? 100 ILE A CD1   1 
ATOM   548  N  N     . PRO C 3 47  ? -15.077 -1.608  -4.410  1.00 18.30 ? 101 PRO A N     1 
ATOM   549  C  CA    . PRO C 3 47  ? -16.106 -0.583  -4.823  1.00 19.62 ? 101 PRO A CA    1 
ATOM   550  C  C     . PRO C 3 47  ? -16.148 0.662   -3.976  1.00 17.57 ? 101 PRO A C     1 
ATOM   551  O  O     . PRO C 3 47  ? -16.445 1.742   -4.503  1.00 15.75 ? 101 PRO A O     1 
ATOM   552  C  CB    . PRO C 3 47  ? -17.434 -1.327  -4.706  1.00 22.12 ? 101 PRO A CB    1 
ATOM   553  C  CG    . PRO C 3 47  ? -17.034 -2.784  -4.906  1.00 24.51 ? 101 PRO A CG    1 
ATOM   554  C  CD    . PRO C 3 47  ? -15.660 -2.964  -4.299  1.00 21.16 ? 101 PRO A CD    1 
ATOM   555  N  N     . ILE C 3 48  ? -15.910 0.536   -2.682  1.00 15.19 ? 102 ILE A N     1 
ATOM   556  C  CA    . ILE C 3 48  ? -15.830 1.691   -1.812  1.00 16.22 ? 102 ILE A CA    1 
ATOM   557  C  C     . ILE C 3 48  ? -14.688 1.580   -0.787  1.00 13.83 ? 102 ILE A C     1 
ATOM   558  O  O     . ILE C 3 48  ? -14.618 0.631   -0.022  1.00 14.08 ? 102 ILE A O     1 
ATOM   559  C  CB    . ILE C 3 48  ? -17.175 2.008   -1.023  1.00 17.15 ? 102 ILE A CB    1 
ATOM   560  C  CG1   . ILE C 3 48  ? -18.341 2.220   -1.956  1.00 19.33 ? 102 ILE A CG1   1 
ATOM   561  C  CG2   . ILE C 3 48  ? -16.992 3.216   -0.145  1.00 18.34 ? 102 ILE A CG2   1 
ATOM   562  C  CD1   . ILE C 3 48  ? -18.296 3.541   -2.726  1.00 21.41 ? 102 ILE A CD1   1 
ATOM   563  N  N     . GLY C 3 49  ? -13.902 2.630   -0.708  1.00 12.34 ? 103 GLY A N     1 
ATOM   564  C  CA    . GLY C 3 49  ? -12.851 2.753   0.264   1.00 11.05 ? 103 GLY A CA    1 
ATOM   565  C  C     . GLY C 3 49  ? -12.270 4.147   0.301   1.00 11.41 ? 103 GLY A C     1 
ATOM   566  O  O     . GLY C 3 49  ? -12.722 5.003   -0.432  1.00 10.93 ? 103 GLY A O     1 
ATOM   567  N  N     . THR C 3 50  ? -11.268 4.361   1.153   1.00 9.57  ? 104 THR A N     1 
ATOM   568  C  CA    . THR C 3 50  ? -10.623 5.662   1.231   1.00 9.62  ? 104 THR A CA    1 
ATOM   569  C  C     . THR C 3 50  ? -9.253  5.536   0.613   1.00 9.42  ? 104 THR A C     1 
ATOM   570  O  O     . THR C 3 50  ? -8.723  4.429   0.538   1.00 8.13  ? 104 THR A O     1 
ATOM   571  C  CB    . THR C 3 50  ? -10.422 6.176   2.646   1.00 9.66  ? 104 THR A CB    1 
ATOM   572  O  OG1   . THR C 3 50  ? -9.491  5.341   3.335   1.00 8.90  ? 104 THR A OG1   1 
ATOM   573  C  CG2   . THR C 3 50  ? -11.761 6.362   3.431   1.00 10.02 ? 104 THR A CG2   1 
ATOM   574  N  N     . ASN C 3 51  ? -8.723  6.684   0.165   1.00 8.20  ? 105 ASN A N     1 
ATOM   575  C  CA    . ASN C 3 51  ? -7.328  6.804   -0.254  1.00 8.18  ? 105 ASN A CA    1 
ATOM   576  C  C     . ASN C 3 51  ? -6.340  6.196   0.736   1.00 7.80  ? 105 ASN A C     1 
ATOM   577  O  O     . ASN C 3 51  ? -5.471  5.436   0.353   1.00 7.31  ? 105 ASN A O     1 
ATOM   578  C  CB    . ASN C 3 51  ? -6.949  8.268   -0.545  1.00 8.24  ? 105 ASN A CB    1 
ATOM   579  C  CG    . ASN C 3 51  ? -6.956  9.167   0.693   1.00 8.79  ? 105 ASN A CG    1 
ATOM   580  O  OD1   . ASN C 3 51  ? -7.745  8.989   1.648   1.00 7.95  ? 105 ASN A OD1   1 
ATOM   581  N  ND2   . ASN C 3 51  ? -6.114  10.231  0.635   1.00 9.17  ? 105 ASN A ND2   1 
ATOM   582  N  N     . ASN C 3 52  ? -6.462  6.541   2.020   1.00 7.16  ? 106 ASN A N     1 
ATOM   583  C  CA    . ASN C 3 52  ? -5.493  6.082   2.950   1.00 7.01  ? 106 ASN A CA    1 
ATOM   584  C  C     . ASN C 3 52  ? -5.598  4.587   3.195   1.00 7.41  ? 106 ASN A C     1 
ATOM   585  O  O     . ASN C 3 52  ? -4.615  3.916   3.402   1.00 6.77  ? 106 ASN A O     1 
ATOM   586  C  CB    . ASN C 3 52  ? -5.641  6.872   4.204   1.00 6.79  ? 106 ASN A CB    1 
ATOM   587  C  CG    . ASN C 3 52  ? -5.289  8.327   3.999   1.00 7.32  ? 106 ASN A CG    1 
ATOM   588  O  OD1   . ASN C 3 52  ? -4.356  8.679   3.217   1.00 7.21  ? 106 ASN A OD1   1 
ATOM   589  N  ND2   . ASN C 3 52  ? -6.011  9.202   4.710   1.00 6.93  ? 106 ASN A ND2   1 
ATOM   590  N  N     . MET C 3 53  ? -6.823  4.083   3.161   1.00 7.93  ? 107 MET A N     1 
ATOM   591  C  CA    . MET C 3 53  ? -6.996  2.615   3.277   1.00 8.67  ? 107 MET A CA    1 
ATOM   592  C  C     . MET C 3 53  ? -6.256  1.923   2.155   1.00 7.81  ? 107 MET A C     1 
ATOM   593  O  O     . MET C 3 53  ? -5.673  0.896   2.345   1.00 7.36  ? 107 MET A O     1 
ATOM   594  C  CB    . MET C 3 53  ? -8.458  2.182   3.290   1.00 10.63 ? 107 MET A CB    1 
ATOM   595  C  CG    . MET C 3 53  ? -9.169  2.507   4.606   1.00 12.00 ? 107 MET A CG    1 
ATOM   596  S  SD    . MET C 3 53  ? -10.905 2.120   4.361   1.00 17.85 ? 107 MET A SD    1 
ATOM   597  C  CE    . MET C 3 53  ? -11.385 1.451   5.960   1.00 16.98 ? 107 MET A CE    1 
ATOM   598  N  N     . GLY C 3 54  ? -6.433  2.441   0.948   1.00 7.07  ? 108 GLY A N     1 
ATOM   599  C  CA    . GLY C 3 54  ? -5.790  1.821   -0.192  1.00 7.06  ? 108 GLY A CA    1 
ATOM   600  C  C     . GLY C 3 54  ? -4.308  1.928   -0.141  1.00 6.28  ? 108 GLY A C     1 
ATOM   601  O  O     . GLY C 3 54  ? -3.601  0.981   -0.493  1.00 6.35  ? 108 GLY A O     1 
ATOM   602  N  N     . GLU C 3 55  ? -3.797  3.083   0.304   1.00 6.10  ? 109 GLU A N     1 
ATOM   603  C  CA    . GLU C 3 55  ? -2.333  3.237   0.440   1.00 6.10  ? 109 GLU A CA    1 
ATOM   604  C  C     . GLU C 3 55  ? -1.787  2.219   1.453   1.00 5.77  ? 109 GLU A C     1 
ATOM   605  O  O     . GLU C 3 55  ? -0.718  1.652   1.274   1.00 5.21  ? 109 GLU A O     1 
ATOM   606  C  CB    . GLU C 3 55  ? -1.969  4.653   0.948   1.00 6.50  ? 109 GLU A CB    1 
ATOM   607  C  CG    . GLU C 3 55  ? -2.281  5.792   0.008   1.00 7.28  ? 109 GLU A CG    1 
ATOM   608  C  CD    . GLU C 3 55  ? -1.230  6.051   -1.040  1.00 8.64  ? 109 GLU A CD    1 
ATOM   609  O  OE1   . GLU C 3 55  ? -0.395  5.196   -1.315  1.00 9.43  ? 109 GLU A OE1   1 
ATOM   610  O  OE2   . GLU C 3 55  ? -1.349  7.141   -1.679  1.00 11.29 ? 109 GLU A OE2   1 
ATOM   611  N  N     . PHE C 3 56  ? -2.538  1.976   2.536   1.00 5.91  ? 110 PHE A N     1 
ATOM   612  C  CA    . PHE C 3 56  ? -2.158  0.993   3.555   1.00 6.20  ? 110 PHE A CA    1 
ATOM   613  C  C     . PHE C 3 56  ? -2.169  -0.439  3.025   1.00 6.17  ? 110 PHE A C     1 
ATOM   614  O  O     . PHE C 3 56  ? -1.232  -1.191  3.202   1.00 6.07  ? 110 PHE A O     1 
ATOM   615  C  CB    . PHE C 3 56  ? -3.128  1.157   4.729   1.00 6.80  ? 110 PHE A CB    1 
ATOM   616  C  CG    . PHE C 3 56  ? -3.060  0.078   5.762   1.00 7.09  ? 110 PHE A CG    1 
ATOM   617  C  CD1   . PHE C 3 56  ? -2.080  0.112   6.750   1.00 8.11  ? 110 PHE A CD1   1 
ATOM   618  C  CD2   . PHE C 3 56  ? -4.024  -0.900  5.777   1.00 7.80  ? 110 PHE A CD2   1 
ATOM   619  C  CE1   . PHE C 3 56  ? -2.042  -0.912  7.739   1.00 7.47  ? 110 PHE A CE1   1 
ATOM   620  C  CE2   . PHE C 3 56  ? -3.990  -1.915  6.741   1.00 8.02  ? 110 PHE A CE2   1 
ATOM   621  C  CZ    . PHE C 3 56  ? -3.010  -1.895  7.707   1.00 7.95  ? 110 PHE A CZ    1 
ATOM   622  N  N     . LEU C 3 57  ? -3.255  -0.804  2.399   1.00 6.03  ? 111 LEU A N     1 
ATOM   623  C  CA    . LEU C 3 57  ? -3.372  -2.131  1.771   1.00 6.09  ? 111 LEU A CA    1 
ATOM   624  C  C     . LEU C 3 57  ? -2.259  -2.367  0.731   1.00 5.94  ? 111 LEU A C     1 
ATOM   625  O  O     . LEU C 3 57  ? -1.744  -3.468  0.608   1.00 6.06  ? 111 LEU A O     1 
ATOM   626  C  CB    . LEU C 3 57  ? -4.760  -2.291  1.126   1.00 6.37  ? 111 LEU A CB    1 
ATOM   627  C  CG    . LEU C 3 57  ? -5.979  -2.318  2.093   1.00 6.82  ? 111 LEU A CG    1 
ATOM   628  C  CD1   . LEU C 3 57  ? -7.235  -2.484  1.310   1.00 7.32  ? 111 LEU A CD1   1 
ATOM   629  C  CD2   . LEU C 3 57  ? -5.826  -3.491  3.038   1.00 7.23  ? 111 LEU A CD2   1 
ATOM   630  N  N     . ALA C 3 58  ? -1.914  -1.318  -0.046  1.00 5.94  ? 112 ALA A N     1 
ATOM   631  C  CA    . ALA C 3 58  ? -0.829  -1.467  -0.994  1.00 6.00  ? 112 ALA A CA    1 
ATOM   632  C  C     . ALA C 3 58  ? 0.505   -1.789  -0.322  1.00 5.72  ? 112 ALA A C     1 
ATOM   633  O  O     . ALA C 3 58  ? 1.266   -2.630  -0.780  1.00 5.50  ? 112 ALA A O     1 
ATOM   634  C  CB    . ALA C 3 58  ? -0.685  -0.192  -1.804  1.00 6.03  ? 112 ALA A CB    1 
ATOM   635  N  N     . ILE C 3 59  ? 0.827   -1.121  0.779   1.00 5.07  ? 113 ILE A N     1 
ATOM   636  C  CA    . ILE C 3 59  ? 2.071   -1.427  1.509   1.00 5.35  ? 113 ILE A CA    1 
ATOM   637  C  C     . ILE C 3 59  ? 2.065   -2.868  2.020   1.00 5.81  ? 113 ILE A C     1 
ATOM   638  O  O     . ILE C 3 59  ? 3.045   -3.627  1.862   1.00 5.56  ? 113 ILE A O     1 
ATOM   639  C  CB    . ILE C 3 59  ? 2.389   -0.461  2.676   1.00 5.23  ? 113 ILE A CB    1 
ATOM   640  C  CG1   . ILE C 3 59  ? 2.546   0.939   2.082   1.00 5.26  ? 113 ILE A CG1   1 
ATOM   641  C  CG2   . ILE C 3 59  ? 3.682   -0.867  3.433   1.00 5.06  ? 113 ILE A CG2   1 
ATOM   642  C  CD1   . ILE C 3 59  ? 2.699   2.049   3.120   1.00 5.35  ? 113 ILE A CD1   1 
ATOM   643  N  N     . VAL C 3 60  ? 0.990   -3.215  2.681   1.00 5.98  ? 114 VAL A N     1 
ATOM   644  C  CA    . VAL C 3 60  ? 0.946   -4.517  3.263   1.00 6.40  ? 114 VAL A CA    1 
ATOM   645  C  C     . VAL C 3 60  ? 0.968   -5.628  2.227   1.00 7.07  ? 114 VAL A C     1 
ATOM   646  O  O     . VAL C 3 60  ? 1.670   -6.629  2.440   1.00 5.87  ? 114 VAL A O     1 
ATOM   647  C  CB    . VAL C 3 60  ? -0.272  -4.710  4.193   1.00 6.59  ? 114 VAL A CB    1 
ATOM   648  C  CG1   . VAL C 3 60  ? -0.255  -6.137  4.747   1.00 7.23  ? 114 VAL A CG1   1 
ATOM   649  C  CG2   . VAL C 3 60  ? -0.239  -3.694  5.305   1.00 6.65  ? 114 VAL A CG2   1 
ATOM   650  N  N     . HIS C 3 61  ? 0.204   -5.443  1.143   1.00 7.50  ? 115 HIS A N     1 
ATOM   651  C  CA    . HIS C 3 61  ? 0.345   -6.308  -0.052  1.00 9.00  ? 115 HIS A CA    1 
ATOM   652  C  C     . HIS C 3 61  ? 1.814   -6.410  -0.501  1.00 8.14  ? 115 HIS A C     1 
ATOM   653  O  O     . HIS C 3 61  ? 2.300   -7.510  -0.687  1.00 7.10  ? 115 HIS A O     1 
ATOM   654  C  CB    . HIS C 3 61  ? -0.502  -5.914  -1.258  1.00 10.27 ? 115 HIS A CB    1 
ATOM   655  C  CG    . HIS C 3 61  ? -0.699  -7.052  -2.211  1.00 12.99 ? 115 HIS A CG    1 
ATOM   656  N  ND1   . HIS C 3 61  ? 0.252   -7.432  -3.123  1.00 15.03 ? 115 HIS A ND1   1 
ATOM   657  C  CD2   . HIS C 3 61  ? -1.716  -7.919  -2.361  1.00 17.78 ? 115 HIS A CD2   1 
ATOM   658  C  CE1   . HIS C 3 61  ? -0.125  -8.533  -3.736  1.00 15.03 ? 115 HIS A CE1   1 
ATOM   659  N  NE2   . HIS C 3 61  ? -1.330  -8.837  -3.332  1.00 17.80 ? 115 HIS A NE2   1 
ATOM   660  N  N     . GLY C 3 62  ? 2.497   -5.295  -0.664  1.00 7.73  ? 116 GLY A N     1 
ATOM   661  C  CA    . GLY C 3 62  ? 3.932   -5.345  -0.946  1.00 7.79  ? 116 GLY A CA    1 
ATOM   662  C  C     . GLY C 3 62  ? 4.788   -6.136  0.046   1.00 7.18  ? 116 GLY A C     1 
ATOM   663  O  O     . GLY C 3 62  ? 5.689   -6.886  -0.337  1.00 8.06  ? 116 GLY A O     1 
ATOM   664  N  N     . LEU C 3 63  ? 4.583   -5.937  1.347   1.00 7.57  ? 117 LEU A N     1 
ATOM   665  C  CA    . LEU C 3 63  ? 5.309   -6.713  2.329   1.00 7.68  ? 117 LEU A CA    1 
ATOM   666  C  C     . LEU C 3 63  ? 5.117   -8.203  2.088   1.00 7.76  ? 117 LEU A C     1 
ATOM   667  O  O     . LEU C 3 63  ? 6.065   -8.990  2.154   1.00 7.63  ? 117 LEU A O     1 
ATOM   668  C  CB    . LEU C 3 63  ? 4.877   -6.329  3.747   1.00 8.06  ? 117 LEU A CB    1 
ATOM   669  C  CG    . LEU C 3 63  ? 5.299   -4.959  4.199   1.00 8.20  ? 117 LEU A CG    1 
ATOM   670  C  CD1   . LEU C 3 63  ? 4.476   -4.579  5.435   1.00 9.34  ? 117 LEU A CD1   1 
ATOM   671  C  CD2   . LEU C 3 63  ? 6.809   -4.859  4.439   1.00 9.05  ? 117 LEU A CD2   1 
ATOM   672  N  N     . ARG C 3 64  ? 3.862   -8.574  1.845   1.00 8.29  ? 118 ARG A N     1 
ATOM   673  C  CA    . ARG C 3 64  ? 3.494   -10.002 1.629   1.00 9.22  ? 118 ARG A CA    1 
ATOM   674  C  C     . ARG C 3 64  ? 4.115   -10.552 0.352   1.00 8.65  ? 118 ARG A C     1 
ATOM   675  O  O     . ARG C 3 64  ? 4.660   -11.665 0.368   1.00 8.38  ? 118 ARG A O     1 
ATOM   676  C  CB    . ARG C 3 64  ? 1.990   -10.167 1.565   1.00 10.19 ? 118 ARG A CB    1 
ATOM   677  C  CG    . ARG C 3 64  ? 1.319   -9.878  2.901   1.00 12.79 ? 118 ARG A CG    1 
ATOM   678  C  CD    . ARG C 3 64  ? -0.188  -9.977  2.821   1.00 15.02 ? 118 ARG A CD    1 
ATOM   679  N  NE    . ARG C 3 64  ? -0.569  -11.417 2.853   1.00 17.03 ? 118 ARG A NE    1 
ATOM   680  C  CZ    . ARG C 3 64  ? -1.769  -11.867 3.242   1.00 18.28 ? 118 ARG A CZ    1 
ATOM   681  N  NH1   . ARG C 3 64  ? -2.723  -11.049 3.631   1.00 15.97 ? 118 ARG A NH1   1 
ATOM   682  N  NH2   . ARG C 3 64  ? -1.993  -13.174 3.238   1.00 19.89 ? 118 ARG A NH2   1 
ATOM   683  N  N     . TYR C 3 65  ? 4.100   -9.724  -0.676  1.00 8.64  ? 119 TYR A N     1 
ATOM   684  C  CA    . TYR C 3 65  ? 4.610   -10.090 -2.005  1.00 9.36  ? 119 TYR A CA    1 
ATOM   685  C  C     . TYR C 3 65  ? 6.142   -10.367 -1.888  1.00 8.85  ? 119 TYR A C     1 
ATOM   686  O  O     . TYR C 3 65  ? 6.685   -11.327 -2.380  1.00 8.29  ? 119 TYR A O     1 
ATOM   687  C  CB    . TYR C 3 65  ? 4.316   -8.951  -2.965  1.00 9.75  ? 119 TYR A CB    1 
ATOM   688  C  CG    . TYR C 3 65  ? 4.897   -9.176  -4.350  1.00 10.21 ? 119 TYR A CG    1 
ATOM   689  C  CD1   . TYR C 3 65  ? 6.150   -8.717  -4.685  1.00 10.86 ? 119 TYR A CD1   1 
ATOM   690  C  CD2   . TYR C 3 65  ? 4.122   -9.824  -5.336  1.00 11.84 ? 119 TYR A CD2   1 
ATOM   691  C  CE1   . TYR C 3 65  ? 6.678   -8.941  -5.936  1.00 11.52 ? 119 TYR A CE1   1 
ATOM   692  C  CE2   . TYR C 3 65  ? 4.620   -10.030 -6.624  1.00 11.34 ? 119 TYR A CE2   1 
ATOM   693  C  CZ    . TYR C 3 65  ? 5.883   -9.605  -6.895  1.00 13.03 ? 119 TYR A CZ    1 
ATOM   694  O  OH    . TYR C 3 65  ? 6.392   -9.778  -8.142  1.00 13.10 ? 119 TYR A OH    1 
ATOM   695  N  N     . LEU C 3 66  ? 6.828   -9.448  -1.242  1.00 9.47  ? 120 LEU A N     1 
ATOM   696  C  CA    . LEU C 3 66  ? 8.259   -9.569  -1.045  1.00 9.17  ? 120 LEU A CA    1 
ATOM   697  C  C     . LEU C 3 66  ? 8.644   -10.718 -0.101  1.00 8.67  ? 120 LEU A C     1 
ATOM   698  O  O     . LEU C 3 66  ? 9.575   -11.433 -0.387  1.00 9.48  ? 120 LEU A O     1 
ATOM   699  C  CB    . LEU C 3 66  ? 8.787   -8.208  -0.549  1.00 9.04  ? 120 LEU A CB    1 
ATOM   700  C  CG    . LEU C 3 66  ? 8.699   -7.119  -1.610  1.00 8.35  ? 120 LEU A CG    1 
ATOM   701  C  CD1   . LEU C 3 66  ? 9.139   -5.767  -1.002  1.00 9.43  ? 120 LEU A CD1   1 
ATOM   702  C  CD2   . LEU C 3 66  ? 9.521   -7.415  -2.883  1.00 9.34  ? 120 LEU A CD2   1 
ATOM   703  N  N     . LYS C 3 67  ? 7.912   -10.894 0.981   1.00 8.72  ? 121 LYS A N     1 
ATOM   704  C  CA    . LYS C 3 67  ? 8.151   -11.949 1.928   1.00 9.98  ? 121 LYS A CA    1 
ATOM   705  C  C     . LYS C 3 67  ? 7.995   -13.302 1.261   1.00 10.78 ? 121 LYS A C     1 
ATOM   706  O  O     . LYS C 3 67  ? 8.881   -14.138 1.421   1.00 10.85 ? 121 LYS A O     1 
ATOM   707  C  CB    . LYS C 3 67  ? 7.249   -11.842 3.123   1.00 11.13 ? 121 LYS A CB    1 
ATOM   708  C  CG    . LYS C 3 67  ? 7.394   -13.001 4.115   1.00 13.30 ? 121 LYS A CG    1 
ATOM   709  C  CD    . LYS C 3 67  ? 7.354   -12.596 5.531   1.00 16.09 ? 121 LYS A CD    1 
ATOM   710  C  CE    . LYS C 3 67  ? 7.727   -13.753 6.432   1.00 17.28 ? 121 LYS A CE    1 
ATOM   711  N  NZ    . LYS C 3 67  ? 8.863   -13.377 7.292   1.00 16.17 ? 121 LYS A NZ    1 
ATOM   712  N  N     . GLU C 3 68  ? 6.928   -13.480 0.514   1.00 11.25 ? 122 GLU A N     1 
ATOM   713  C  CA    . GLU C 3 68  ? 6.640   -14.765 -0.168  1.00 13.24 ? 122 GLU A CA    1 
ATOM   714  C  C     . GLU C 3 68  ? 7.744   -15.097 -1.176  1.00 13.35 ? 122 GLU A C     1 
ATOM   715  O  O     . GLU C 3 68  ? 7.958   -16.290 -1.512  1.00 13.69 ? 122 GLU A O     1 
ATOM   716  C  CB    . GLU C 3 68  ? 5.306   -14.691 -0.920  1.00 17.51 ? 122 GLU A CB    1 
ATOM   717  C  CG    . GLU C 3 68  ? 4.804   -15.987 -1.541  1.00 22.49 ? 122 GLU A CG    1 
ATOM   718  C  CD    . GLU C 3 68  ? 4.459   -17.020 -0.496  1.00 29.76 ? 122 GLU A CD    1 
ATOM   719  O  OE1   . GLU C 3 68  ? 4.258   -16.620 0.666   1.00 32.47 ? 122 GLU A OE1   1 
ATOM   720  O  OE2   . GLU C 3 68  ? 4.425   -18.246 -0.828  1.00 42.11 ? 122 GLU A OE2   1 
ATOM   721  N  N     . ARG C 3 69  ? 8.376   -14.086 -1.748  1.00 12.55 ? 123 ARG A N     1 
ATOM   722  C  CA    . ARG C 3 69  ? 9.506   -14.248 -2.681  1.00 12.05 ? 123 ARG A CA    1 
ATOM   723  C  C     . ARG C 3 69  ? 10.936  -14.137 -2.137  1.00 12.04 ? 123 ARG A C     1 
ATOM   724  O  O     . ARG C 3 69  ? 11.891  -14.149 -2.928  1.00 10.97 ? 123 ARG A O     1 
ATOM   725  C  CB    . ARG C 3 69  ? 9.321   -13.317 -3.846  1.00 12.30 ? 123 ARG A CB    1 
ATOM   726  C  CG    . ARG C 3 69  ? 8.051   -13.676 -4.604  1.00 12.87 ? 123 ARG A CG    1 
ATOM   727  C  CD    . ARG C 3 69  ? 7.569   -12.547 -5.528  1.00 13.55 ? 123 ARG A CD    1 
ATOM   728  N  NE    . ARG C 3 69  ? 6.348   -12.945 -6.261  1.00 12.88 ? 123 ARG A NE    1 
ATOM   729  C  CZ    . ARG C 3 69  ? 5.136   -13.122 -5.674  1.00 15.82 ? 123 ARG A CZ    1 
ATOM   730  N  NH1   . ARG C 3 69  ? 4.936   -12.899 -4.348  1.00 13.42 ? 123 ARG A NH1   1 
ATOM   731  N  NH2   . ARG C 3 69  ? 4.074   -13.510 -6.400  1.00 15.51 ? 123 ARG A NH2   1 
ATOM   732  N  N     . ASN C 3 70  ? 11.074  -14.143 -0.829  1.00 11.01 ? 124 ASN A N     1 
ATOM   733  C  CA    . ASN C 3 70  ? 12.338  -14.052 -0.160  1.00 12.59 ? 124 ASN A CA    1 
ATOM   734  C  C     . ASN C 3 70  ? 13.159  -12.848 -0.598  1.00 12.44 ? 124 ASN A C     1 
ATOM   735  O  O     . ASN C 3 70  ? 14.366  -12.930 -0.766  1.00 15.29 ? 124 ASN A O     1 
ATOM   736  C  CB    . ASN C 3 70  ? 13.109  -15.346 -0.285  1.00 13.61 ? 124 ASN A CB    1 
ATOM   737  C  CG    . ASN C 3 70  ? 12.473  -16.464 0.507   1.00 14.46 ? 124 ASN A CG    1 
ATOM   738  O  OD1   . ASN C 3 70  ? 12.344  -17.558 0.028   1.00 20.43 ? 124 ASN A OD1   1 
ATOM   739  N  ND2   . ASN C 3 70  ? 12.165  -16.226 1.711   1.00 15.23 ? 124 ASN A ND2   1 
ATOM   740  N  N     . SER C 3 71  ? 12.490  -11.721 -0.814  1.00 11.18 ? 125 SER A N     1 
ATOM   741  C  CA    . SER C 3 71  ? 13.149  -10.512 -1.258  1.00 10.46 ? 125 SER A CA    1 
ATOM   742  C  C     . SER C 3 71  ? 13.310  -9.528  -0.114  1.00 11.50 ? 125 SER A C     1 
ATOM   743  O  O     . SER C 3 71  ? 12.401  -9.296  0.626   1.00 11.13 ? 125 SER A O     1 
ATOM   744  C  CB    . SER C 3 71  ? 12.329  -9.829  -2.356  1.00 11.24 ? 125 SER A CB    1 
ATOM   745  O  OG    . SER C 3 71  ? 12.925  -8.578  -2.767  1.00 10.96 ? 125 SER A OG    1 
ATOM   746  N  N     . ARG C 3 72  ? 14.475  -8.897  -0.070  1.00 10.73 ? 126 ARG A N     1 
ATOM   747  C  CA    . ARG C 3 72  ? 14.825  -7.930  0.938   1.00 10.46 ? 126 ARG A CA    1 
ATOM   748  C  C     . ARG C 3 72  ? 14.641  -6.519  0.442   1.00 10.99 ? 126 ARG A C     1 
ATOM   749  O  O     . ARG C 3 72  ? 14.969  -5.564  1.182   1.00 10.34 ? 126 ARG A O     1 
ATOM   750  C  CB    . ARG C 3 72  ? 16.271  -8.229  1.424   1.00 10.80 ? 126 ARG A CB    1 
ATOM   751  C  CG    . ARG C 3 72  ? 16.359  -9.421  2.330   1.00 11.40 ? 126 ARG A CG    1 
ATOM   752  C  CD    . ARG C 3 72  ? 17.741  -9.813  2.788   1.00 12.70 ? 126 ARG A CD    1 
ATOM   753  N  NE    . ARG C 3 72  ? 18.420  -8.695  3.450   1.00 13.45 ? 126 ARG A NE    1 
ATOM   754  C  CZ    . ARG C 3 72  ? 18.297  -8.354  4.718   1.00 15.41 ? 126 ARG A CZ    1 
ATOM   755  N  NH1   . ARG C 3 72  ? 17.479  -8.987  5.540   1.00 18.31 ? 126 ARG A NH1   1 
ATOM   756  N  NH2   . ARG C 3 72  ? 18.960  -7.311  5.155   1.00 17.59 ? 126 ARG A NH2   1 
ATOM   757  N  N     . LYS C 3 73  ? 14.086  -6.346  -0.767  1.00 10.66 ? 127 LYS A N     1 
ATOM   758  C  CA    . LYS C 3 73  ? 13.931  -4.979  -1.304  1.00 11.02 ? 127 LYS A CA    1 
ATOM   759  C  C     . LYS C 3 73  ? 13.080  -4.084  -0.358  1.00 9.80  ? 127 LYS A C     1 
ATOM   760  O  O     . LYS C 3 73  ? 12.112  -4.555  0.258   1.00 9.58  ? 127 LYS A O     1 
ATOM   761  C  CB    . LYS C 3 73  ? 13.200  -4.957  -2.650  1.00 13.32 ? 127 LYS A CB    1 
ATOM   762  C  CG    . LYS C 3 73  ? 14.017  -5.464  -3.807  1.00 16.76 ? 127 LYS A CG    1 
ATOM   763  C  CD    . LYS C 3 73  ? 13.243  -5.530  -5.100  1.00 18.89 ? 127 LYS A CD    1 
ATOM   764  C  CE    . LYS C 3 73  ? 14.223  -6.183  -6.109  1.00 20.51 ? 127 LYS A CE    1 
ATOM   765  N  NZ    . LYS C 3 73  ? 13.632  -6.141  -7.443  1.00 22.53 ? 127 LYS A NZ    1 
ATOM   766  N  N     . PRO C 3 74  ? 13.426  -2.795  -0.282  1.00 8.92  ? 128 PRO A N     1 
ATOM   767  C  CA    . PRO C 3 74  ? 12.528  -1.897  0.420   1.00 9.06  ? 128 PRO A CA    1 
ATOM   768  C  C     . PRO C 3 74  ? 11.276  -1.632  -0.416  1.00 8.11  ? 128 PRO A C     1 
ATOM   769  O  O     . PRO C 3 74  ? 11.238  -1.889  -1.634  1.00 7.84  ? 128 PRO A O     1 
ATOM   770  C  CB    . PRO C 3 74  ? 13.353  -0.582  0.542   1.00 9.60  ? 128 PRO A CB    1 
ATOM   771  C  CG    . PRO C 3 74  ? 14.695  -0.871  0.039   1.00 9.91  ? 128 PRO A CG    1 
ATOM   772  C  CD    . PRO C 3 74  ? 14.644  -2.147  -0.757  1.00 8.85  ? 128 PRO A CD    1 
ATOM   773  N  N     . ILE C 3 75  ? 10.296  -1.005  0.245   1.00 7.71  ? 129 ILE A N     1 
ATOM   774  C  CA    . ILE C 3 75  ? 9.077   -0.536  -0.330  1.00 7.68  ? 129 ILE A CA    1 
ATOM   775  C  C     . ILE C 3 75  ? 9.049   0.983   -0.188  1.00 7.69  ? 129 ILE A C     1 
ATOM   776  O  O     . ILE C 3 75  ? 9.262   1.508   0.918   1.00 9.30  ? 129 ILE A O     1 
ATOM   777  C  CB    . ILE C 3 75  ? 7.814   -1.090  0.411   1.00 7.58  ? 129 ILE A CB    1 
ATOM   778  C  CG1   . ILE C 3 75  ? 7.798   -2.614  0.229   1.00 8.65  ? 129 ILE A CG1   1 
ATOM   779  C  CG2   . ILE C 3 75  ? 6.576   -0.445  -0.212  1.00 7.91  ? 129 ILE A CG2   1 
ATOM   780  C  CD1   . ILE C 3 75  ? 6.714   -3.371  0.988   1.00 8.97  ? 129 ILE A CD1   1 
ATOM   781  N  N     . TYR C 3 76  ? 8.763   1.650   -1.277  1.00 7.60  ? 130 TYR A N     1 
ATOM   782  C  CA    . TYR C 3 76  ? 8.451   3.071   -1.293  1.00 6.58  ? 130 TYR A CA    1 
ATOM   783  C  C     . TYR C 3 76  ? 6.933   3.258   -1.328  1.00 6.59  ? 130 TYR A C     1 
ATOM   784  O  O     . TYR C 3 76  ? 6.197   2.646   -2.168  1.00 6.84  ? 130 TYR A O     1 
ATOM   785  C  CB    . TYR C 3 76  ? 9.035   3.791   -2.523  1.00 7.37  ? 130 TYR A CB    1 
ATOM   786  C  CG    . TYR C 3 76  ? 10.443  4.188   -2.393  1.00 7.74  ? 130 TYR A CG    1 
ATOM   787  C  CD1   . TYR C 3 76  ? 10.840  5.228   -1.489  1.00 8.60  ? 130 TYR A CD1   1 
ATOM   788  C  CD2   . TYR C 3 76  ? 11.417  3.626   -3.204  1.00 9.05  ? 130 TYR A CD2   1 
ATOM   789  C  CE1   . TYR C 3 76  ? 12.142  5.637   -1.406  1.00 9.30  ? 130 TYR A CE1   1 
ATOM   790  C  CE2   . TYR C 3 76  ? 12.728  3.993   -3.075  1.00 9.36  ? 130 TYR A CE2   1 
ATOM   791  C  CZ    . TYR C 3 76  ? 13.091  5.027   -2.208  1.00 10.06 ? 130 TYR A CZ    1 
ATOM   792  O  OH    . TYR C 3 76  ? 14.434  5.374   -2.141  1.00 12.28 ? 130 TYR A OH    1 
ATOM   793  N  N     . SER C 3 77  ? 6.465   4.151   -0.486  1.00 6.31  ? 131 SER A N     1 
ATOM   794  C  CA    . SER C 3 77  ? 5.124   4.703   -0.540  1.00 6.48  ? 131 SER A CA    1 
ATOM   795  C  C     . SER C 3 77  ? 5.235   6.217   -0.413  1.00 7.02  ? 131 SER A C     1 
ATOM   796  O  O     . SER C 3 77  ? 6.097   6.674   0.296   1.00 7.50  ? 131 SER A O     1 
ATOM   797  C  CB    . SER C 3 77  ? 4.308   4.245   0.665   1.00 6.45  ? 131 SER A CB    1 
ATOM   798  O  OG    . SER C 3 77  ? 3.059   4.887   0.795   1.00 6.58  ? 131 SER A OG    1 
ATOM   799  N  N     . ASN C 3 78  ? 4.329   6.961   -1.009  1.00 6.87  ? 132 ASN A N     1 
ATOM   800  C  CA    . ASN C 3 78  ? 4.327   8.439   -0.772  1.00 7.34  ? 132 ASN A CA    1 
ATOM   801  C  C     . ASN C 3 78  ? 3.394   8.831   0.343   1.00 7.17  ? 132 ASN A C     1 
ATOM   802  O  O     . ASN C 3 78  ? 3.195   10.008  0.578   1.00 7.80  ? 132 ASN A O     1 
ATOM   803  C  CB    . ASN C 3 78  ? 4.025   9.191   -2.052  1.00 8.49  ? 132 ASN A CB    1 
ATOM   804  C  CG    . ASN C 3 78  ? 2.655   8.968   -2.582  1.00 9.76  ? 132 ASN A CG    1 
ATOM   805  O  OD1   . ASN C 3 78  ? 1.720   8.544   -1.856  1.00 12.29 ? 132 ASN A OD1   1 
ATOM   806  N  ND2   . ASN C 3 78  ? 2.478   9.291   -3.843  1.00 11.44 ? 132 ASN A ND2   1 
ATOM   807  N  N     . SER C 3 79  ? 2.814   7.844   1.042   1.00 7.20  ? 133 SER A N     1 
ATOM   808  C  CA    . SER C 3 79  ? 1.707   8.126   1.992   1.00 7.57  ? 133 SER A CA    1 
ATOM   809  C  C     . SER C 3 79  ? 2.258   8.176   3.415   1.00 8.22  ? 133 SER A C     1 
ATOM   810  O  O     . SER C 3 79  ? 2.524   7.111   4.013   1.00 7.35  ? 133 SER A O     1 
ATOM   811  C  CB    . SER C 3 79  ? 0.647   6.987   1.942   1.00 7.20  ? 133 SER A CB    1 
ATOM   812  O  OG    . SER C 3 79  ? -0.416  7.222   2.844   1.00 7.09  ? 133 SER A OG    1 
ATOM   813  N  N     . GLN C 3 80  ? 2.438   9.357   3.998   1.00 9.23  ? 134 GLN A N     1 
ATOM   814  C  CA    . GLN C 3 80  ? 2.791   9.409   5.427   1.00 11.73 ? 134 GLN A CA    1 
ATOM   815  C  C     . GLN C 3 80  ? 1.783   8.713   6.359   1.00 9.61  ? 134 GLN A C     1 
ATOM   816  O  O     . GLN C 3 80  ? 2.174   7.984   7.308   1.00 11.24 ? 134 GLN A O     1 
ATOM   817  C  CB    . GLN C 3 80  ? 3.197   10.824  5.960   1.00 16.31 ? 134 GLN A CB    1 
ATOM   818  C  CG    . GLN C 3 80  ? 2.366   11.994  5.567   1.00 23.65 ? 134 GLN A CG    1 
ATOM   819  C  CD    . GLN C 3 80  ? 2.667   13.405  6.258   1.00 30.82 ? 134 GLN A CD    1 
ATOM   820  O  OE1   . GLN C 3 80  ? 3.810   13.979  6.160   1.00 31.39 ? 134 GLN A OE1   1 
ATOM   821  N  NE2   . GLN C 3 80  ? 1.565   14.043  6.834   1.00 25.95 ? 134 GLN A NE2   1 
ATOM   822  N  N     . THR C 3 81  ? 0.528   8.770   6.015   1.00 8.57  ? 135 THR A N     1 
ATOM   823  C  CA    . THR C 3 81  ? -0.545  8.088   6.786   1.00 8.15  ? 135 THR A CA    1 
ATOM   824  C  C     . THR C 3 81  ? -0.358  6.605   6.785   1.00 8.22  ? 135 THR A C     1 
ATOM   825  O  O     . THR C 3 81  ? -0.368  5.938   7.863   1.00 8.06  ? 135 THR A O     1 
ATOM   826  C  CB    . THR C 3 81  ? -1.939  8.471   6.288   1.00 8.78  ? 135 THR A CB    1 
ATOM   827  O  OG1   . THR C 3 81  ? -2.232  9.867   6.520   1.00 8.98  ? 135 THR A OG1   1 
ATOM   828  C  CG2   . THR C 3 81  ? -3.041  7.626   6.942   1.00 8.53  ? 135 THR A CG2   1 
ATOM   829  N  N     . ALA C 3 82  ? -0.238  6.059   5.600   1.00 7.10  ? 136 ALA A N     1 
ATOM   830  C  CA    . ALA C 3 82  ? -0.133  4.609   5.491   1.00 7.32  ? 136 ALA A CA    1 
ATOM   831  C  C     . ALA C 3 82  ? 1.119   4.041   6.099   1.00 7.36  ? 136 ALA A C     1 
ATOM   832  O  O     . ALA C 3 82  ? 1.065   2.924   6.684   1.00 7.06  ? 136 ALA A O     1 
ATOM   833  C  CB    . ALA C 3 82  ? -0.265  4.175   4.058   1.00 7.54  ? 136 ALA A CB    1 
ATOM   834  N  N     . ILE C 3 83  ? 2.232   4.750   5.963   1.00 7.80  ? 137 ILE A N     1 
ATOM   835  C  CA    . ILE C 3 83  ? 3.470   4.367   6.544   1.00 9.32  ? 137 ILE A CA    1 
ATOM   836  C  C     . ILE C 3 83  ? 3.315   4.273   8.057   1.00 9.76  ? 137 ILE A C     1 
ATOM   837  O  O     . ILE C 3 83  ? 3.741   3.271   8.682   1.00 9.53  ? 137 ILE A O     1 
ATOM   838  C  CB    . ILE C 3 83  ? 4.613   5.281   6.099   1.00 9.48  ? 137 ILE A CB    1 
ATOM   839  C  CG1   . ILE C 3 83  ? 4.890   5.095   4.583   1.00 9.61  ? 137 ILE A CG1   1 
ATOM   840  C  CG2   . ILE C 3 83  ? 5.883   5.023   6.886   1.00 10.88 ? 137 ILE A CG2   1 
ATOM   841  C  CD1   . ILE C 3 83  ? 5.836   6.117   4.016   1.00 9.61  ? 137 ILE A CD1   1 
ATOM   842  N  N     . LYS C 3 84  ? 2.650   5.256   8.625   1.00 10.23 ? 138 LYS A N     1 
ATOM   843  C  CA    . LYS C 3 84  ? 2.390   5.224   10.057  1.00 11.35 ? 138 LYS A CA    1 
ATOM   844  C  C     . LYS C 3 84  ? 1.477   4.101   10.466  1.00 11.16 ? 138 LYS A C     1 
ATOM   845  O  O     . LYS C 3 84  ? 1.713   3.387   11.476  1.00 12.33 ? 138 LYS A O     1 
ATOM   846  C  CB    . LYS C 3 84  ? 1.822   6.515   10.513  1.00 12.99 ? 138 LYS A CB    1 
ATOM   847  C  CG    . LYS C 3 84  ? 1.585   6.491   12.045  1.00 15.62 ? 138 LYS A CG    1 
ATOM   848  C  CD    . LYS C 3 84  ? 1.127   7.813   12.554  1.00 17.07 ? 138 LYS A CD    1 
ATOM   849  C  CE    . LYS C 3 84  ? 1.259   7.826   14.104  1.00 19.41 ? 138 LYS A CE    1 
ATOM   850  N  NZ    . LYS C 3 84  ? 0.194   6.936   14.630  1.00 19.25 ? 138 LYS A NZ    1 
ATOM   851  N  N     . TRP C 3 85  ? 0.388   3.914   9.721   1.00 9.88  ? 139 TRP A N     1 
ATOM   852  C  CA    . TRP C 3 85  ? -0.503  2.809   10.023  1.00 9.07  ? 139 TRP A CA    1 
ATOM   853  C  C     . TRP C 3 85  ? 0.217   1.453   9.987   1.00 9.51  ? 139 TRP A C     1 
ATOM   854  O  O     . TRP C 3 85  ? -0.078  0.546   10.807  1.00 9.44  ? 139 TRP A O     1 
ATOM   855  C  CB    . TRP C 3 85  ? -1.715  2.803   9.099   1.00 9.49  ? 139 TRP A CB    1 
ATOM   856  C  CG    . TRP C 3 85  ? -2.734  3.960   9.269   1.00 9.42  ? 139 TRP A CG    1 
ATOM   857  C  CD1   . TRP C 3 85  ? -2.701  4.971   10.198  1.00 9.36  ? 139 TRP A CD1   1 
ATOM   858  C  CD2   . TRP C 3 85  ? -3.841  4.223   8.450   1.00 9.34  ? 139 TRP A CD2   1 
ATOM   859  N  NE1   . TRP C 3 85  ? -3.719  5.787   10.034  1.00 10.05 ? 139 TRP A NE1   1 
ATOM   860  C  CE2   . TRP C 3 85  ? -4.472  5.364   8.980   1.00 9.92  ? 139 TRP A CE2   1 
ATOM   861  C  CE3   . TRP C 3 85  ? -4.454  3.536   7.384   1.00 9.33  ? 139 TRP A CE3   1 
ATOM   862  C  CZ2   . TRP C 3 85  ? -5.683  5.877   8.440   1.00 9.48  ? 139 TRP A CZ2   1 
ATOM   863  C  CZ3   . TRP C 3 85  ? -5.619  4.058   6.835   1.00 9.22  ? 139 TRP A CZ3   1 
ATOM   864  C  CH2   . TRP C 3 85  ? -6.205  5.218   7.348   1.00 9.16  ? 139 TRP A CH2   1 
ATOM   865  N  N     . VAL C 3 86  ? 1.087   1.236   9.004   1.00 8.71  ? 140 VAL A N     1 
ATOM   866  C  CA    . VAL C 3 86  ? 1.755   -0.026  8.901   1.00 9.14  ? 140 VAL A CA    1 
ATOM   867  C  C     . VAL C 3 86  ? 2.683   -0.223  10.101  1.00 10.43 ? 140 VAL A C     1 
ATOM   868  O  O     . VAL C 3 86  ? 2.675   -1.284  10.737  1.00 9.82  ? 140 VAL A O     1 
ATOM   869  C  CB    . VAL C 3 86  ? 2.528   -0.151  7.543   1.00 9.37  ? 140 VAL A CB    1 
ATOM   870  C  CG1   . VAL C 3 86  ? 3.417   -1.404  7.580   1.00 9.69  ? 140 VAL A CG1   1 
ATOM   871  C  CG2   . VAL C 3 86  ? 1.546   -0.192  6.437   1.00 8.68  ? 140 VAL A CG2   1 
ATOM   872  N  N     . LYS C 3 87  ? 3.427   0.829   10.439  1.00 13.01 ? 141 LYS A N     1 
ATOM   873  C  CA    . LYS C 3 87  ? 4.284   0.833   11.632  1.00 15.26 ? 141 LYS A CA    1 
ATOM   874  C  C     . LYS C 3 87  ? 3.522   0.519   12.917  1.00 14.70 ? 141 LYS A C     1 
ATOM   875  O  O     . LYS C 3 87  ? 3.990   -0.291  13.730  1.00 12.64 ? 141 LYS A O     1 
ATOM   876  C  CB    . LYS C 3 87  ? 4.987   2.186   11.737  1.00 17.81 ? 141 LYS A CB    1 
ATOM   877  C  CG    . LYS C 3 87  ? 5.857   2.333   12.980  1.00 25.81 ? 141 LYS A CG    1 
ATOM   878  C  CD    . LYS C 3 87  ? 5.770   3.740   13.567  1.00 29.49 ? 141 LYS A CD    1 
ATOM   879  C  CE    . LYS C 3 87  ? 6.727   3.929   14.746  1.00 36.19 ? 141 LYS A CE    1 
ATOM   880  N  NZ    . LYS C 3 87  ? 7.086   5.375   14.758  1.00 39.56 ? 141 LYS A NZ    1 
ATOM   881  N  N     . ASP C 3 88  ? 2.320   1.089   13.081  1.00 14.78 ? 142 ASP A N     1 
ATOM   882  C  CA    . ASP C 3 88  ? 1.480   0.820   14.223  1.00 16.41 ? 142 ASP A CA    1 
ATOM   883  C  C     . ASP C 3 88  ? 0.721   -0.507  14.140  1.00 16.87 ? 142 ASP A C     1 
ATOM   884  O  O     . ASP C 3 88  ? 0.033   -0.895  15.124  1.00 14.90 ? 142 ASP A O     1 
ATOM   885  C  CB    . ASP C 3 88  ? 0.403   1.925   14.369  1.00 16.17 ? 142 ASP A CB    1 
ATOM   886  C  CG    . ASP C 3 88  ? 0.972   3.308   14.627  1.00 16.12 ? 142 ASP A CG    1 
ATOM   887  O  OD1   . ASP C 3 88  ? 2.147   3.464   14.940  1.00 17.65 ? 142 ASP A OD1   1 
ATOM   888  O  OD2   . ASP C 3 88  ? 0.182   4.298   14.446  1.00 18.14 ? 142 ASP A OD2   1 
ATOM   889  N  N     . LYS C 3 89  ? 0.778   -1.191  12.998  1.00 14.47 ? 143 LYS A N     1 
ATOM   890  C  CA    . LYS C 3 89  ? -0.130  -2.335  12.726  1.00 16.33 ? 143 LYS A CA    1 
ATOM   891  C  C     . LYS C 3 89  ? -1.584  -2.047  12.935  1.00 16.27 ? 143 LYS A C     1 
ATOM   892  O  O     . LYS C 3 89  ? -2.358  -2.898  13.404  1.00 14.53 ? 143 LYS A O     1 
ATOM   893  C  CB    . LYS C 3 89  ? 0.287   -3.559  13.551  1.00 16.24 ? 143 LYS A CB    1 
ATOM   894  C  CG    . LYS C 3 89  ? 1.720   -3.913  13.318  1.00 17.55 ? 143 LYS A CG    1 
ATOM   895  C  CD    . LYS C 3 89  ? 2.062   -5.214  14.045  1.00 19.75 ? 143 LYS A CD    1 
ATOM   896  C  CE    . LYS C 3 89  ? 3.329   -5.828  13.548  1.00 22.17 ? 143 LYS A CE    1 
ATOM   897  N  NZ    . LYS C 3 89  ? 4.437   -4.972  13.845  1.00 25.88 ? 143 LYS A NZ    1 
ATOM   898  N  N     . LYS C 3 90  ? -1.984  -0.836  12.564  1.00 14.71 ? 144 LYS A N     1 
ATOM   899  C  CA    . LYS C 3 90  ? -3.322  -0.373  12.847  1.00 15.87 ? 144 LYS A CA    1 
ATOM   900  C  C     . LYS C 3 90  ? -3.737  0.743   11.900  1.00 12.44 ? 144 LYS A C     1 
ATOM   901  O  O     . LYS C 3 90  ? -3.204  1.834   12.010  1.00 13.11 ? 144 LYS A O     1 
ATOM   902  C  CB    . LYS C 3 90  ? -3.382  0.144   14.276  1.00 17.88 ? 144 LYS A CB    1 
ATOM   903  C  CG    . LYS C 3 90  ? -4.725  0.706   14.690  1.00 22.55 ? 144 LYS A CG    1 
ATOM   904  C  CD    . LYS C 3 90  ? -5.744  -0.425  14.831  1.00 29.12 ? 144 LYS A CD    1 
ATOM   905  C  CE    . LYS C 3 90  ? -7.153  0.171   14.853  1.00 34.51 ? 144 LYS A CE    1 
ATOM   906  N  NZ    . LYS C 3 90  ? -8.180  -0.860  15.189  1.00 38.08 ? 144 LYS A NZ    1 
ATOM   907  N  N     . ALA C 3 91  ? -4.749  0.461   11.102  1.00 13.10 ? 145 ALA A N     1 
ATOM   908  C  CA    . ALA C 3 91  ? -5.362  1.420   10.181  1.00 14.12 ? 145 ALA A CA    1 
ATOM   909  C  C     . ALA C 3 91  ? -6.498  2.258   10.811  1.00 14.91 ? 145 ALA A C     1 
ATOM   910  O  O     . ALA C 3 91  ? -7.663  1.854   10.797  1.00 22.17 ? 145 ALA A O     1 
ATOM   911  C  CB    . ALA C 3 91  ? -5.882  0.684   8.957   1.00 14.85 ? 145 ALA A CB    1 
ATOM   912  N  N     . LYS C 3 92  ? -6.159  3.478   11.211  1.00 14.00 ? 146 LYS A N     1 
ATOM   913  C  CA    . LYS C 3 92  ? -7.083  4.387   11.919  1.00 15.43 ? 146 LYS A CA    1 
ATOM   914  C  C     . LYS C 3 92  ? -7.953  5.190   10.946  1.00 13.71 ? 146 LYS A C     1 
ATOM   915  O  O     . LYS C 3 92  ? -7.936  6.416   10.933  1.00 13.42 ? 146 LYS A O     1 
ATOM   916  C  CB    . LYS C 3 92  ? -6.226  5.253   12.824  1.00 20.02 ? 146 LYS A CB    1 
ATOM   917  C  CG    . LYS C 3 92  ? -6.974  5.907   13.954  1.00 27.02 ? 146 LYS A CG    1 
ATOM   918  C  CD    . LYS C 3 92  ? -5.992  6.338   15.063  1.00 31.69 ? 146 LYS A CD    1 
ATOM   919  C  CE    . LYS C 3 92  ? -6.601  7.314   16.080  1.00 38.21 ? 146 LYS A CE    1 
ATOM   920  N  NZ    . LYS C 3 92  ? -7.245  6.541   17.207  1.00 42.25 ? 146 LYS A NZ    1 
ATOM   921  N  N     . SER C 3 93  ? -8.721  4.457   10.141  1.00 12.69 ? 147 SER A N     1 
ATOM   922  C  CA    . SER C 3 93  ? -9.691  5.018   9.185   1.00 13.35 ? 147 SER A CA    1 
ATOM   923  C  C     . SER C 3 93  ? -11.015 5.427   9.895   1.00 16.11 ? 147 SER A C     1 
ATOM   924  O  O     . SER C 3 93  ? -11.434 4.767   10.860  1.00 16.95 ? 147 SER A O     1 
ATOM   925  C  CB    . SER C 3 93  ? -10.019 4.054   8.097   1.00 12.34 ? 147 SER A CB    1 
ATOM   926  O  OG    . SER C 3 93  ? -10.784 4.630   7.105   1.00 11.56 ? 147 SER A OG    1 
ATOM   927  N  N     . THR C 3 94  ? -11.596 6.521   9.385   1.00 16.70 ? 148 THR A N     1 
ATOM   928  C  CA    . THR C 3 94  ? -12.886 7.118   9.764   1.00 16.57 ? 148 THR A CA    1 
ATOM   929  C  C     . THR C 3 94  ? -13.993 6.584   8.929   1.00 16.41 ? 148 THR A C     1 
ATOM   930  O  O     . THR C 3 94  ? -15.136 6.946   9.193   1.00 19.38 ? 148 THR A O     1 
ATOM   931  C  CB    . THR C 3 94  ? -12.915 8.688   9.502   1.00 15.75 ? 148 THR A CB    1 
ATOM   932  O  OG1   . THR C 3 94  ? -12.833 9.026   8.056   1.00 16.19 ? 148 THR A OG1   1 
ATOM   933  C  CG2   . THR C 3 94  ? -11.892 9.318   10.217  1.00 15.24 ? 148 THR A CG2   1 
ATOM   934  N  N     . LEU C 3 95  ? -13.719 5.782   7.899   1.00 14.75 ? 149 LEU A N     1 
ATOM   935  C  CA    . LEU C 3 95  ? -14.749 5.364   6.967   1.00 15.94 ? 149 LEU A CA    1 
ATOM   936  C  C     . LEU C 3 95  ? -15.896 4.679   7.710   1.00 18.29 ? 149 LEU A C     1 
ATOM   937  O  O     . LEU C 3 95  ? -15.670 3.741   8.509   1.00 16.76 ? 149 LEU A O     1 
ATOM   938  C  CB    . LEU C 3 95  ? -14.225 4.457   5.832   1.00 15.01 ? 149 LEU A CB    1 
ATOM   939  C  CG    . LEU C 3 95  ? -15.187 3.931   4.772   1.00 16.34 ? 149 LEU A CG    1 
ATOM   940  C  CD1   . LEU C 3 95  ? -15.641 5.084   3.878   1.00 15.93 ? 149 LEU A CD1   1 
ATOM   941  C  CD2   . LEU C 3 95  ? -14.540 2.854   3.945   1.00 16.95 ? 149 LEU A CD2   1 
ATOM   942  N  N     . VAL C 3 96  ? -17.124 5.128   7.414   1.00 19.05 ? 150 VAL A N     1 
ATOM   943  C  CA    . VAL C 3 96  ? -18.317 4.420   7.938   1.00 20.82 ? 150 VAL A CA    1 
ATOM   944  C  C     . VAL C 3 96  ? -18.262 2.885   7.662   1.00 20.30 ? 150 VAL A C     1 
ATOM   945  O  O     . VAL C 3 96  ? -17.806 2.422   6.647   1.00 17.53 ? 150 VAL A O     1 
ATOM   946  C  CB    . VAL C 3 96  ? -19.629 5.032   7.345   1.00 21.24 ? 150 VAL A CB    1 
ATOM   947  C  CG1   . VAL C 3 96  ? -19.724 4.783   5.855   1.00 21.15 ? 150 VAL A CG1   1 
ATOM   948  C  CG2   . VAL C 3 96  ? -20.862 4.471   8.059   1.00 23.47 ? 150 VAL A CG2   1 
ATOM   949  N  N     . ARG C 3 97  ? -18.856 2.129   8.565   1.00 21.68 ? 151 ARG A N     1 
ATOM   950  C  CA    . ARG C 3 97  ? -19.025 0.717   8.394   1.00 22.14 ? 151 ARG A CA    1 
ATOM   951  C  C     . ARG C 3 97  ? -20.481 0.419   8.033   1.00 23.78 ? 151 ARG A C     1 
ATOM   952  O  O     . ARG C 3 97  ? -21.351 0.745   8.776   1.00 26.87 ? 151 ARG A O     1 
ATOM   953  C  CB    . ARG C 3 97  ? -18.645 -0.016  9.657   1.00 23.43 ? 151 ARG A CB    1 
ATOM   954  C  CG    . ARG C 3 97  ? -17.210 0.196   10.084  1.00 24.08 ? 151 ARG A CG    1 
ATOM   955  C  CD    . ARG C 3 97  ? -16.858 -0.713  11.234  1.00 24.23 ? 151 ARG A CD    1 
ATOM   956  N  NE    . ARG C 3 97  ? -15.518 -0.585  11.680  1.00 23.59 ? 151 ARG A NE    1 
ATOM   957  C  CZ    . ARG C 3 97  ? -14.592 -1.455  11.410  1.00 21.17 ? 151 ARG A CZ    1 
ATOM   958  N  NH1   . ARG C 3 97  ? -14.863 -2.509  10.690  1.00 20.91 ? 151 ARG A NH1   1 
ATOM   959  N  NH2   . ARG C 3 97  ? -13.403 -1.267  11.894  1.00 25.72 ? 151 ARG A NH2   1 
ATOM   960  N  N     . ASN C 3 98  ? -20.697 -0.098  6.849   1.00 25.35 ? 152 ASN A N     1 
ATOM   961  C  CA    . ASN C 3 98  ? -22.010 -0.532  6.344   1.00 26.29 ? 152 ASN A CA    1 
ATOM   962  C  C     . ASN C 3 98  ? -21.798 -1.629  5.326   1.00 27.62 ? 152 ASN A C     1 
ATOM   963  O  O     . ASN C 3 98  ? -20.689 -2.091  5.139   1.00 24.70 ? 152 ASN A O     1 
ATOM   964  C  CB    . ASN C 3 98  ? -22.784 0.669   5.774   1.00 28.07 ? 152 ASN A CB    1 
ATOM   965  C  CG    . ASN C 3 98  ? -22.073 1.338   4.601   1.00 25.22 ? 152 ASN A CG    1 
ATOM   966  O  OD1   . ASN C 3 98  ? -21.602 0.679   3.668   1.00 26.17 ? 152 ASN A OD1   1 
ATOM   967  N  ND2   . ASN C 3 98  ? -22.069 2.649   4.611   1.00 26.15 ? 152 ASN A ND2   1 
ATOM   968  N  N     . GLU C 3 99  ? -22.845 -2.091  4.665   1.00 28.31 ? 153 GLU A N     1 
ATOM   969  C  CA    . GLU C 3 99  ? -22.716 -3.170  3.697   1.00 31.21 ? 153 GLU A CA    1 
ATOM   970  C  C     . GLU C 3 99  ? -21.841 -2.776  2.480   1.00 29.37 ? 153 GLU A C     1 
ATOM   971  O  O     . GLU C 3 99  ? -21.182 -3.632  1.904   1.00 28.88 ? 153 GLU A O     1 
ATOM   972  C  CB    . GLU C 3 99  ? -24.108 -3.638  3.239   1.00 34.71 ? 153 GLU A CB    1 
ATOM   973  C  CG    . GLU C 3 99  ? -24.145 -4.707  2.130   1.00 40.01 ? 153 GLU A CG    1 
ATOM   974  C  CD    . GLU C 3 99  ? -25.578 -5.110  1.762   1.00 46.83 ? 153 GLU A CD    1 
ATOM   975  O  OE1   . GLU C 3 99  ? -26.417 -5.265  2.688   1.00 55.00 ? 153 GLU A OE1   1 
ATOM   976  O  OE2   . GLU C 3 99  ? -25.881 -5.259  0.550   1.00 48.09 ? 153 GLU A OE2   1 
ATOM   977  N  N     . GLU C 3 100 ? -21.848 -1.499  2.089   1.00 27.06 ? 154 GLU A N     1 
ATOM   978  C  CA    . GLU C 3 100 ? -20.964 -1.044  0.982   1.00 28.08 ? 154 GLU A CA    1 
ATOM   979  C  C     . GLU C 3 100 ? -19.460 -1.034  1.344   1.00 23.66 ? 154 GLU A C     1 
ATOM   980  O  O     . GLU C 3 100 ? -18.648 -1.360  0.504   1.00 25.17 ? 154 GLU A O     1 
ATOM   981  C  CB    . GLU C 3 100 ? -21.356 0.341   0.493   1.00 33.28 ? 154 GLU A CB    1 
ATOM   982  C  CG    . GLU C 3 100 ? -22.800 0.414   0.008   1.00 40.12 ? 154 GLU A CG    1 
ATOM   983  C  CD    . GLU C 3 100 ? -23.038 1.538   -0.981  1.00 46.36 ? 154 GLU A CD    1 
ATOM   984  O  OE1   . GLU C 3 100 ? -22.095 2.342   -1.246  1.00 45.17 ? 154 GLU A OE1   1 
ATOM   985  O  OE2   . GLU C 3 100 ? -24.188 1.593   -1.496  1.00 53.55 ? 154 GLU A OE2   1 
ATOM   986  N  N     . THR C 3 101 ? -19.150 -0.663  2.583   1.00 19.94 ? 155 THR A N     1 
ATOM   987  C  CA    . THR C 3 101 ? -17.734 -0.599  3.072   1.00 18.82 ? 155 THR A CA    1 
ATOM   988  C  C     . THR C 3 101 ? -17.266 -1.861  3.748   1.00 17.55 ? 155 THR A C     1 
ATOM   989  O  O     . THR C 3 101 ? -16.109 -1.917  4.192   1.00 16.81 ? 155 THR A O     1 
ATOM   990  C  CB    . THR C 3 101 ? -17.462 0.563   4.005   1.00 18.01 ? 155 THR A CB    1 
ATOM   991  O  OG1   . THR C 3 101 ? -18.130 0.430   5.269   1.00 19.91 ? 155 THR A OG1   1 
ATOM   992  C  CG2   . THR C 3 101 ? -17.890 1.896   3.322   1.00 17.94 ? 155 THR A CG2   1 
ATOM   993  N  N     . ALA C 3 102 ? -18.143 -2.859  3.866   1.00 17.94 ? 156 ALA A N     1 
ATOM   994  C  CA    . ALA C 3 102 ? -17.721 -4.156  4.501   1.00 19.85 ? 156 ALA A CA    1 
ATOM   995  C  C     . ALA C 3 102 ? -16.486 -4.816  3.854   1.00 20.17 ? 156 ALA A C     1 
ATOM   996  O  O     . ALA C 3 102 ? -15.585 -5.355  4.582   1.00 18.55 ? 156 ALA A O     1 
ATOM   997  C  CB    . ALA C 3 102 ? -18.891 -5.137  4.554   1.00 20.13 ? 156 ALA A CB    1 
ATOM   998  N  N     . LEU C 3 103 ? -16.432 -4.833  2.520   1.00 19.24 ? 157 LEU A N     1 
ATOM   999  C  CA    . LEU C 3 103 ? -15.276 -5.433  1.842   1.00 20.91 ? 157 LEU A CA    1 
ATOM   1000 C  C     . LEU C 3 103 ? -13.951 -4.781  2.209   1.00 18.36 ? 157 LEU A C     1 
ATOM   1001 O  O     . LEU C 3 103 ? -13.021 -5.497  2.566   1.00 16.97 ? 157 LEU A O     1 
ATOM   1002 C  CB    . LEU C 3 103 ? -15.376 -5.442  0.339   1.00 21.05 ? 157 LEU A CB    1 
ATOM   1003 C  CG    . LEU C 3 103 ? -14.200 -5.972  -0.453  1.00 24.25 ? 157 LEU A CG    1 
ATOM   1004 C  CD1   . LEU C 3 103 ? -13.849 -7.402  -0.088  1.00 27.25 ? 157 LEU A CD1   1 
ATOM   1005 C  CD2   . LEU C 3 103 ? -14.504 -5.889  -1.925  1.00 28.14 ? 157 LEU A CD2   1 
ATOM   1006 N  N     . ILE C 3 104 ? -13.844 -3.458  2.106   1.00 16.11 ? 158 ILE A N     1 
ATOM   1007 C  CA    . ILE C 3 104 ? -12.575 -2.845  2.410   1.00 15.78 ? 158 ILE A CA    1 
ATOM   1008 C  C     . ILE C 3 104 ? -12.212 -2.977  3.866   1.00 15.55 ? 158 ILE A C     1 
ATOM   1009 O  O     . ILE C 3 104 ? -10.993 -3.120  4.214   1.00 14.02 ? 158 ILE A O     1 
ATOM   1010 C  CB    . ILE C 3 104 ? -12.416 -1.385  1.898   1.00 17.04 ? 158 ILE A CB    1 
ATOM   1011 C  CG1   . ILE C 3 104 ? -10.893 -1.115  1.781   1.00 18.71 ? 158 ILE A CG1   1 
ATOM   1012 C  CG2   . ILE C 3 104 ? -13.171 -0.364  2.800   1.00 16.29 ? 158 ILE A CG2   1 
ATOM   1013 C  CD1   . ILE C 3 104 ? -10.489 0.088   1.002   1.00 20.69 ? 158 ILE A CD1   1 
ATOM   1014 N  N     . TRP C 3 105 ? -13.232 -2.931  4.728   1.00 13.72 ? 159 TRP A N     1 
ATOM   1015 C  CA    . TRP C 3 105 ? -12.963 -3.024  6.142   1.00 13.83 ? 159 TRP A CA    1 
ATOM   1016 C  C     . TRP C 3 105 ? -12.480 -4.471  6.521   1.00 13.73 ? 159 TRP A C     1 
ATOM   1017 O  O     . TRP C 3 105 ? -11.647 -4.602  7.394   1.00 13.31 ? 159 TRP A O     1 
ATOM   1018 C  CB    . TRP C 3 105 ? -14.156 -2.594  6.958   1.00 14.35 ? 159 TRP A CB    1 
ATOM   1019 C  CG    . TRP C 3 105 ? -14.142 -1.149  7.331   1.00 13.07 ? 159 TRP A CG    1 
ATOM   1020 C  CD1   . TRP C 3 105 ? -15.079 -0.213  6.968   1.00 13.22 ? 159 TRP A CD1   1 
ATOM   1021 C  CD2   . TRP C 3 105 ? -13.246 -0.487  8.214   1.00 13.65 ? 159 TRP A CD2   1 
ATOM   1022 N  NE1   . TRP C 3 105 ? -14.804 0.960   7.558   1.00 13.21 ? 159 TRP A NE1   1 
ATOM   1023 C  CE2   . TRP C 3 105 ? -13.659 0.858   8.289   1.00 13.45 ? 159 TRP A CE2   1 
ATOM   1024 C  CE3   . TRP C 3 105 ? -12.084 -0.866  8.891   1.00 13.26 ? 159 TRP A CE3   1 
ATOM   1025 C  CZ2   . TRP C 3 105 ? -13.030 1.777   9.093   1.00 13.25 ? 159 TRP A CZ2   1 
ATOM   1026 C  CZ3   . TRP C 3 105 ? -11.438 0.052   9.644   1.00 14.41 ? 159 TRP A CZ3   1 
ATOM   1027 C  CH2   . TRP C 3 105 ? -11.932 1.393   9.767   1.00 13.39 ? 159 TRP A CH2   1 
ATOM   1028 N  N     . LYS C 3 106 ? -13.009 -5.475  5.843   1.00 14.64 ? 160 LYS A N     1 
ATOM   1029 C  CA    . LYS C 3 106 ? -12.526 -6.884  5.955   1.00 15.77 ? 160 LYS A CA    1 
ATOM   1030 C  C     . LYS C 3 106 ? -11.077 -6.979  5.493   1.00 15.20 ? 160 LYS A C     1 
ATOM   1031 O  O     . LYS C 3 106 ? -10.225 -7.608  6.173   1.00 13.96 ? 160 LYS A O     1 
ATOM   1032 C  CB    . LYS C 3 106 ? -13.357 -7.805  5.060   1.00 18.58 ? 160 LYS A CB    1 
ATOM   1033 C  CG    . LYS C 3 106 ? -12.884 -9.241  4.965   1.00 22.02 ? 160 LYS A CG    1 
ATOM   1034 C  CD    . LYS C 3 106 ? -13.857 -10.041 4.120   1.00 28.46 ? 160 LYS A CD    1 
ATOM   1035 C  CE    . LYS C 3 106 ? -13.609 -11.537 4.136   1.00 34.26 ? 160 LYS A CE    1 
ATOM   1036 N  NZ    . LYS C 3 106 ? -14.185 -12.023 5.416   1.00 36.70 ? 160 LYS A NZ    1 
ATOM   1037 N  N     . LEU C 3 107 ? -10.780 -6.358  4.350   1.00 13.31 ? 161 LEU A N     1 
ATOM   1038 C  CA    . LEU C 3 107 ? -9.384  -6.382  3.834   1.00 13.23 ? 161 LEU A CA    1 
ATOM   1039 C  C     . LEU C 3 107 ? -8.422  -5.685  4.764   1.00 10.86 ? 161 LEU A C     1 
ATOM   1040 O  O     . LEU C 3 107 ? -7.324  -6.159  4.919   1.00 10.50 ? 161 LEU A O     1 
ATOM   1041 C  CB    . LEU C 3 107 ? -9.260  -5.765  2.440   1.00 13.79 ? 161 LEU A CB    1 
ATOM   1042 C  CG    . LEU C 3 107 ? -9.952  -6.554  1.379   1.00 16.10 ? 161 LEU A CG    1 
ATOM   1043 C  CD1   . LEU C 3 107 ? -9.992  -5.673  0.144   1.00 17.96 ? 161 LEU A CD1   1 
ATOM   1044 C  CD2   . LEU C 3 107 ? -9.362  -7.917  1.132   1.00 16.82 ? 161 LEU A CD2   1 
ATOM   1045 N  N     . VAL C 3 108 ? -8.808  -4.576  5.371   1.00 11.31 ? 162 VAL A N     1 
ATOM   1046 C  CA    . VAL C 3 108 ? -7.994  -3.882  6.312   1.00 11.44 ? 162 VAL A CA    1 
ATOM   1047 C  C     . VAL C 3 108 ? -7.719  -4.714  7.589   1.00 12.96 ? 162 VAL A C     1 
ATOM   1048 O  O     . VAL C 3 108 ? -6.574  -4.780  8.086   1.00 10.57 ? 162 VAL A O     1 
ATOM   1049 C  CB    . VAL C 3 108 ? -8.651  -2.562  6.712   1.00 11.74 ? 162 VAL A CB    1 
ATOM   1050 C  CG1   . VAL C 3 108 ? -8.129  -1.990  8.001   1.00 12.54 ? 162 VAL A CG1   1 
ATOM   1051 C  CG2   . VAL C 3 108 ? -8.564  -1.582  5.544   1.00 11.75 ? 162 VAL A CG2   1 
ATOM   1052 N  N     . ASP C 3 109 ? -8.800  -5.209  8.141   1.00 14.53 ? 163 ASP A N     1 
ATOM   1053 C  CA    . ASP C 3 109 ? -8.738  -6.174  9.246   1.00 17.15 ? 163 ASP A CA    1 
ATOM   1054 C  C     . ASP C 3 109 ? -7.754  -7.306  8.921   1.00 14.13 ? 163 ASP A C     1 
ATOM   1055 O  O     . ASP C 3 109 ? -6.845  -7.590  9.725   1.00 14.69 ? 163 ASP A O     1 
ATOM   1056 C  CB    . ASP C 3 109 ? -10.176 -6.610  9.598   1.00 20.92 ? 163 ASP A CB    1 
ATOM   1057 C  CG    . ASP C 3 109 ? -11.065 -5.396  10.126  1.00 30.63 ? 163 ASP A CG    1 
ATOM   1058 O  OD1   . ASP C 3 109 ? -10.520 -4.471  10.802  1.00 40.23 ? 163 ASP A OD1   1 
ATOM   1059 O  OD2   . ASP C 3 109 ? -12.304 -5.269  9.835   1.00 39.78 ? 163 ASP A OD2   1 
ATOM   1060 N  N     . GLU C 3 110 ? -7.870  -7.937  7.776   1.00 13.08 ? 164 GLU A N     1 
ATOM   1061 C  CA    . GLU C 3 110 ? -6.961  -9.056  7.391   1.00 13.56 ? 164 GLU A CA    1 
ATOM   1062 C  C     . GLU C 3 110 ? -5.507  -8.598  7.201   1.00 12.95 ? 164 GLU A C     1 
ATOM   1063 O  O     . GLU C 3 110 ? -4.547  -9.292  7.526   1.00 11.43 ? 164 GLU A O     1 
ATOM   1064 C  CB    . GLU C 3 110 ? -7.501  -9.754  6.172   1.00 15.51 ? 164 GLU A CB    1 
ATOM   1065 C  CG    . GLU C 3 110 ? -8.824  -10.420 6.527   1.00 18.31 ? 164 GLU A CG    1 
ATOM   1066 C  CD    . GLU C 3 110 ? -9.651  -10.916 5.364   1.00 22.83 ? 164 GLU A CD    1 
ATOM   1067 O  OE1   . GLU C 3 110 ? -9.331  -10.607 4.175   1.00 25.42 ? 164 GLU A OE1   1 
ATOM   1068 O  OE2   . GLU C 3 110 ? -10.655 -11.635 5.675   1.00 22.77 ? 164 GLU A OE2   1 
ATOM   1069 N  N     . ALA C 3 111 ? -5.333  -7.363  6.700   1.00 11.17 ? 165 ALA A N     1 
ATOM   1070 C  CA    . ALA C 3 111 ? -3.973  -6.815  6.614   1.00 10.49 ? 165 ALA A CA    1 
ATOM   1071 C  C     . ALA C 3 111 ? -3.323  -6.628  7.929   1.00 10.16 ? 165 ALA A C     1 
ATOM   1072 O  O     . ALA C 3 111 ? -2.183  -7.033  8.111   1.00 11.30 ? 165 ALA A O     1 
ATOM   1073 C  CB    . ALA C 3 111 ? -4.009  -5.498  5.907   1.00 9.51  ? 165 ALA A CB    1 
ATOM   1074 N  N     . GLU C 3 112 ? -4.008  -5.965  8.864   1.00 10.58 ? 166 GLU A N     1 
ATOM   1075 C  CA    . GLU C 3 112 ? -3.560  -5.844  10.253  1.00 10.82 ? 166 GLU A CA    1 
ATOM   1076 C  C     . GLU C 3 112 ? -3.249  -7.206  10.848  1.00 10.76 ? 166 GLU A C     1 
ATOM   1077 O  O     . GLU C 3 112 ? -2.225  -7.372  11.499  1.00 11.56 ? 166 GLU A O     1 
ATOM   1078 C  CB    . GLU C 3 112 ? -4.626  -5.139  11.130  1.00 11.67 ? 166 GLU A CB    1 
ATOM   1079 C  CG    . GLU C 3 112 ? -4.860  -3.675  10.768  1.00 12.51 ? 166 GLU A CG    1 
ATOM   1080 C  CD    . GLU C 3 112 ? -6.060  -3.089  11.493  1.00 15.07 ? 166 GLU A CD    1 
ATOM   1081 O  OE1   . GLU C 3 112 ? -6.283  -1.879  11.423  1.00 14.26 ? 166 GLU A OE1   1 
ATOM   1082 O  OE2   . GLU C 3 112 ? -6.775  -3.846  12.141  1.00 14.34 ? 166 GLU A OE2   1 
ATOM   1083 N  N     . GLU C 3 113 ? -4.082  -8.184  10.535  1.00 10.33 ? 167 GLU A N     1 
ATOM   1084 C  CA    . GLU C 3 113 ? -3.858  -9.548  11.079  1.00 11.24 ? 167 GLU A CA    1 
ATOM   1085 C  C     . GLU C 3 113 ? -2.607  -10.171 10.505  1.00 12.17 ? 167 GLU A C     1 
ATOM   1086 O  O     . GLU C 3 113 ? -1.848  -10.825 11.259  1.00 13.25 ? 167 GLU A O     1 
ATOM   1087 C  CB    . GLU C 3 113 ? -5.025  -10.450 10.941  1.00 12.31 ? 167 GLU A CB    1 
ATOM   1088 C  CG    . GLU C 3 113 ? -4.877  -11.684 11.780  1.00 12.62 ? 167 GLU A CG    1 
ATOM   1089 C  CD    . GLU C 3 113 ? -4.806  -11.317 13.254  1.00 15.50 ? 167 GLU A CD    1 
ATOM   1090 O  OE1   . GLU C 3 113 ? -5.370  -10.318 13.714  1.00 18.36 ? 167 GLU A OE1   1 
ATOM   1091 O  OE2   . GLU C 3 113 ? -4.190  -12.058 13.981  1.00 20.96 ? 167 GLU A OE2   1 
ATOM   1092 N  N     . TRP C 3 114 ? -2.345  -9.985  9.220   1.00 10.46 ? 168 TRP A N     1 
ATOM   1093 C  CA    . TRP C 3 114 ? -1.064  -10.412 8.659   1.00 10.30 ? 168 TRP A CA    1 
ATOM   1094 C  C     . TRP C 3 114 ? 0.143   -9.771  9.414   1.00 9.51  ? 168 TRP A C     1 
ATOM   1095 O  O     . TRP C 3 114 ? 1.169   -10.472 9.777   1.00 8.70  ? 168 TRP A O     1 
ATOM   1096 C  CB    . TRP C 3 114 ? -1.044  -10.168 7.123   1.00 10.38 ? 168 TRP A CB    1 
ATOM   1097 C  CG    . TRP C 3 114 ? 0.140   -10.842 6.480   1.00 11.04 ? 168 TRP A CG    1 
ATOM   1098 C  CD1   . TRP C 3 114 ? 0.202   -12.099 6.004   1.00 11.30 ? 168 TRP A CD1   1 
ATOM   1099 C  CD2   . TRP C 3 114 ? 1.439   -10.285 6.331   1.00 11.18 ? 168 TRP A CD2   1 
ATOM   1100 N  NE1   . TRP C 3 114 ? 1.470   -12.383 5.577   1.00 12.19 ? 168 TRP A NE1   1 
ATOM   1101 C  CE2   . TRP C 3 114 ? 2.257   -11.284 5.759   1.00 11.60 ? 168 TRP A CE2   1 
ATOM   1102 C  CE3   . TRP C 3 114 ? 1.995   -9.065  6.649   1.00 11.22 ? 168 TRP A CE3   1 
ATOM   1103 C  CZ2   . TRP C 3 114 ? 3.573   -11.083 5.480   1.00 11.60 ? 168 TRP A CZ2   1 
ATOM   1104 C  CZ3   . TRP C 3 114 ? 3.387   -8.854  6.386   1.00 11.50 ? 168 TRP A CZ3   1 
ATOM   1105 C  CH2   . TRP C 3 114 ? 4.126   -9.853  5.768   1.00 11.17 ? 168 TRP A CH2   1 
ATOM   1106 N  N     . LEU C 3 115 ? 0.080   -8.455  9.624   1.00 9.24  ? 169 LEU A N     1 
ATOM   1107 C  CA    . LEU C 3 115 ? 1.161   -7.767  10.270  1.00 9.39  ? 169 LEU A CA    1 
ATOM   1108 C  C     . LEU C 3 115 ? 1.412   -8.305  11.674  1.00 10.86 ? 169 LEU A C     1 
ATOM   1109 O  O     . LEU C 3 115 ? 2.519   -8.331  12.148  1.00 10.88 ? 169 LEU A O     1 
ATOM   1110 C  CB    . LEU C 3 115 ? 0.946   -6.283  10.381  1.00 9.19  ? 169 LEU A CB    1 
ATOM   1111 C  CG    . LEU C 3 115 ? 0.799   -5.537  9.075   1.00 9.38  ? 169 LEU A CG    1 
ATOM   1112 C  CD1   . LEU C 3 115 ? 0.225   -4.120  9.293   1.00 9.06  ? 169 LEU A CD1   1 
ATOM   1113 C  CD2   . LEU C 3 115 ? 2.167   -5.511  8.397   1.00 10.38 ? 169 LEU A CD2   1 
ATOM   1114 N  N     . ASN C 3 116 ? 0.353   -8.693  12.336  1.00 11.04 ? 170 ASN A N     1 
ATOM   1115 C  CA    . ASN C 3 116 ? 0.477   -9.258  13.709  1.00 13.54 ? 170 ASN A CA    1 
ATOM   1116 C  C     . ASN C 3 116 ? 0.872   -10.710 13.730  1.00 13.97 ? 170 ASN A C     1 
ATOM   1117 O  O     . ASN C 3 116 ? 1.081   -11.249 14.845  1.00 15.35 ? 170 ASN A O     1 
ATOM   1118 C  CB    . ASN C 3 116 ? -0.884  -9.053  14.439  1.00 14.87 ? 170 ASN A CB    1 
ATOM   1119 C  CG    . ASN C 3 116 ? -1.099  -7.604  14.784  1.00 18.46 ? 170 ASN A CG    1 
ATOM   1120 O  OD1   . ASN C 3 116 ? -2.134  -7.004  14.490  1.00 24.76 ? 170 ASN A OD1   1 
ATOM   1121 N  ND2   . ASN C 3 116 ? -0.104  -7.023  15.352  1.00 17.60 ? 170 ASN A ND2   1 
ATOM   1122 N  N     . THR C 3 117 ? 1.006   -11.373 12.591  1.00 12.07 ? 171 THR A N     1 
ATOM   1123 C  CA    . THR C 3 117 ? 1.360   -12.806 12.584  1.00 13.50 ? 171 THR A CA    1 
ATOM   1124 C  C     . THR C 3 117 ? 2.661   -13.136 11.802  1.00 13.28 ? 171 THR A C     1 
ATOM   1125 O  O     . THR C 3 117 ? 2.966   -14.301 11.613  1.00 13.75 ? 171 THR A O     1 
ATOM   1126 C  CB    . THR C 3 117 ? 0.235   -13.668 12.005  1.00 14.06 ? 171 THR A CB    1 
ATOM   1127 O  OG1   . THR C 3 117 ? -0.302  -13.060 10.794  1.00 14.09 ? 171 THR A OG1   1 
ATOM   1128 C  CG2   . THR C 3 117 ? -0.885  -13.892 13.078  1.00 14.12 ? 171 THR A CG2   1 
ATOM   1129 N  N     . HIS C 3 118 ? 3.369   -12.101 11.359  1.00 13.74 ? 172 HIS A N     1 
ATOM   1130 C  CA    . HIS C 3 118 ? 4.523   -12.227 10.472  1.00 13.50 ? 172 HIS A CA    1 
ATOM   1131 C  C     . HIS C 3 118 ? 5.572   -11.252 10.862  1.00 14.66 ? 172 HIS A C     1 
ATOM   1132 O  O     . HIS C 3 118 ? 5.291   -10.182 11.389  1.00 15.44 ? 172 HIS A O     1 
ATOM   1133 C  CB    . HIS C 3 118 ? 4.145   -12.036 8.993   1.00 14.01 ? 172 HIS A CB    1 
ATOM   1134 C  CG    . HIS C 3 118 ? 3.209   -13.093 8.517   1.00 12.66 ? 172 HIS A CG    1 
ATOM   1135 N  ND1   . HIS C 3 118 ? 1.874   -13.088 8.865   1.00 12.96 ? 172 HIS A ND1   1 
ATOM   1136 C  CD2   . HIS C 3 118 ? 3.429   -14.271 7.887   1.00 14.00 ? 172 HIS A CD2   1 
ATOM   1137 C  CE1   . HIS C 3 118 ? 1.305   -14.190 8.408   1.00 14.59 ? 172 HIS A CE1   1 
ATOM   1138 N  NE2   . HIS C 3 118 ? 2.235   -14.934 7.835   1.00 13.69 ? 172 HIS A NE2   1 
ATOM   1139 N  N     . THR C 3 119 ? 6.806   -11.614 10.583  1.00 15.77 ? 173 THR A N     1 
ATOM   1140 C  CA    . THR C 3 119 ? 7.907   -10.663 10.689  1.00 16.39 ? 173 THR A CA    1 
ATOM   1141 C  C     . THR C 3 119 ? 8.349   -10.273 9.324   1.00 16.54 ? 173 THR A C     1 
ATOM   1142 O  O     . THR C 3 119 ? 8.131   -10.957 8.340   1.00 14.07 ? 173 THR A O     1 
ATOM   1143 C  CB    . THR C 3 119 ? 9.095   -11.285 11.441  1.00 17.27 ? 173 THR A CB    1 
ATOM   1144 O  OG1   . THR C 3 119 ? 9.445   -12.492 10.800  1.00 17.33 ? 173 THR A OG1   1 
ATOM   1145 C  CG2   . THR C 3 119 ? 8.658   -11.633 12.834  1.00 19.46 ? 173 THR A CG2   1 
ATOM   1146 N  N     . TYR C 3 120 ? 9.045   -9.151  9.289   1.00 14.26 ? 174 TYR A N     1 
ATOM   1147 C  CA    . TYR C 3 120 ? 9.602   -8.696  8.052   1.00 16.50 ? 174 TYR A CA    1 
ATOM   1148 C  C     . TYR C 3 120 ? 10.721  -7.699  8.400   1.00 15.71 ? 174 TYR A C     1 
ATOM   1149 O  O     . TYR C 3 120 ? 10.682  -7.041  9.419   1.00 13.76 ? 174 TYR A O     1 
ATOM   1150 C  CB    . TYR C 3 120 ? 8.502   -8.083  7.180   1.00 16.00 ? 174 TYR A CB    1 
ATOM   1151 C  CG    . TYR C 3 120 ? 7.881   -6.806  7.721   1.00 18.03 ? 174 TYR A CG    1 
ATOM   1152 C  CD1   . TYR C 3 120 ? 8.484   -5.576  7.453   1.00 18.75 ? 174 TYR A CD1   1 
ATOM   1153 C  CD2   . TYR C 3 120 ? 6.734   -6.818  8.480   1.00 21.37 ? 174 TYR A CD2   1 
ATOM   1154 C  CE1   . TYR C 3 120 ? 7.967   -4.403  7.937   1.00 20.41 ? 174 TYR A CE1   1 
ATOM   1155 C  CE2   . TYR C 3 120 ? 6.190   -5.629  8.983   1.00 18.99 ? 174 TYR A CE2   1 
ATOM   1156 C  CZ    . TYR C 3 120 ? 6.808   -4.446  8.677   1.00 19.86 ? 174 TYR A CZ    1 
ATOM   1157 O  OH    . TYR C 3 120 ? 6.292   -3.242  9.108   1.00 23.92 ? 174 TYR A OH    1 
ATOM   1158 N  N     . GLU C 3 121 ? 11.719  -7.636  7.564   1.00 19.01 ? 175 GLU A N     1 
ATOM   1159 C  CA    . GLU C 3 121 ? 12.740  -6.653  7.811   1.00 20.31 ? 175 GLU A CA    1 
ATOM   1160 C  C     . GLU C 3 121 ? 12.642  -5.516  6.785   1.00 18.08 ? 175 GLU A C     1 
ATOM   1161 O  O     . GLU C 3 121 ? 13.417  -4.565  6.870   1.00 17.72 ? 175 GLU A O     1 
ATOM   1162 C  CB    . GLU C 3 121 ? 14.114  -7.332  7.852   1.00 25.03 ? 175 GLU A CB    1 
ATOM   1163 C  CG    . GLU C 3 121 ? 14.209  -8.465  8.869   1.00 28.89 ? 175 GLU A CG    1 
ATOM   1164 C  CD    . GLU C 3 121 ? 15.638  -9.013  9.048   1.00 37.92 ? 175 GLU A CD    1 
ATOM   1165 O  OE1   . GLU C 3 121 ? 16.601  -8.550  8.374   1.00 37.35 ? 175 GLU A OE1   1 
ATOM   1166 O  OE2   . GLU C 3 121 ? 15.796  -9.937  9.893   1.00 41.66 ? 175 GLU A OE2   1 
ATOM   1167 N  N     . THR C 3 122 ? 11.697  -5.634  5.820   1.00 15.19 ? 176 THR A N     1 
ATOM   1168 C  CA    . THR C 3 122 ? 11.491  -4.679  4.745   1.00 13.71 ? 176 THR A CA    1 
ATOM   1169 C  C     . THR C 3 122 ? 11.461  -3.234  5.210   1.00 13.35 ? 176 THR A C     1 
ATOM   1170 O  O     . THR C 3 122 ? 10.538  -2.810  5.975   1.00 11.96 ? 176 THR A O     1 
ATOM   1171 C  CB    . THR C 3 122 ? 10.130  -4.876  4.064   1.00 13.58 ? 176 THR A CB    1 
ATOM   1172 O  OG1   . THR C 3 122 ? 9.951   -6.260  3.711   1.00 12.12 ? 176 THR A OG1   1 
ATOM   1173 C  CG2   . THR C 3 122 ? 9.997   -3.985  2.876   1.00 13.05 ? 176 THR A CG2   1 
ATOM   1174 N  N     . PRO C 3 123 ? 12.441  -2.439  4.747   1.00 12.96 ? 177 PRO A N     1 
ATOM   1175 C  CA    . PRO C 3 123 ? 12.338  -1.038  5.135   1.00 12.62 ? 177 PRO A CA    1 
ATOM   1176 C  C     . PRO C 3 123 ? 11.178  -0.395  4.355   1.00 12.26 ? 177 PRO A C     1 
ATOM   1177 O  O     . PRO C 3 123 ? 11.065  -0.608  3.146   1.00 10.10 ? 177 PRO A O     1 
ATOM   1178 C  CB    . PRO C 3 123 ? 13.651  -0.430  4.635   1.00 13.40 ? 177 PRO A CB    1 
ATOM   1179 C  CG    . PRO C 3 123 ? 14.615  -1.549  4.549   1.00 13.49 ? 177 PRO A CG    1 
ATOM   1180 C  CD    . PRO C 3 123 ? 13.733  -2.744  4.127   1.00 12.94 ? 177 PRO A CD    1 
ATOM   1181 N  N     . ILE C 3 124 ? 10.366  0.387   5.019   1.00 10.78 ? 178 ILE A N     1 
ATOM   1182 C  CA    . ILE C 3 124 ? 9.244   1.054   4.349   1.00 11.28 ? 178 ILE A CA    1 
ATOM   1183 C  C     . ILE C 3 124 ? 9.682   2.495   4.328   1.00 10.80 ? 178 ILE A C     1 
ATOM   1184 O  O     . ILE C 3 124 ? 9.864   3.171   5.402   1.00 11.35 ? 178 ILE A O     1 
ATOM   1185 C  CB    . ILE C 3 124 ? 7.919   0.836   5.080   1.00 12.57 ? 178 ILE A CB    1 
ATOM   1186 C  CG1   . ILE C 3 124 ? 7.605   -0.656  5.104   1.00 14.41 ? 178 ILE A CG1   1 
ATOM   1187 C  CG2   . ILE C 3 124 ? 6.755   1.586   4.374   1.00 14.20 ? 178 ILE A CG2   1 
ATOM   1188 C  CD1   . ILE C 3 124 ? 6.570   -0.950  6.162   1.00 17.08 ? 178 ILE A CD1   1 
ATOM   1189 N  N     . LEU C 3 125 ? 9.943   2.956   3.133   1.00 8.73  ? 179 LEU A N     1 
ATOM   1190 C  CA    . LEU C 3 125 ? 10.473  4.267   2.869   1.00 9.11  ? 179 LEU A CA    1 
ATOM   1191 C  C     . LEU C 3 125 ? 9.533   5.265   2.276   1.00 8.43  ? 179 LEU A C     1 
ATOM   1192 O  O     . LEU C 3 125 ? 8.704   4.970   1.386   1.00 7.76  ? 179 LEU A O     1 
ATOM   1193 C  CB    . LEU C 3 125 ? 11.665  4.151   1.921   1.00 9.18  ? 179 LEU A CB    1 
ATOM   1194 C  CG    . LEU C 3 125 ? 12.776  3.185   2.313   1.00 9.41  ? 179 LEU A CG    1 
ATOM   1195 C  CD1   . LEU C 3 125 ? 13.674  2.963   1.119   1.00 9.85  ? 179 LEU A CD1   1 
ATOM   1196 C  CD2   . LEU C 3 125 ? 13.591  3.651   3.507   1.00 10.41 ? 179 LEU A CD2   1 
ATOM   1197 N  N     . LYS C 3 126 ? 9.712   6.565   2.668   1.00 9.09  ? 180 LYS A N     1 
ATOM   1198 C  CA    . LYS C 3 126 ? 8.871   7.587   2.106   1.00 9.35  ? 180 LYS A CA    1 
ATOM   1199 C  C     . LYS C 3 126 ? 9.415   8.030   0.769   1.00 10.07 ? 180 LYS A C     1 
ATOM   1200 O  O     . LYS C 3 126 ? 10.558  8.487   0.698   1.00 10.88 ? 180 LYS A O     1 
ATOM   1201 C  CB    . LYS C 3 126 ? 8.845   8.772   3.063   1.00 10.24 ? 180 LYS A CB    1 
ATOM   1202 C  CG    . LYS C 3 126 ? 8.130   10.003  2.582   1.00 10.85 ? 180 LYS A CG    1 
ATOM   1203 C  CD    . LYS C 3 126 ? 6.609   9.842   2.478   1.00 10.87 ? 180 LYS A CD    1 
ATOM   1204 C  CE    . LYS C 3 126 ? 5.969   11.151  2.196   1.00 11.27 ? 180 LYS A CE    1 
ATOM   1205 N  NZ    . LYS C 3 126 ? 6.220   11.641  0.817   1.00 11.01 ? 180 LYS A NZ    1 
ATOM   1206 N  N     . TRP C 3 127 ? 8.631   7.965   -0.269  1.00 10.31 ? 181 TRP A N     1 
ATOM   1207 C  CA    . TRP C 3 127 ? 9.036   8.473   -1.555  1.00 10.84 ? 181 TRP A CA    1 
ATOM   1208 C  C     . TRP C 3 127 ? 8.997   9.990   -1.484  1.00 12.26 ? 181 TRP A C     1 
ATOM   1209 O  O     . TRP C 3 127 ? 7.973   10.589  -1.160  1.00 11.90 ? 181 TRP A O     1 
ATOM   1210 C  CB    . TRP C 3 127 ? 8.104   7.955   -2.670  1.00 11.51 ? 181 TRP A CB    1 
ATOM   1211 C  CG    . TRP C 3 127 ? 8.449   8.486   -4.005  1.00 11.69 ? 181 TRP A CG    1 
ATOM   1212 C  CD1   . TRP C 3 127 ? 7.925   9.570   -4.604  1.00 11.90 ? 181 TRP A CD1   1 
ATOM   1213 C  CD2   . TRP C 3 127 ? 9.464   7.987   -4.855  1.00 11.90 ? 181 TRP A CD2   1 
ATOM   1214 N  NE1   . TRP C 3 127 ? 8.508   9.762   -5.850  1.00 12.92 ? 181 TRP A NE1   1 
ATOM   1215 C  CE2   . TRP C 3 127 ? 9.506   8.844   -6.010  1.00 13.46 ? 181 TRP A CE2   1 
ATOM   1216 C  CE3   . TRP C 3 127 ? 10.364  6.923   -4.773  1.00 12.47 ? 181 TRP A CE3   1 
ATOM   1217 C  CZ2   . TRP C 3 127 ? 10.366  8.601   -7.084  1.00 13.86 ? 181 TRP A CZ2   1 
ATOM   1218 C  CZ3   . TRP C 3 127 ? 11.277  6.708   -5.808  1.00 13.39 ? 181 TRP A CZ3   1 
ATOM   1219 C  CH2   . TRP C 3 127 ? 11.262  7.558   -6.977  1.00 13.26 ? 181 TRP A CH2   1 
ATOM   1220 N  N     . GLN C 3 128 ? 10.062  10.609  -1.932  1.00 14.05 ? 182 GLN A N     1 
ATOM   1221 C  CA    . GLN C 3 128 ? 10.216  12.103  -1.721  1.00 16.98 ? 182 GLN A CA    1 
ATOM   1222 C  C     . GLN C 3 128 ? 9.797   12.834  -2.956  1.00 15.72 ? 182 GLN A C     1 
ATOM   1223 O  O     . GLN C 3 128 ? 10.651  13.245  -3.745  1.00 20.24 ? 182 GLN A O     1 
ATOM   1224 C  CB    . GLN C 3 128 ? 11.658  12.414  -1.323  1.00 20.83 ? 182 GLN A CB    1 
ATOM   1225 C  CG    . GLN C 3 128 ? 12.048  11.924  0.075   1.00 24.82 ? 182 GLN A CG    1 
ATOM   1226 C  CD    . GLN C 3 128 ? 12.972  12.908  0.805   1.00 33.12 ? 182 GLN A CD    1 
ATOM   1227 O  OE1   . GLN C 3 128 ? 14.109  13.063  0.426   1.00 38.96 ? 182 GLN A OE1   1 
ATOM   1228 N  NE2   . GLN C 3 128 ? 12.464  13.586  1.850   1.00 38.67 ? 182 GLN A NE2   1 
ATOM   1229 N  N     . THR C 3 129 ? 8.480   12.950  -3.135  1.00 16.04 ? 183 THR A N     1 
ATOM   1230 C  CA    . THR C 3 129 ? 7.800   13.496  -4.291  1.00 15.77 ? 183 THR A CA    1 
ATOM   1231 C  C     . THR C 3 129 ? 8.274   14.894  -4.634  1.00 18.33 ? 183 THR A C     1 
ATOM   1232 O  O     . THR C 3 129 ? 8.426   15.220  -5.794  1.00 18.31 ? 183 THR A O     1 
ATOM   1233 C  CB    . THR C 3 129 ? 6.263   13.458  -4.100  1.00 16.09 ? 183 THR A CB    1 
ATOM   1234 O  OG1   . THR C 3 129 ? 5.824   12.103  -3.839  1.00 12.77 ? 183 THR A OG1   1 
ATOM   1235 C  CG2   . THR C 3 129 ? 5.547   13.932  -5.282  1.00 15.81 ? 183 THR A CG2   1 
ATOM   1236 N  N     . ASP C 3 130 ? 8.494   15.712  -3.610  1.00 20.80 ? 184 ASP A N     1 
ATOM   1237 C  CA    . ASP C 3 130 ? 8.942   17.085  -3.804  1.00 26.22 ? 184 ASP A CA    1 
ATOM   1238 C  C     . ASP C 3 130 ? 10.276  17.150  -4.540  1.00 30.23 ? 184 ASP A C     1 
ATOM   1239 O  O     . ASP C 3 130 ? 10.497  18.036  -5.366  1.00 32.28 ? 184 ASP A O     1 
ATOM   1240 C  CB    . ASP C 3 130 ? 9.051   17.807  -2.459  1.00 27.31 ? 184 ASP A CB    1 
ATOM   1241 C  CG    . ASP C 3 130 ? 10.002  17.116  -1.502  1.00 29.96 ? 184 ASP A CG    1 
ATOM   1242 O  OD1   . ASP C 3 130 ? 10.269  15.911  -1.695  1.00 35.25 ? 184 ASP A OD1   1 
ATOM   1243 O  OD2   . ASP C 3 130 ? 10.481  17.777  -0.557  1.00 41.49 ? 184 ASP A OD2   1 
ATOM   1244 N  N     . LYS C 3 131 ? 11.163  16.209  -4.238  1.00 27.59 ? 185 LYS A N     1 
ATOM   1245 C  CA    . LYS C 3 131 ? 12.480  16.170  -4.874  1.00 27.51 ? 185 LYS A CA    1 
ATOM   1246 C  C     . LYS C 3 131 ? 12.543  15.301  -6.133  1.00 24.90 ? 185 LYS A C     1 
ATOM   1247 O  O     . LYS C 3 131 ? 13.275  15.611  -7.110  1.00 21.62 ? 185 LYS A O     1 
ATOM   1248 C  CB    . LYS C 3 131 ? 13.478  15.685  -3.857  1.00 29.40 ? 185 LYS A CB    1 
ATOM   1249 C  CG    . LYS C 3 131 ? 13.574  16.574  -2.623  1.00 33.19 ? 185 LYS A CG    1 
ATOM   1250 C  CD    . LYS C 3 131 ? 14.488  15.884  -1.624  1.00 36.42 ? 185 LYS A CD    1 
ATOM   1251 C  CE    . LYS C 3 131 ? 14.869  16.752  -0.448  1.00 43.03 ? 185 LYS A CE    1 
ATOM   1252 N  NZ    . LYS C 3 131 ? 15.309  15.869  0.677   1.00 47.31 ? 185 LYS A NZ    1 
ATOM   1253 N  N     . TRP C 3 132 ? 11.783  14.194  -6.138  1.00 19.95 ? 186 TRP A N     1 
ATOM   1254 C  CA    . TRP C 3 132 ? 11.945  13.191  -7.207  1.00 18.66 ? 186 TRP A CA    1 
ATOM   1255 C  C     . TRP C 3 132 ? 10.844  13.074  -8.134  1.00 16.93 ? 186 TRP A C     1 
ATOM   1256 O  O     . TRP C 3 132 ? 10.922  12.283  -9.085  1.00 18.11 ? 186 TRP A O     1 
ATOM   1257 C  CB    . TRP C 3 132 ? 12.237  11.799  -6.607  1.00 18.27 ? 186 TRP A CB    1 
ATOM   1258 C  CG    . TRP C 3 132 ? 13.310  11.754  -5.566  1.00 18.66 ? 186 TRP A CG    1 
ATOM   1259 C  CD1   . TRP C 3 132 ? 14.413  12.558  -5.474  1.00 19.40 ? 186 TRP A CD1   1 
ATOM   1260 C  CD2   . TRP C 3 132 ? 13.392  10.835  -4.464  1.00 18.42 ? 186 TRP A CD2   1 
ATOM   1261 N  NE1   . TRP C 3 132 ? 15.149  12.226  -4.374  1.00 20.29 ? 186 TRP A NE1   1 
ATOM   1262 C  CE2   . TRP C 3 132 ? 14.554  11.151  -3.748  1.00 20.13 ? 186 TRP A CE2   1 
ATOM   1263 C  CE3   . TRP C 3 132 ? 12.598  9.737   -4.036  1.00 18.22 ? 186 TRP A CE3   1 
ATOM   1264 C  CZ2   . TRP C 3 132 ? 14.946  10.442  -2.618  1.00 19.42 ? 186 TRP A CZ2   1 
ATOM   1265 C  CZ3   . TRP C 3 132 ? 12.978  9.040   -2.916  1.00 17.40 ? 186 TRP A CZ3   1 
ATOM   1266 C  CH2   . TRP C 3 132 ? 14.142  9.376   -2.216  1.00 18.65 ? 186 TRP A CH2   1 
ATOM   1267 N  N     . GLY C 3 133 ? 9.767   13.830  -7.935  1.00 17.94 ? 187 GLY A N     1 
ATOM   1268 C  CA    . GLY C 3 133 ? 8.599   13.677  -8.832  1.00 17.06 ? 187 GLY A CA    1 
ATOM   1269 C  C     . GLY C 3 133 ? 7.666   12.576  -8.410  1.00 16.79 ? 187 GLY A C     1 
ATOM   1270 O  O     . GLY C 3 133 ? 7.877   11.979  -7.375  1.00 16.53 ? 187 GLY A O     1 
ATOM   1271 N  N     . GLU C 3 134 ? 6.705   12.244  -9.244  1.00 18.73 ? 188 GLU A N     1 
ATOM   1272 C  CA    . GLU C 3 134 ? 5.643   11.297  -8.831  1.00 20.74 ? 188 GLU A CA    1 
ATOM   1273 C  C     . GLU C 3 134 ? 6.230   9.883   -8.594  1.00 18.20 ? 188 GLU A C     1 
ATOM   1274 O  O     . GLU C 3 134 ? 7.106   9.381   -9.384  1.00 16.02 ? 188 GLU A O     1 
ATOM   1275 C  CB    . GLU C 3 134 ? 4.482   11.223  -9.822  1.00 25.57 ? 188 GLU A CB    1 
ATOM   1276 C  CG    . GLU C 3 134 ? 3.402   12.283  -9.673  1.00 33.15 ? 188 GLU A CG    1 
ATOM   1277 C  CD    . GLU C 3 134 ? 2.461   12.100  -8.453  1.00 41.71 ? 188 GLU A CD    1 
ATOM   1278 O  OE1   . GLU C 3 134 ? 2.302   10.977  -7.875  1.00 49.29 ? 188 GLU A OE1   1 
ATOM   1279 O  OE2   . GLU C 3 134 ? 1.845   13.114  -8.058  1.00 47.50 ? 188 GLU A OE2   1 
ATOM   1280 N  N     . ILE C 3 135 ? 5.788   9.230   -7.510  1.00 14.49 ? 189 ILE A N     1 
ATOM   1281 C  CA    . ILE C 3 135 ? 6.189   7.865   -7.344  1.00 12.49 ? 189 ILE A CA    1 
ATOM   1282 C  C     . ILE C 3 135 ? 5.921   7.013   -8.591  1.00 13.65 ? 189 ILE A C     1 
ATOM   1283 O  O     . ILE C 3 135 ? 4.940   7.222   -9.341  1.00 13.62 ? 189 ILE A O     1 
ATOM   1284 C  CB    . ILE C 3 135 ? 5.452   7.261   -6.142  1.00 11.79 ? 189 ILE A CB    1 
ATOM   1285 C  CG1   . ILE C 3 135 ? 6.088   5.984   -5.667  1.00 12.65 ? 189 ILE A CG1   1 
ATOM   1286 C  CG2   . ILE C 3 135 ? 3.973   7.091   -6.448  1.00 11.25 ? 189 ILE A CG2   1 
ATOM   1287 C  CD1   . ILE C 3 135 ? 5.569   5.672   -4.267  1.00 11.88 ? 189 ILE A CD1   1 
ATOM   1288 N  N     . LYS C 3 136 ? 6.787   6.046   -8.837  1.00 14.60 ? 190 LYS A N     1 
ATOM   1289 C  CA    . LYS C 3 136 ? 6.714   5.265   -10.105 1.00 17.88 ? 190 LYS A CA    1 
ATOM   1290 C  C     . LYS C 3 136 ? 5.487   4.409   -10.275 1.00 17.78 ? 190 LYS A C     1 
ATOM   1291 O  O     . LYS C 3 136 ? 5.158   4.085   -11.411 1.00 20.29 ? 190 LYS A O     1 
ATOM   1292 C  CB    . LYS C 3 136 ? 7.967   4.404   -10.356 1.00 21.58 ? 190 LYS A CB    1 
ATOM   1293 C  CG    . LYS C 3 136 ? 9.276   5.217   -10.490 1.00 26.50 ? 190 LYS A CG    1 
ATOM   1294 C  CD    . LYS C 3 136 ? 9.848   5.295   -11.916 1.00 32.43 ? 190 LYS A CD    1 
ATOM   1295 C  CE    . LYS C 3 136 ? 9.906   3.952   -12.681 1.00 34.28 ? 190 LYS A CE    1 
ATOM   1296 N  NZ    . LYS C 3 136 ? 11.144  3.690   -13.472 1.00 35.01 ? 190 LYS A NZ    1 
ATOM   1297 N  N     . ALA C 3 137 ? 4.755   4.064   -9.193  1.00 15.01 ? 191 ALA A N     1 
ATOM   1298 C  CA    . ALA C 3 137 ? 3.482   3.367   -9.265  1.00 15.10 ? 191 ALA A CA    1 
ATOM   1299 C  C     . ALA C 3 137 ? 2.234   4.262   -9.452  1.00 17.16 ? 191 ALA A C     1 
ATOM   1300 O  O     . ALA C 3 137 ? 1.100   3.766   -9.480  1.00 17.33 ? 191 ALA A O     1 
ATOM   1301 C  CB    . ALA C 3 137 ? 3.323   2.492   -7.997  1.00 13.92 ? 191 ALA A CB    1 
ATOM   1302 N  N     . ASP C 3 138 ? 2.427   5.576   -9.608  1.00 18.07 ? 192 ASP A N     1 
ATOM   1303 C  CA    . ASP C 3 138 ? 1.319   6.492   -9.750  1.00 21.27 ? 192 ASP A CA    1 
ATOM   1304 C  C     . ASP C 3 138 ? 0.429   6.097   -10.904 1.00 22.63 ? 192 ASP A C     1 
ATOM   1305 O  O     . ASP C 3 138 ? 0.901   5.546   -11.908 1.00 23.35 ? 192 ASP A O     1 
ATOM   1306 C  CB    . ASP C 3 138 ? 1.813   7.934   -9.971  1.00 25.03 ? 192 ASP A CB    1 
ATOM   1307 C  CG    . ASP C 3 138 ? 0.688   8.926   -9.937  1.00 28.70 ? 192 ASP A CG    1 
ATOM   1308 O  OD1   . ASP C 3 138 ? -0.036  8.999   -8.927  1.00 30.52 ? 192 ASP A OD1   1 
ATOM   1309 O  OD2   . ASP C 3 138 ? 0.523   9.627   -10.929 1.00 35.78 ? 192 ASP A OD2   1 
ATOM   1310 N  N     . TYR C 3 139 ? -0.863  6.299   -10.701 1.00 22.50 ? 193 TYR A N     1 
ATOM   1311 C  CA    . TYR C 3 139 ? -1.844  6.188   -11.744 1.00 24.15 ? 193 TYR A CA    1 
ATOM   1312 C  C     . TYR C 3 139 ? -1.904  7.565   -12.416 1.00 24.95 ? 193 TYR A C     1 
ATOM   1313 O  O     . TYR C 3 139 ? -1.908  7.580   -13.645 1.00 34.11 ? 193 TYR A O     1 
ATOM   1314 C  CB    . TYR C 3 139 ? -3.205  5.751   -11.218 1.00 22.02 ? 193 TYR A CB    1 
ATOM   1315 C  CG    . TYR C 3 139 ? -3.269  4.307   -10.692 1.00 19.86 ? 193 TYR A CG    1 
ATOM   1316 C  CD1   . TYR C 3 139 ? -2.786  3.976   -9.421  1.00 19.07 ? 193 TYR A CD1   1 
ATOM   1317 C  CD2   . TYR C 3 139 ? -3.904  3.300   -11.417 1.00 20.10 ? 193 TYR A CD2   1 
ATOM   1318 C  CE1   . TYR C 3 139 ? -2.865  2.692   -8.929  1.00 15.73 ? 193 TYR A CE1   1 
ATOM   1319 C  CE2   . TYR C 3 139 ? -4.006  2.024   -10.925 1.00 19.83 ? 193 TYR A CE2   1 
ATOM   1320 C  CZ    . TYR C 3 139 ? -3.483  1.725   -9.674  1.00 18.26 ? 193 TYR A CZ    1 
ATOM   1321 O  OH    . TYR C 3 139 ? -3.573  0.456   -9.205  1.00 16.07 ? 193 TYR A OH    1 
HETATM 1322 MG MG    . MG  D 4 .   ? 0.225   7.868   -3.270  1.00 15.22 ? 201 MG  B MG    1 
HETATM 1323 MG MG    . MG  E 4 .   ? 0.469   9.199   -5.681  1.00 36.51 ? 201 MG  A MG    1 
HETATM 1324 O  O     . HOH F 5 .   ? -2.186  18.034  -1.432  1.00 27.34 ? 301 HOH B O     1 
HETATM 1325 O  O     . HOH F 5 .   ? 0.932   15.955  -1.461  1.00 21.34 ? 302 HOH B O     1 
HETATM 1326 O  O     . HOH F 5 .   ? -0.781  10.513  4.000   1.00 8.72  ? 303 HOH B O     1 
HETATM 1327 O  O     . HOH F 5 .   ? -4.338  23.643  6.855   1.00 34.22 ? 304 HOH B O     1 
HETATM 1328 O  O     . HOH F 5 .   ? -10.486 30.673  11.594  1.00 50.65 ? 305 HOH B O     1 
HETATM 1329 O  O     . HOH F 5 .   ? -5.659  20.952  7.471   1.00 21.82 ? 306 HOH B O     1 
HETATM 1330 O  O     . HOH F 5 .   ? -6.158  30.279  5.589   1.00 33.61 ? 307 HOH B O     1 
HETATM 1331 O  O     . HOH G 5 .   ? -17.466 10.745  3.332   1.00 19.57 ? 101 HOH C O     1 
HETATM 1332 O  O     . HOH G 5 .   ? -7.785  18.800  6.835   1.00 25.85 ? 102 HOH C O     1 
HETATM 1333 O  O     . HOH G 5 .   ? -2.528  6.810   13.501  1.00 15.49 ? 103 HOH C O     1 
HETATM 1334 O  O     . HOH G 5 .   ? -14.723 8.598   5.684   1.00 17.88 ? 104 HOH C O     1 
HETATM 1335 O  O     . HOH G 5 .   ? -11.752 14.126  6.043   1.00 17.66 ? 105 HOH C O     1 
HETATM 1336 O  O     . HOH G 5 .   ? -5.837  12.709  12.335  1.00 23.45 ? 106 HOH C O     1 
HETATM 1337 O  O     . HOH G 5 .   ? -9.025  17.602  3.754   1.00 19.52 ? 107 HOH C O     1 
HETATM 1338 O  O     . HOH G 5 .   ? -7.236  16.707  10.404  1.00 18.51 ? 108 HOH C O     1 
HETATM 1339 O  O     . HOH G 5 .   ? -6.998  18.671  3.396   1.00 24.74 ? 109 HOH C O     1 
HETATM 1340 O  O     . HOH G 5 .   ? -9.098  12.066  9.307   1.00 17.47 ? 110 HOH C O     1 
HETATM 1341 O  O     . HOH G 5 .   ? -7.831  14.004  10.670  1.00 24.79 ? 111 HOH C O     1 
HETATM 1342 O  O     . HOH G 5 .   ? -9.836  10.632  11.213  1.00 36.33 ? 112 HOH C O     1 
HETATM 1343 O  O     . HOH H 5 .   ? -12.411 -8.666  -7.099  1.00 31.95 ? 301 HOH A O     1 
HETATM 1344 O  O     . HOH H 5 .   ? 2.290   15.879  6.925   1.00 40.83 ? 302 HOH A O     1 
HETATM 1345 O  O     . HOH H 5 .   ? 10.195  -6.700  1.668   1.00 59.72 ? 303 HOH A O     1 
HETATM 1346 O  O     . HOH H 5 .   ? 21.195  -6.562  4.352   1.00 49.25 ? 304 HOH A O     1 
HETATM 1347 O  O     . HOH H 5 .   ? 5.929   13.103  5.135   1.00 35.58 ? 305 HOH A O     1 
HETATM 1348 O  O     . HOH H 5 .   ? 4.591   -3.225  11.034  1.00 21.27 ? 306 HOH A O     1 
HETATM 1349 O  O     . HOH H 5 .   ? -8.592  -0.661  11.617  1.00 16.82 ? 307 HOH A O     1 
HETATM 1350 O  O     . HOH H 5 .   ? 8.602   -8.490  3.364   1.00 13.55 ? 308 HOH A O     1 
HETATM 1351 O  O     . HOH H 5 .   ? -7.009  -10.305 2.971   1.00 19.24 ? 309 HOH A O     1 
HETATM 1352 O  O     . HOH H 5 .   ? -2.059  9.110   1.997   1.00 8.69  ? 310 HOH A O     1 
HETATM 1353 O  O     . HOH H 5 .   ? 1.112   3.349   -0.191  1.00 7.15  ? 311 HOH A O     1 
HETATM 1354 O  O     . HOH H 5 .   ? 6.982   -0.715  9.417   1.00 21.76 ? 312 HOH A O     1 
HETATM 1355 O  O     . HOH H 5 .   ? -2.074  7.419   -7.873  1.00 23.71 ? 313 HOH A O     1 
HETATM 1356 O  O     . HOH H 5 .   ? -8.094  8.777   12.140  1.00 17.06 ? 314 HOH A O     1 
HETATM 1357 O  O     . HOH H 5 .   ? -7.169  -2.667  -10.531 1.00 26.47 ? 315 HOH A O     1 
HETATM 1358 O  O     . HOH H 5 .   ? 9.326   10.328  -10.584 1.00 26.83 ? 316 HOH A O     1 
HETATM 1359 O  O     . HOH H 5 .   ? -15.706 3.795   11.206  1.00 33.67 ? 317 HOH A O     1 
HETATM 1360 O  O     . HOH H 5 .   ? 8.955   5.197   -7.174  1.00 15.17 ? 318 HOH A O     1 
HETATM 1361 O  O     . HOH H 5 .   ? 4.590   8.219   8.509   1.00 14.58 ? 319 HOH A O     1 
HETATM 1362 O  O     . HOH H 5 .   ? 12.737  -8.759  5.309   1.00 24.19 ? 320 HOH A O     1 
HETATM 1363 O  O     . HOH H 5 .   ? -5.963  -7.871  3.307   1.00 12.81 ? 321 HOH A O     1 
HETATM 1364 O  O     . HOH H 5 .   ? 17.628  -2.381  -2.118  1.00 18.84 ? 322 HOH A O     1 
HETATM 1365 O  O     . HOH H 5 .   ? 15.116  6.801   0.083   1.00 17.42 ? 323 HOH A O     1 
HETATM 1366 O  O     . HOH H 5 .   ? 4.291   10.550  -5.484  1.00 12.10 ? 324 HOH A O     1 
HETATM 1367 O  O     . HOH H 5 .   ? 2.200   5.696   -2.568  1.00 10.93 ? 325 HOH A O     1 
HETATM 1368 O  O     . HOH H 5 .   ? 11.932  -6.791  1.898   1.00 10.55 ? 326 HOH A O     1 
HETATM 1369 O  O     . HOH H 5 .   ? -16.678 -1.954  -1.836  1.00 48.30 ? 327 HOH A O     1 
HETATM 1370 O  O     . HOH H 5 .   ? -2.422  3.881   13.657  1.00 15.06 ? 328 HOH A O     1 
HETATM 1371 O  O     . HOH H 5 .   ? -4.904  -12.007 7.308   1.00 19.49 ? 329 HOH A O     1 
HETATM 1372 O  O     . HOH H 5 .   ? -15.761 -1.833  0.406   1.00 17.64 ? 330 HOH A O     1 
HETATM 1373 O  O     . HOH H 5 .   ? -18.744 -4.187  0.741   1.00 30.83 ? 331 HOH A O     1 
HETATM 1374 O  O     . HOH H 5 .   ? 6.029   1.652   8.394   1.00 21.60 ? 333 HOH A O     1 
HETATM 1375 O  O     . HOH H 5 .   ? -0.703  12.346  6.805   1.00 16.33 ? 334 HOH A O     1 
HETATM 1376 O  O     . HOH H 5 .   ? 13.684  -3.376  -8.104  1.00 27.23 ? 335 HOH A O     1 
HETATM 1377 O  O     . HOH H 5 .   ? 20.103  3.080   -5.540  1.00 22.67 ? 336 HOH A O     1 
HETATM 1378 O  O     . HOH H 5 .   ? -1.896  -8.625  -9.605  1.00 19.80 ? 337 HOH A O     1 
HETATM 1379 O  O     . HOH H 5 .   ? 11.706  7.160   4.652   1.00 23.97 ? 338 HOH A O     1 
HETATM 1380 O  O     . HOH H 5 .   ? 19.240  0.502   -5.154  1.00 17.19 ? 339 HOH A O     1 
HETATM 1381 O  O     . HOH H 5 .   ? 5.308   -14.236 -8.990  1.00 30.66 ? 340 HOH A O     1 
HETATM 1382 O  O     . HOH H 5 .   ? 21.857  -6.205  -7.271  1.00 22.48 ? 341 HOH A O     1 
HETATM 1383 O  O     . HOH H 5 .   ? -3.115  -8.098  3.249   1.00 20.34 ? 342 HOH A O     1 
HETATM 1384 O  O     . HOH H 5 .   ? 10.945  0.999   7.941   1.00 29.84 ? 343 HOH A O     1 
HETATM 1385 O  O     . HOH H 5 .   ? 21.102  -6.125  3.302   1.00 18.35 ? 344 HOH A O     1 
HETATM 1386 O  O     . HOH H 5 .   ? 1.320   11.097  8.109   1.00 25.54 ? 345 HOH A O     1 
HETATM 1387 O  O     . HOH H 5 .   ? -9.908  -5.488  13.997  1.00 34.48 ? 346 HOH A O     1 
HETATM 1388 O  O     . HOH H 5 .   ? 7.540   -6.109  12.610  1.00 34.51 ? 347 HOH A O     1 
HETATM 1389 O  O     . HOH H 5 .   ? -10.076 3.496   -9.478  1.00 31.75 ? 348 HOH A O     1 
HETATM 1390 O  O     . HOH H 5 .   ? -15.190 -2.972  14.665  1.00 34.70 ? 349 HOH A O     1 
HETATM 1391 O  O     . HOH H 5 .   ? -2.583  -8.943  0.422   1.00 30.84 ? 350 HOH A O     1 
HETATM 1392 O  O     . HOH H 5 .   ? -21.090 -3.494  8.895   1.00 31.35 ? 351 HOH A O     1 
HETATM 1393 O  O     . HOH H 5 .   ? -11.528 2.741   -11.165 1.00 35.04 ? 352 HOH A O     1 
# 
loop_
_pdbx_poly_seq_scheme.asym_id 
_pdbx_poly_seq_scheme.entity_id 
_pdbx_poly_seq_scheme.seq_id 
_pdbx_poly_seq_scheme.mon_id 
_pdbx_poly_seq_scheme.ndb_seq_num 
_pdbx_poly_seq_scheme.pdb_seq_num 
_pdbx_poly_seq_scheme.auth_seq_num 
_pdbx_poly_seq_scheme.pdb_mon_id 
_pdbx_poly_seq_scheme.auth_mon_id 
_pdbx_poly_seq_scheme.pdb_strand_id 
_pdbx_poly_seq_scheme.pdb_ins_code 
_pdbx_poly_seq_scheme.hetero 
A 1 1   U   1   1   1   U   U   B . n 
A 1 2   C   2   2   2   C   C   B . n 
A 1 3   G   3   3   3   G   G   B . n 
A 1 4   A   4   4   4   A   A   B . n 
A 1 5   C   5   5   5   C   C   B . n 
A 1 6   A   6   6   6   A   A   B . n 
B 2 1   DA  1   1   1   DA  DA  C . n 
B 2 2   DT  2   2   2   DT  DT  C . n 
B 2 3   DG  3   3   3   DG  DG  C . n 
B 2 4   DT  4   4   4   DT  DT  C . n 
B 2 5   DC  5   5   5   DC  DC  C . n 
B 2 6   DG  6   6   6   DG  DG  C . n 
C 3 1   GLY 1   55  ?   ?   ?   A . n 
C 3 2   SER 2   56  ?   ?   ?   A . n 
C 3 3   HIS 3   57  ?   ?   ?   A . n 
C 3 4   MET 4   58  ?   ?   ?   A . n 
C 3 5   ALA 5   59  ?   ?   ?   A . n 
C 3 6   LYS 6   60  ?   ?   ?   A . n 
C 3 7   GLU 7   61  ?   ?   ?   A . n 
C 3 8   GLU 8   62  62  GLU GLU A . n 
C 3 9   ILE 9   63  63  ILE ILE A . n 
C 3 10  ILE 10  64  64  ILE ILE A . n 
C 3 11  TRP 11  65  65  TRP TRP A . n 
C 3 12  GLU 12  66  66  GLU GLU A . n 
C 3 13  SER 13  67  67  SER SER A . n 
C 3 14  LEU 14  68  68  LEU LEU A . n 
C 3 15  SER 15  69  69  SER SER A . n 
C 3 16  VAL 16  70  70  VAL VAL A . n 
C 3 17  ASP 17  71  71  ASP ASP A . n 
C 3 18  VAL 18  72  72  VAL VAL A . n 
C 3 19  GLY 19  73  73  GLY GLY A . n 
C 3 20  SER 20  74  74  SER SER A . n 
C 3 21  GLN 21  75  75  GLN GLN A . n 
C 3 22  GLY 22  76  76  GLY GLY A . n 
C 3 23  ASN 23  77  77  ASN ASN A . n 
C 3 24  PRO 24  78  78  PRO PRO A . n 
C 3 25  GLY 25  79  79  GLY GLY A . n 
C 3 26  ILE 26  80  80  ILE ILE A . n 
C 3 27  VAL 27  81  81  VAL VAL A . n 
C 3 28  GLU 28  82  82  GLU GLU A . n 
C 3 29  TYR 29  83  83  TYR TYR A . n 
C 3 30  LYS 30  84  84  LYS LYS A . n 
C 3 31  GLY 31  85  85  GLY GLY A . n 
C 3 32  VAL 32  86  86  VAL VAL A . n 
C 3 33  ASP 33  87  87  ASP ASP A . n 
C 3 34  THR 34  88  88  THR THR A . n 
C 3 35  LYS 35  89  89  LYS LYS A . n 
C 3 36  THR 36  90  90  THR THR A . n 
C 3 37  GLY 37  91  91  GLY GLY A . n 
C 3 38  GLU 38  92  92  GLU GLU A . n 
C 3 39  VAL 39  93  93  VAL VAL A . n 
C 3 40  LEU 40  94  94  LEU LEU A . n 
C 3 41  PHE 41  95  95  PHE PHE A . n 
C 3 42  GLU 42  96  96  GLU GLU A . n 
C 3 43  ARG 43  97  97  ARG ARG A . n 
C 3 44  GLU 44  98  98  GLU GLU A . n 
C 3 45  PRO 45  99  99  PRO PRO A . n 
C 3 46  ILE 46  100 100 ILE ILE A . n 
C 3 47  PRO 47  101 101 PRO PRO A . n 
C 3 48  ILE 48  102 102 ILE ILE A . n 
C 3 49  GLY 49  103 103 GLY GLY A . n 
C 3 50  THR 50  104 104 THR THR A . n 
C 3 51  ASN 51  105 105 ASN ASN A . n 
C 3 52  ASN 52  106 106 ASN ASN A . n 
C 3 53  MET 53  107 107 MET MET A . n 
C 3 54  GLY 54  108 108 GLY GLY A . n 
C 3 55  GLU 55  109 109 GLU GLU A . n 
C 3 56  PHE 56  110 110 PHE PHE A . n 
C 3 57  LEU 57  111 111 LEU LEU A . n 
C 3 58  ALA 58  112 112 ALA ALA A . n 
C 3 59  ILE 59  113 113 ILE ILE A . n 
C 3 60  VAL 60  114 114 VAL VAL A . n 
C 3 61  HIS 61  115 115 HIS HIS A . n 
C 3 62  GLY 62  116 116 GLY GLY A . n 
C 3 63  LEU 63  117 117 LEU LEU A . n 
C 3 64  ARG 64  118 118 ARG ARG A . n 
C 3 65  TYR 65  119 119 TYR TYR A . n 
C 3 66  LEU 66  120 120 LEU LEU A . n 
C 3 67  LYS 67  121 121 LYS LYS A . n 
C 3 68  GLU 68  122 122 GLU GLU A . n 
C 3 69  ARG 69  123 123 ARG ARG A . n 
C 3 70  ASN 70  124 124 ASN ASN A . n 
C 3 71  SER 71  125 125 SER SER A . n 
C 3 72  ARG 72  126 126 ARG ARG A . n 
C 3 73  LYS 73  127 127 LYS LYS A . n 
C 3 74  PRO 74  128 128 PRO PRO A . n 
C 3 75  ILE 75  129 129 ILE ILE A . n 
C 3 76  TYR 76  130 130 TYR TYR A . n 
C 3 77  SER 77  131 131 SER SER A . n 
C 3 78  ASN 78  132 132 ASN ASN A . n 
C 3 79  SER 79  133 133 SER SER A . n 
C 3 80  GLN 80  134 134 GLN GLN A . n 
C 3 81  THR 81  135 135 THR THR A . n 
C 3 82  ALA 82  136 136 ALA ALA A . n 
C 3 83  ILE 83  137 137 ILE ILE A . n 
C 3 84  LYS 84  138 138 LYS LYS A . n 
C 3 85  TRP 85  139 139 TRP TRP A . n 
C 3 86  VAL 86  140 140 VAL VAL A . n 
C 3 87  LYS 87  141 141 LYS LYS A . n 
C 3 88  ASP 88  142 142 ASP ASP A . n 
C 3 89  LYS 89  143 143 LYS LYS A . n 
C 3 90  LYS 90  144 144 LYS LYS A . n 
C 3 91  ALA 91  145 145 ALA ALA A . n 
C 3 92  LYS 92  146 146 LYS LYS A . n 
C 3 93  SER 93  147 147 SER SER A . n 
C 3 94  THR 94  148 148 THR THR A . n 
C 3 95  LEU 95  149 149 LEU LEU A . n 
C 3 96  VAL 96  150 150 VAL VAL A . n 
C 3 97  ARG 97  151 151 ARG ARG A . n 
C 3 98  ASN 98  152 152 ASN ASN A . n 
C 3 99  GLU 99  153 153 GLU GLU A . n 
C 3 100 GLU 100 154 154 GLU GLU A . n 
C 3 101 THR 101 155 155 THR THR A . n 
C 3 102 ALA 102 156 156 ALA ALA A . n 
C 3 103 LEU 103 157 157 LEU LEU A . n 
C 3 104 ILE 104 158 158 ILE ILE A . n 
C 3 105 TRP 105 159 159 TRP TRP A . n 
C 3 106 LYS 106 160 160 LYS LYS A . n 
C 3 107 LEU 107 161 161 LEU LEU A . n 
C 3 108 VAL 108 162 162 VAL VAL A . n 
C 3 109 ASP 109 163 163 ASP ASP A . n 
C 3 110 GLU 110 164 164 GLU GLU A . n 
C 3 111 ALA 111 165 165 ALA ALA A . n 
C 3 112 GLU 112 166 166 GLU GLU A . n 
C 3 113 GLU 113 167 167 GLU GLU A . n 
C 3 114 TRP 114 168 168 TRP TRP A . n 
C 3 115 LEU 115 169 169 LEU LEU A . n 
C 3 116 ASN 116 170 170 ASN ASN A . n 
C 3 117 THR 117 171 171 THR THR A . n 
C 3 118 HIS 118 172 172 HIS HIS A . n 
C 3 119 THR 119 173 173 THR THR A . n 
C 3 120 TYR 120 174 174 TYR TYR A . n 
C 3 121 GLU 121 175 175 GLU GLU A . n 
C 3 122 THR 122 176 176 THR THR A . n 
C 3 123 PRO 123 177 177 PRO PRO A . n 
C 3 124 ILE 124 178 178 ILE ILE A . n 
C 3 125 LEU 125 179 179 LEU LEU A . n 
C 3 126 LYS 126 180 180 LYS LYS A . n 
C 3 127 TRP 127 181 181 TRP TRP A . n 
C 3 128 GLN 128 182 182 GLN GLN A . n 
C 3 129 THR 129 183 183 THR THR A . n 
C 3 130 ASP 130 184 184 ASP ASP A . n 
C 3 131 LYS 131 185 185 LYS LYS A . n 
C 3 132 TRP 132 186 186 TRP TRP A . n 
C 3 133 GLY 133 187 187 GLY GLY A . n 
C 3 134 GLU 134 188 188 GLU GLU A . n 
C 3 135 ILE 135 189 189 ILE ILE A . n 
C 3 136 LYS 136 190 190 LYS LYS A . n 
C 3 137 ALA 137 191 191 ALA ALA A . n 
C 3 138 ASP 138 192 192 ASP ASP A . n 
C 3 139 TYR 139 193 193 TYR TYR A . n 
C 3 140 GLY 140 194 ?   ?   ?   A . n 
C 3 141 ARG 141 195 ?   ?   ?   A . n 
C 3 142 LYS 142 196 ?   ?   ?   A . n 
# 
loop_
_pdbx_nonpoly_scheme.asym_id 
_pdbx_nonpoly_scheme.entity_id 
_pdbx_nonpoly_scheme.mon_id 
_pdbx_nonpoly_scheme.ndb_seq_num 
_pdbx_nonpoly_scheme.pdb_seq_num 
_pdbx_nonpoly_scheme.auth_seq_num 
_pdbx_nonpoly_scheme.pdb_mon_id 
_pdbx_nonpoly_scheme.auth_mon_id 
_pdbx_nonpoly_scheme.pdb_strand_id 
_pdbx_nonpoly_scheme.pdb_ins_code 
D 4 MG  1  201 1  MG  MG  B . 
E 4 MG  1  201 2  MG  MG  A . 
F 5 HOH 1  301 25 HOH HOH B . 
F 5 HOH 2  302 26 HOH HOH B . 
F 5 HOH 3  303 6  HOH HOH B . 
F 5 HOH 4  304 71 HOH HOH B . 
F 5 HOH 5  305 27 HOH HOH B . 
F 5 HOH 6  306 38 HOH HOH B . 
F 5 HOH 7  307 29 HOH HOH B . 
G 5 HOH 1  101 50 HOH HOH C . 
G 5 HOH 2  102 52 HOH HOH C . 
G 5 HOH 3  103 36 HOH HOH C . 
G 5 HOH 4  104 22 HOH HOH C . 
G 5 HOH 5  105 21 HOH HOH C . 
G 5 HOH 6  106 55 HOH HOH C . 
G 5 HOH 7  107 24 HOH HOH C . 
G 5 HOH 8  108 53 HOH HOH C . 
G 5 HOH 9  109 51 HOH HOH C . 
G 5 HOH 10 110 9  HOH HOH C . 
G 5 HOH 11 111 54 HOH HOH C . 
G 5 HOH 12 112 37 HOH HOH C . 
H 5 HOH 1  301 58 HOH HOH A . 
H 5 HOH 2  302 56 HOH HOH A . 
H 5 HOH 3  303 11 HOH HOH A . 
H 5 HOH 4  304 14 HOH HOH A . 
H 5 HOH 5  305 19 HOH HOH A . 
H 5 HOH 6  306 62 HOH HOH A . 
H 5 HOH 7  307 59 HOH HOH A . 
H 5 HOH 8  308 12 HOH HOH A . 
H 5 HOH 9  309 61 HOH HOH A . 
H 5 HOH 10 310 5  HOH HOH A . 
H 5 HOH 11 311 3  HOH HOH A . 
H 5 HOH 12 312 34 HOH HOH A . 
H 5 HOH 13 313 28 HOH HOH A . 
H 5 HOH 14 314 23 HOH HOH A . 
H 5 HOH 15 315 57 HOH HOH A . 
H 5 HOH 16 316 70 HOH HOH A . 
H 5 HOH 17 317 45 HOH HOH A . 
H 5 HOH 18 318 1  HOH HOH A . 
H 5 HOH 19 319 8  HOH HOH A . 
H 5 HOH 20 320 13 HOH HOH A . 
H 5 HOH 21 321 30 HOH HOH A . 
H 5 HOH 22 322 65 HOH HOH A . 
H 5 HOH 23 323 17 HOH HOH A . 
H 5 HOH 24 324 4  HOH HOH A . 
H 5 HOH 25 325 2  HOH HOH A . 
H 5 HOH 26 326 15 HOH HOH A . 
H 5 HOH 27 327 47 HOH HOH A . 
H 5 HOH 28 328 35 HOH HOH A . 
H 5 HOH 29 329 32 HOH HOH A . 
H 5 HOH 30 330 46 HOH HOH A . 
H 5 HOH 31 331 48 HOH HOH A . 
H 5 HOH 32 333 64 HOH HOH A . 
H 5 HOH 33 334 7  HOH HOH A . 
H 5 HOH 34 335 40 HOH HOH A . 
H 5 HOH 35 336 67 HOH HOH A . 
H 5 HOH 36 337 43 HOH HOH A . 
H 5 HOH 37 338 18 HOH HOH A . 
H 5 HOH 38 339 66 HOH HOH A . 
H 5 HOH 39 340 44 HOH HOH A . 
H 5 HOH 40 341 39 HOH HOH A . 
H 5 HOH 41 342 60 HOH HOH A . 
H 5 HOH 42 343 33 HOH HOH A . 
H 5 HOH 43 344 10 HOH HOH A . 
H 5 HOH 44 345 20 HOH HOH A . 
H 5 HOH 45 346 69 HOH HOH A . 
H 5 HOH 46 347 63 HOH HOH A . 
H 5 HOH 47 348 42 HOH HOH A . 
H 5 HOH 48 349 68 HOH HOH A . 
H 5 HOH 49 350 31 HOH HOH A . 
H 5 HOH 50 351 49 HOH HOH A . 
H 5 HOH 51 352 41 HOH HOH A . 
# 
_pdbx_struct_assembly.id                   1 
_pdbx_struct_assembly.details              author_and_software_defined_assembly 
_pdbx_struct_assembly.method_details       PISA 
_pdbx_struct_assembly.oligomeric_details   trimeric 
_pdbx_struct_assembly.oligomeric_count     3 
# 
_pdbx_struct_assembly_gen.assembly_id       1 
_pdbx_struct_assembly_gen.oper_expression   1 
_pdbx_struct_assembly_gen.asym_id_list      A,B,C,D,E,F,G,H 
# 
loop_
_pdbx_struct_assembly_prop.biol_id 
_pdbx_struct_assembly_prop.type 
_pdbx_struct_assembly_prop.value 
_pdbx_struct_assembly_prop.details 
1 'ABSA (A^2)' 2090 ? 
1 MORE         -29  ? 
1 'SSA (A^2)'  8540 ? 
# 
_pdbx_struct_oper_list.id                   1 
_pdbx_struct_oper_list.type                 'identity operation' 
_pdbx_struct_oper_list.name                 1_555 
_pdbx_struct_oper_list.symmetry_operation   x,y,z 
_pdbx_struct_oper_list.matrix[1][1]         1.0000000000 
_pdbx_struct_oper_list.matrix[1][2]         0.0000000000 
_pdbx_struct_oper_list.matrix[1][3]         0.0000000000 
_pdbx_struct_oper_list.vector[1]            0.0000000000 
_pdbx_struct_oper_list.matrix[2][1]         0.0000000000 
_pdbx_struct_oper_list.matrix[2][2]         1.0000000000 
_pdbx_struct_oper_list.matrix[2][3]         0.0000000000 
_pdbx_struct_oper_list.vector[2]            0.0000000000 
_pdbx_struct_oper_list.matrix[3][1]         0.0000000000 
_pdbx_struct_oper_list.matrix[3][2]         0.0000000000 
_pdbx_struct_oper_list.matrix[3][3]         1.0000000000 
_pdbx_struct_oper_list.vector[3]            0.0000000000 
# 
loop_
_pdbx_struct_conn_angle.id 
_pdbx_struct_conn_angle.ptnr1_label_atom_id 
_pdbx_struct_conn_angle.ptnr1_label_alt_id 
_pdbx_struct_conn_angle.ptnr1_label_asym_id 
_pdbx_struct_conn_angle.ptnr1_label_comp_id 
_pdbx_struct_conn_angle.ptnr1_label_seq_id 
_pdbx_struct_conn_angle.ptnr1_auth_atom_id 
_pdbx_struct_conn_angle.ptnr1_auth_asym_id 
_pdbx_struct_conn_angle.ptnr1_auth_comp_id 
_pdbx_struct_conn_angle.ptnr1_auth_seq_id 
_pdbx_struct_conn_angle.ptnr1_PDB_ins_code 
_pdbx_struct_conn_angle.ptnr1_symmetry 
_pdbx_struct_conn_angle.ptnr2_label_atom_id 
_pdbx_struct_conn_angle.ptnr2_label_alt_id 
_pdbx_struct_conn_angle.ptnr2_label_asym_id 
_pdbx_struct_conn_angle.ptnr2_label_comp_id 
_pdbx_struct_conn_angle.ptnr2_label_seq_id 
_pdbx_struct_conn_angle.ptnr2_auth_atom_id 
_pdbx_struct_conn_angle.ptnr2_auth_asym_id 
_pdbx_struct_conn_angle.ptnr2_auth_comp_id 
_pdbx_struct_conn_angle.ptnr2_auth_seq_id 
_pdbx_struct_conn_angle.ptnr2_PDB_ins_code 
_pdbx_struct_conn_angle.ptnr2_symmetry 
_pdbx_struct_conn_angle.ptnr3_label_atom_id 
_pdbx_struct_conn_angle.ptnr3_label_alt_id 
_pdbx_struct_conn_angle.ptnr3_label_asym_id 
_pdbx_struct_conn_angle.ptnr3_label_comp_id 
_pdbx_struct_conn_angle.ptnr3_label_seq_id 
_pdbx_struct_conn_angle.ptnr3_auth_atom_id 
_pdbx_struct_conn_angle.ptnr3_auth_asym_id 
_pdbx_struct_conn_angle.ptnr3_auth_comp_id 
_pdbx_struct_conn_angle.ptnr3_auth_seq_id 
_pdbx_struct_conn_angle.ptnr3_PDB_ins_code 
_pdbx_struct_conn_angle.ptnr3_symmetry 
_pdbx_struct_conn_angle.value 
_pdbx_struct_conn_angle.value_esd 
1 "O3'" ? A A   6  ? B A   6   ? 1_555 MG ? D MG . ? B MG 201 ? 1_555 OD1 ? C ASP 17 ? A ASP 71  ? 1_555 128.4 ? 
2 "O3'" ? A A   6  ? B A   6   ? 1_555 MG ? D MG . ? B MG 201 ? 1_555 OE2 ? C GLU 55 ? A GLU 109 ? 1_555 83.2  ? 
3 OD1   ? C ASP 17 ? A ASP 71  ? 1_555 MG ? D MG . ? B MG 201 ? 1_555 OE2 ? C GLU 55 ? A GLU 109 ? 1_555 94.6  ? 
4 "O3'" ? A A   6  ? B A   6   ? 1_555 MG ? D MG . ? B MG 201 ? 1_555 OD1 ? C ASN 78 ? A ASN 132 ? 1_555 89.9  ? 
5 OD1   ? C ASP 17 ? A ASP 71  ? 1_555 MG ? D MG . ? B MG 201 ? 1_555 OD1 ? C ASN 78 ? A ASN 132 ? 1_555 141.2 ? 
6 OE2   ? C GLU 55 ? A GLU 109 ? 1_555 MG ? D MG . ? B MG 201 ? 1_555 OD1 ? C ASN 78 ? A ASN 132 ? 1_555 96.7  ? 
7 O     ? F HOH .  ? B HOH 305 ? 4_546 MG ? E MG . ? A MG 201 ? 1_555 OD2 ? C ASP 17 ? A ASP 71  ? 1_555 68.8  ? 
# 
loop_
_pdbx_audit_revision_history.ordinal 
_pdbx_audit_revision_history.data_content_type 
_pdbx_audit_revision_history.major_revision 
_pdbx_audit_revision_history.minor_revision 
_pdbx_audit_revision_history.revision_date 
1 'Structure model' 1 0 2017-08-09 
2 'Structure model' 1 1 2019-09-18 
3 'Structure model' 1 2 2023-08-02 
4 'Structure model' 1 3 2023-10-04 
# 
_pdbx_audit_revision_details.ordinal             1 
_pdbx_audit_revision_details.revision_ordinal    1 
_pdbx_audit_revision_details.data_content_type   'Structure model' 
_pdbx_audit_revision_details.provider            repository 
_pdbx_audit_revision_details.type                'Initial release' 
_pdbx_audit_revision_details.description         ? 
_pdbx_audit_revision_details.details             ? 
# 
loop_
_pdbx_audit_revision_group.ordinal 
_pdbx_audit_revision_group.revision_ordinal 
_pdbx_audit_revision_group.data_content_type 
_pdbx_audit_revision_group.group 
1 2 'Structure model' 'Data collection'        
2 2 'Structure model' 'Structure summary'      
3 3 'Structure model' 'Database references'    
4 3 'Structure model' 'Derived calculations'   
5 4 'Structure model' 'Data collection'        
6 4 'Structure model' 'Refinement description' 
# 
loop_
_pdbx_audit_revision_category.ordinal 
_pdbx_audit_revision_category.revision_ordinal 
_pdbx_audit_revision_category.data_content_type 
_pdbx_audit_revision_category.category 
1 2 'Structure model' struct                        
2 3 'Structure model' citation                      
3 3 'Structure model' citation_author               
4 3 'Structure model' database_2                    
5 3 'Structure model' pdbx_struct_conn_angle        
6 3 'Structure model' struct_conn                   
7 4 'Structure model' chem_comp_atom                
8 4 'Structure model' chem_comp_bond                
9 4 'Structure model' pdbx_initial_refinement_model 
# 
loop_
_pdbx_audit_revision_item.ordinal 
_pdbx_audit_revision_item.revision_ordinal 
_pdbx_audit_revision_item.data_content_type 
_pdbx_audit_revision_item.item 
1  2 'Structure model' '_struct.title'                               
2  3 'Structure model' '_citation.country'                           
3  3 'Structure model' '_citation.journal_abbrev'                    
4  3 'Structure model' '_citation.journal_id_CSD'                    
5  3 'Structure model' '_citation.journal_id_ISSN'                   
6  3 'Structure model' '_citation.journal_volume'                    
7  3 'Structure model' '_citation.pdbx_database_id_DOI'              
8  3 'Structure model' '_citation.title'                             
9  3 'Structure model' '_citation.year'                              
10 3 'Structure model' '_database_2.pdbx_DOI'                        
11 3 'Structure model' '_database_2.pdbx_database_accession'         
12 3 'Structure model' '_pdbx_struct_conn_angle.ptnr1_auth_asym_id'  
13 3 'Structure model' '_pdbx_struct_conn_angle.ptnr1_auth_comp_id'  
14 3 'Structure model' '_pdbx_struct_conn_angle.ptnr1_auth_seq_id'   
15 3 'Structure model' '_pdbx_struct_conn_angle.ptnr1_label_asym_id' 
16 3 'Structure model' '_pdbx_struct_conn_angle.ptnr1_label_atom_id' 
17 3 'Structure model' '_pdbx_struct_conn_angle.ptnr1_label_comp_id' 
18 3 'Structure model' '_pdbx_struct_conn_angle.ptnr1_label_seq_id'  
19 3 'Structure model' '_pdbx_struct_conn_angle.ptnr1_symmetry'      
20 3 'Structure model' '_pdbx_struct_conn_angle.ptnr3_auth_asym_id'  
21 3 'Structure model' '_pdbx_struct_conn_angle.ptnr3_auth_comp_id'  
22 3 'Structure model' '_pdbx_struct_conn_angle.ptnr3_auth_seq_id'   
23 3 'Structure model' '_pdbx_struct_conn_angle.ptnr3_label_asym_id' 
24 3 'Structure model' '_pdbx_struct_conn_angle.ptnr3_label_atom_id' 
25 3 'Structure model' '_pdbx_struct_conn_angle.ptnr3_label_comp_id' 
26 3 'Structure model' '_pdbx_struct_conn_angle.ptnr3_label_seq_id'  
27 3 'Structure model' '_pdbx_struct_conn_angle.ptnr3_symmetry'      
28 3 'Structure model' '_struct_conn.pdbx_dist_value'                
29 3 'Structure model' '_struct_conn.ptnr1_auth_asym_id'             
30 3 'Structure model' '_struct_conn.ptnr1_auth_comp_id'             
31 3 'Structure model' '_struct_conn.ptnr1_auth_seq_id'              
32 3 'Structure model' '_struct_conn.ptnr1_label_asym_id'            
33 3 'Structure model' '_struct_conn.ptnr1_label_atom_id'            
34 3 'Structure model' '_struct_conn.ptnr1_label_comp_id'            
35 3 'Structure model' '_struct_conn.ptnr1_label_seq_id'             
36 3 'Structure model' '_struct_conn.ptnr1_symmetry'                 
37 3 'Structure model' '_struct_conn.ptnr2_auth_asym_id'             
38 3 'Structure model' '_struct_conn.ptnr2_auth_comp_id'             
39 3 'Structure model' '_struct_conn.ptnr2_auth_seq_id'              
40 3 'Structure model' '_struct_conn.ptnr2_label_asym_id'            
41 3 'Structure model' '_struct_conn.ptnr2_label_atom_id'            
42 3 'Structure model' '_struct_conn.ptnr2_label_comp_id'            
43 3 'Structure model' '_struct_conn.ptnr2_label_seq_id'             
44 3 'Structure model' '_struct_conn.ptnr2_symmetry'                 
# 
loop_
_software.citation_id 
_software.classification 
_software.compiler_name 
_software.compiler_version 
_software.contact_author 
_software.contact_author_email 
_software.date 
_software.description 
_software.dependencies 
_software.hardware 
_software.language 
_software.location 
_software.mods 
_software.name 
_software.os 
_software.os_version 
_software.type 
_software.version 
_software.pdbx_ordinal 
? refinement       ? ? ? ? ? ? ? ? ? ? ? REFMAC   ? ? ? 5.8.0158 1 
? 'data reduction' ? ? ? ? ? ? ? ? ? ? ? HKL-2000 ? ? ? .        2 
? 'data scaling'   ? ? ? ? ? ? ? ? ? ? ? HKL-2000 ? ? ? .        3 
? phasing          ? ? ? ? ? ? ? ? ? ? ? PHASER   ? ? ? .        4 
# 
loop_
_pdbx_validate_close_contact.id 
_pdbx_validate_close_contact.PDB_model_num 
_pdbx_validate_close_contact.auth_atom_id_1 
_pdbx_validate_close_contact.auth_asym_id_1 
_pdbx_validate_close_contact.auth_comp_id_1 
_pdbx_validate_close_contact.auth_seq_id_1 
_pdbx_validate_close_contact.PDB_ins_code_1 
_pdbx_validate_close_contact.label_alt_id_1 
_pdbx_validate_close_contact.auth_atom_id_2 
_pdbx_validate_close_contact.auth_asym_id_2 
_pdbx_validate_close_contact.auth_comp_id_2 
_pdbx_validate_close_contact.auth_seq_id_2 
_pdbx_validate_close_contact.PDB_ins_code_2 
_pdbx_validate_close_contact.label_alt_id_2 
_pdbx_validate_close_contact.dist 
1 1 O   A HOH 304 ? ? O A HOH 344 ? ? 1.14 
2 1 O   A HOH 303 ? ? O A HOH 326 ? ? 1.76 
3 1 OE1 A GLU 98  ? ? O A HOH 301 ? ? 1.91 
4 1 NE2 A GLN 134 ? ? O A HOH 302 ? ? 1.98 
5 1 OG1 A THR 176 ? ? O A HOH 303 ? ? 2.10 
# 
loop_
_pdbx_unobs_or_zero_occ_residues.id 
_pdbx_unobs_or_zero_occ_residues.PDB_model_num 
_pdbx_unobs_or_zero_occ_residues.polymer_flag 
_pdbx_unobs_or_zero_occ_residues.occupancy_flag 
_pdbx_unobs_or_zero_occ_residues.auth_asym_id 
_pdbx_unobs_or_zero_occ_residues.auth_comp_id 
_pdbx_unobs_or_zero_occ_residues.auth_seq_id 
_pdbx_unobs_or_zero_occ_residues.PDB_ins_code 
_pdbx_unobs_or_zero_occ_residues.label_asym_id 
_pdbx_unobs_or_zero_occ_residues.label_comp_id 
_pdbx_unobs_or_zero_occ_residues.label_seq_id 
1  1 Y 1 A GLY 55  ? C GLY 1   
2  1 Y 1 A SER 56  ? C SER 2   
3  1 Y 1 A HIS 57  ? C HIS 3   
4  1 Y 1 A MET 58  ? C MET 4   
5  1 Y 1 A ALA 59  ? C ALA 5   
6  1 Y 1 A LYS 60  ? C LYS 6   
7  1 Y 1 A GLU 61  ? C GLU 7   
8  1 Y 1 A GLY 194 ? C GLY 140 
9  1 Y 1 A ARG 195 ? C ARG 141 
10 1 Y 1 A LYS 196 ? C LYS 142 
# 
loop_
_chem_comp_atom.comp_id 
_chem_comp_atom.atom_id 
_chem_comp_atom.type_symbol 
_chem_comp_atom.pdbx_aromatic_flag 
_chem_comp_atom.pdbx_stereo_config 
_chem_comp_atom.pdbx_ordinal 
A   OP3    O  N N 1   
A   P      P  N N 2   
A   OP1    O  N N 3   
A   OP2    O  N N 4   
A   "O5'"  O  N N 5   
A   "C5'"  C  N N 6   
A   "C4'"  C  N R 7   
A   "O4'"  O  N N 8   
A   "C3'"  C  N S 9   
A   "O3'"  O  N N 10  
A   "C2'"  C  N R 11  
A   "O2'"  O  N N 12  
A   "C1'"  C  N R 13  
A   N9     N  Y N 14  
A   C8     C  Y N 15  
A   N7     N  Y N 16  
A   C5     C  Y N 17  
A   C6     C  Y N 18  
A   N6     N  N N 19  
A   N1     N  Y N 20  
A   C2     C  Y N 21  
A   N3     N  Y N 22  
A   C4     C  Y N 23  
A   HOP3   H  N N 24  
A   HOP2   H  N N 25  
A   "H5'"  H  N N 26  
A   "H5''" H  N N 27  
A   "H4'"  H  N N 28  
A   "H3'"  H  N N 29  
A   "HO3'" H  N N 30  
A   "H2'"  H  N N 31  
A   "HO2'" H  N N 32  
A   "H1'"  H  N N 33  
A   H8     H  N N 34  
A   H61    H  N N 35  
A   H62    H  N N 36  
A   H2     H  N N 37  
ALA N      N  N N 38  
ALA CA     C  N S 39  
ALA C      C  N N 40  
ALA O      O  N N 41  
ALA CB     C  N N 42  
ALA OXT    O  N N 43  
ALA H      H  N N 44  
ALA H2     H  N N 45  
ALA HA     H  N N 46  
ALA HB1    H  N N 47  
ALA HB2    H  N N 48  
ALA HB3    H  N N 49  
ALA HXT    H  N N 50  
ARG N      N  N N 51  
ARG CA     C  N S 52  
ARG C      C  N N 53  
ARG O      O  N N 54  
ARG CB     C  N N 55  
ARG CG     C  N N 56  
ARG CD     C  N N 57  
ARG NE     N  N N 58  
ARG CZ     C  N N 59  
ARG NH1    N  N N 60  
ARG NH2    N  N N 61  
ARG OXT    O  N N 62  
ARG H      H  N N 63  
ARG H2     H  N N 64  
ARG HA     H  N N 65  
ARG HB2    H  N N 66  
ARG HB3    H  N N 67  
ARG HG2    H  N N 68  
ARG HG3    H  N N 69  
ARG HD2    H  N N 70  
ARG HD3    H  N N 71  
ARG HE     H  N N 72  
ARG HH11   H  N N 73  
ARG HH12   H  N N 74  
ARG HH21   H  N N 75  
ARG HH22   H  N N 76  
ARG HXT    H  N N 77  
ASN N      N  N N 78  
ASN CA     C  N S 79  
ASN C      C  N N 80  
ASN O      O  N N 81  
ASN CB     C  N N 82  
ASN CG     C  N N 83  
ASN OD1    O  N N 84  
ASN ND2    N  N N 85  
ASN OXT    O  N N 86  
ASN H      H  N N 87  
ASN H2     H  N N 88  
ASN HA     H  N N 89  
ASN HB2    H  N N 90  
ASN HB3    H  N N 91  
ASN HD21   H  N N 92  
ASN HD22   H  N N 93  
ASN HXT    H  N N 94  
ASP N      N  N N 95  
ASP CA     C  N S 96  
ASP C      C  N N 97  
ASP O      O  N N 98  
ASP CB     C  N N 99  
ASP CG     C  N N 100 
ASP OD1    O  N N 101 
ASP OD2    O  N N 102 
ASP OXT    O  N N 103 
ASP H      H  N N 104 
ASP H2     H  N N 105 
ASP HA     H  N N 106 
ASP HB2    H  N N 107 
ASP HB3    H  N N 108 
ASP HD2    H  N N 109 
ASP HXT    H  N N 110 
C   OP3    O  N N 111 
C   P      P  N N 112 
C   OP1    O  N N 113 
C   OP2    O  N N 114 
C   "O5'"  O  N N 115 
C   "C5'"  C  N N 116 
C   "C4'"  C  N R 117 
C   "O4'"  O  N N 118 
C   "C3'"  C  N S 119 
C   "O3'"  O  N N 120 
C   "C2'"  C  N R 121 
C   "O2'"  O  N N 122 
C   "C1'"  C  N R 123 
C   N1     N  N N 124 
C   C2     C  N N 125 
C   O2     O  N N 126 
C   N3     N  N N 127 
C   C4     C  N N 128 
C   N4     N  N N 129 
C   C5     C  N N 130 
C   C6     C  N N 131 
C   HOP3   H  N N 132 
C   HOP2   H  N N 133 
C   "H5'"  H  N N 134 
C   "H5''" H  N N 135 
C   "H4'"  H  N N 136 
C   "H3'"  H  N N 137 
C   "HO3'" H  N N 138 
C   "H2'"  H  N N 139 
C   "HO2'" H  N N 140 
C   "H1'"  H  N N 141 
C   H41    H  N N 142 
C   H42    H  N N 143 
C   H5     H  N N 144 
C   H6     H  N N 145 
DA  OP3    O  N N 146 
DA  P      P  N N 147 
DA  OP1    O  N N 148 
DA  OP2    O  N N 149 
DA  "O5'"  O  N N 150 
DA  "C5'"  C  N N 151 
DA  "C4'"  C  N R 152 
DA  "O4'"  O  N N 153 
DA  "C3'"  C  N S 154 
DA  "O3'"  O  N N 155 
DA  "C2'"  C  N N 156 
DA  "C1'"  C  N R 157 
DA  N9     N  Y N 158 
DA  C8     C  Y N 159 
DA  N7     N  Y N 160 
DA  C5     C  Y N 161 
DA  C6     C  Y N 162 
DA  N6     N  N N 163 
DA  N1     N  Y N 164 
DA  C2     C  Y N 165 
DA  N3     N  Y N 166 
DA  C4     C  Y N 167 
DA  HOP3   H  N N 168 
DA  HOP2   H  N N 169 
DA  "H5'"  H  N N 170 
DA  "H5''" H  N N 171 
DA  "H4'"  H  N N 172 
DA  "H3'"  H  N N 173 
DA  "HO3'" H  N N 174 
DA  "H2'"  H  N N 175 
DA  "H2''" H  N N 176 
DA  "H1'"  H  N N 177 
DA  H8     H  N N 178 
DA  H61    H  N N 179 
DA  H62    H  N N 180 
DA  H2     H  N N 181 
DC  OP3    O  N N 182 
DC  P      P  N N 183 
DC  OP1    O  N N 184 
DC  OP2    O  N N 185 
DC  "O5'"  O  N N 186 
DC  "C5'"  C  N N 187 
DC  "C4'"  C  N R 188 
DC  "O4'"  O  N N 189 
DC  "C3'"  C  N S 190 
DC  "O3'"  O  N N 191 
DC  "C2'"  C  N N 192 
DC  "C1'"  C  N R 193 
DC  N1     N  N N 194 
DC  C2     C  N N 195 
DC  O2     O  N N 196 
DC  N3     N  N N 197 
DC  C4     C  N N 198 
DC  N4     N  N N 199 
DC  C5     C  N N 200 
DC  C6     C  N N 201 
DC  HOP3   H  N N 202 
DC  HOP2   H  N N 203 
DC  "H5'"  H  N N 204 
DC  "H5''" H  N N 205 
DC  "H4'"  H  N N 206 
DC  "H3'"  H  N N 207 
DC  "HO3'" H  N N 208 
DC  "H2'"  H  N N 209 
DC  "H2''" H  N N 210 
DC  "H1'"  H  N N 211 
DC  H41    H  N N 212 
DC  H42    H  N N 213 
DC  H5     H  N N 214 
DC  H6     H  N N 215 
DG  OP3    O  N N 216 
DG  P      P  N N 217 
DG  OP1    O  N N 218 
DG  OP2    O  N N 219 
DG  "O5'"  O  N N 220 
DG  "C5'"  C  N N 221 
DG  "C4'"  C  N R 222 
DG  "O4'"  O  N N 223 
DG  "C3'"  C  N S 224 
DG  "O3'"  O  N N 225 
DG  "C2'"  C  N N 226 
DG  "C1'"  C  N R 227 
DG  N9     N  Y N 228 
DG  C8     C  Y N 229 
DG  N7     N  Y N 230 
DG  C5     C  Y N 231 
DG  C6     C  N N 232 
DG  O6     O  N N 233 
DG  N1     N  N N 234 
DG  C2     C  N N 235 
DG  N2     N  N N 236 
DG  N3     N  N N 237 
DG  C4     C  Y N 238 
DG  HOP3   H  N N 239 
DG  HOP2   H  N N 240 
DG  "H5'"  H  N N 241 
DG  "H5''" H  N N 242 
DG  "H4'"  H  N N 243 
DG  "H3'"  H  N N 244 
DG  "HO3'" H  N N 245 
DG  "H2'"  H  N N 246 
DG  "H2''" H  N N 247 
DG  "H1'"  H  N N 248 
DG  H8     H  N N 249 
DG  H1     H  N N 250 
DG  H21    H  N N 251 
DG  H22    H  N N 252 
DT  OP3    O  N N 253 
DT  P      P  N N 254 
DT  OP1    O  N N 255 
DT  OP2    O  N N 256 
DT  "O5'"  O  N N 257 
DT  "C5'"  C  N N 258 
DT  "C4'"  C  N R 259 
DT  "O4'"  O  N N 260 
DT  "C3'"  C  N S 261 
DT  "O3'"  O  N N 262 
DT  "C2'"  C  N N 263 
DT  "C1'"  C  N R 264 
DT  N1     N  N N 265 
DT  C2     C  N N 266 
DT  O2     O  N N 267 
DT  N3     N  N N 268 
DT  C4     C  N N 269 
DT  O4     O  N N 270 
DT  C5     C  N N 271 
DT  C7     C  N N 272 
DT  C6     C  N N 273 
DT  HOP3   H  N N 274 
DT  HOP2   H  N N 275 
DT  "H5'"  H  N N 276 
DT  "H5''" H  N N 277 
DT  "H4'"  H  N N 278 
DT  "H3'"  H  N N 279 
DT  "HO3'" H  N N 280 
DT  "H2'"  H  N N 281 
DT  "H2''" H  N N 282 
DT  "H1'"  H  N N 283 
DT  H3     H  N N 284 
DT  H71    H  N N 285 
DT  H72    H  N N 286 
DT  H73    H  N N 287 
DT  H6     H  N N 288 
G   OP3    O  N N 289 
G   P      P  N N 290 
G   OP1    O  N N 291 
G   OP2    O  N N 292 
G   "O5'"  O  N N 293 
G   "C5'"  C  N N 294 
G   "C4'"  C  N R 295 
G   "O4'"  O  N N 296 
G   "C3'"  C  N S 297 
G   "O3'"  O  N N 298 
G   "C2'"  C  N R 299 
G   "O2'"  O  N N 300 
G   "C1'"  C  N R 301 
G   N9     N  Y N 302 
G   C8     C  Y N 303 
G   N7     N  Y N 304 
G   C5     C  Y N 305 
G   C6     C  N N 306 
G   O6     O  N N 307 
G   N1     N  N N 308 
G   C2     C  N N 309 
G   N2     N  N N 310 
G   N3     N  N N 311 
G   C4     C  Y N 312 
G   HOP3   H  N N 313 
G   HOP2   H  N N 314 
G   "H5'"  H  N N 315 
G   "H5''" H  N N 316 
G   "H4'"  H  N N 317 
G   "H3'"  H  N N 318 
G   "HO3'" H  N N 319 
G   "H2'"  H  N N 320 
G   "HO2'" H  N N 321 
G   "H1'"  H  N N 322 
G   H8     H  N N 323 
G   H1     H  N N 324 
G   H21    H  N N 325 
G   H22    H  N N 326 
GLN N      N  N N 327 
GLN CA     C  N S 328 
GLN C      C  N N 329 
GLN O      O  N N 330 
GLN CB     C  N N 331 
GLN CG     C  N N 332 
GLN CD     C  N N 333 
GLN OE1    O  N N 334 
GLN NE2    N  N N 335 
GLN OXT    O  N N 336 
GLN H      H  N N 337 
GLN H2     H  N N 338 
GLN HA     H  N N 339 
GLN HB2    H  N N 340 
GLN HB3    H  N N 341 
GLN HG2    H  N N 342 
GLN HG3    H  N N 343 
GLN HE21   H  N N 344 
GLN HE22   H  N N 345 
GLN HXT    H  N N 346 
GLU N      N  N N 347 
GLU CA     C  N S 348 
GLU C      C  N N 349 
GLU O      O  N N 350 
GLU CB     C  N N 351 
GLU CG     C  N N 352 
GLU CD     C  N N 353 
GLU OE1    O  N N 354 
GLU OE2    O  N N 355 
GLU OXT    O  N N 356 
GLU H      H  N N 357 
GLU H2     H  N N 358 
GLU HA     H  N N 359 
GLU HB2    H  N N 360 
GLU HB3    H  N N 361 
GLU HG2    H  N N 362 
GLU HG3    H  N N 363 
GLU HE2    H  N N 364 
GLU HXT    H  N N 365 
GLY N      N  N N 366 
GLY CA     C  N N 367 
GLY C      C  N N 368 
GLY O      O  N N 369 
GLY OXT    O  N N 370 
GLY H      H  N N 371 
GLY H2     H  N N 372 
GLY HA2    H  N N 373 
GLY HA3    H  N N 374 
GLY HXT    H  N N 375 
HIS N      N  N N 376 
HIS CA     C  N S 377 
HIS C      C  N N 378 
HIS O      O  N N 379 
HIS CB     C  N N 380 
HIS CG     C  Y N 381 
HIS ND1    N  Y N 382 
HIS CD2    C  Y N 383 
HIS CE1    C  Y N 384 
HIS NE2    N  Y N 385 
HIS OXT    O  N N 386 
HIS H      H  N N 387 
HIS H2     H  N N 388 
HIS HA     H  N N 389 
HIS HB2    H  N N 390 
HIS HB3    H  N N 391 
HIS HD1    H  N N 392 
HIS HD2    H  N N 393 
HIS HE1    H  N N 394 
HIS HE2    H  N N 395 
HIS HXT    H  N N 396 
HOH O      O  N N 397 
HOH H1     H  N N 398 
HOH H2     H  N N 399 
ILE N      N  N N 400 
ILE CA     C  N S 401 
ILE C      C  N N 402 
ILE O      O  N N 403 
ILE CB     C  N S 404 
ILE CG1    C  N N 405 
ILE CG2    C  N N 406 
ILE CD1    C  N N 407 
ILE OXT    O  N N 408 
ILE H      H  N N 409 
ILE H2     H  N N 410 
ILE HA     H  N N 411 
ILE HB     H  N N 412 
ILE HG12   H  N N 413 
ILE HG13   H  N N 414 
ILE HG21   H  N N 415 
ILE HG22   H  N N 416 
ILE HG23   H  N N 417 
ILE HD11   H  N N 418 
ILE HD12   H  N N 419 
ILE HD13   H  N N 420 
ILE HXT    H  N N 421 
LEU N      N  N N 422 
LEU CA     C  N S 423 
LEU C      C  N N 424 
LEU O      O  N N 425 
LEU CB     C  N N 426 
LEU CG     C  N N 427 
LEU CD1    C  N N 428 
LEU CD2    C  N N 429 
LEU OXT    O  N N 430 
LEU H      H  N N 431 
LEU H2     H  N N 432 
LEU HA     H  N N 433 
LEU HB2    H  N N 434 
LEU HB3    H  N N 435 
LEU HG     H  N N 436 
LEU HD11   H  N N 437 
LEU HD12   H  N N 438 
LEU HD13   H  N N 439 
LEU HD21   H  N N 440 
LEU HD22   H  N N 441 
LEU HD23   H  N N 442 
LEU HXT    H  N N 443 
LYS N      N  N N 444 
LYS CA     C  N S 445 
LYS C      C  N N 446 
LYS O      O  N N 447 
LYS CB     C  N N 448 
LYS CG     C  N N 449 
LYS CD     C  N N 450 
LYS CE     C  N N 451 
LYS NZ     N  N N 452 
LYS OXT    O  N N 453 
LYS H      H  N N 454 
LYS H2     H  N N 455 
LYS HA     H  N N 456 
LYS HB2    H  N N 457 
LYS HB3    H  N N 458 
LYS HG2    H  N N 459 
LYS HG3    H  N N 460 
LYS HD2    H  N N 461 
LYS HD3    H  N N 462 
LYS HE2    H  N N 463 
LYS HE3    H  N N 464 
LYS HZ1    H  N N 465 
LYS HZ2    H  N N 466 
LYS HZ3    H  N N 467 
LYS HXT    H  N N 468 
MET N      N  N N 469 
MET CA     C  N S 470 
MET C      C  N N 471 
MET O      O  N N 472 
MET CB     C  N N 473 
MET CG     C  N N 474 
MET SD     S  N N 475 
MET CE     C  N N 476 
MET OXT    O  N N 477 
MET H      H  N N 478 
MET H2     H  N N 479 
MET HA     H  N N 480 
MET HB2    H  N N 481 
MET HB3    H  N N 482 
MET HG2    H  N N 483 
MET HG3    H  N N 484 
MET HE1    H  N N 485 
MET HE2    H  N N 486 
MET HE3    H  N N 487 
MET HXT    H  N N 488 
MG  MG     MG N N 489 
PHE N      N  N N 490 
PHE CA     C  N S 491 
PHE C      C  N N 492 
PHE O      O  N N 493 
PHE CB     C  N N 494 
PHE CG     C  Y N 495 
PHE CD1    C  Y N 496 
PHE CD2    C  Y N 497 
PHE CE1    C  Y N 498 
PHE CE2    C  Y N 499 
PHE CZ     C  Y N 500 
PHE OXT    O  N N 501 
PHE H      H  N N 502 
PHE H2     H  N N 503 
PHE HA     H  N N 504 
PHE HB2    H  N N 505 
PHE HB3    H  N N 506 
PHE HD1    H  N N 507 
PHE HD2    H  N N 508 
PHE HE1    H  N N 509 
PHE HE2    H  N N 510 
PHE HZ     H  N N 511 
PHE HXT    H  N N 512 
PRO N      N  N N 513 
PRO CA     C  N S 514 
PRO C      C  N N 515 
PRO O      O  N N 516 
PRO CB     C  N N 517 
PRO CG     C  N N 518 
PRO CD     C  N N 519 
PRO OXT    O  N N 520 
PRO H      H  N N 521 
PRO HA     H  N N 522 
PRO HB2    H  N N 523 
PRO HB3    H  N N 524 
PRO HG2    H  N N 525 
PRO HG3    H  N N 526 
PRO HD2    H  N N 527 
PRO HD3    H  N N 528 
PRO HXT    H  N N 529 
SER N      N  N N 530 
SER CA     C  N S 531 
SER C      C  N N 532 
SER O      O  N N 533 
SER CB     C  N N 534 
SER OG     O  N N 535 
SER OXT    O  N N 536 
SER H      H  N N 537 
SER H2     H  N N 538 
SER HA     H  N N 539 
SER HB2    H  N N 540 
SER HB3    H  N N 541 
SER HG     H  N N 542 
SER HXT    H  N N 543 
THR N      N  N N 544 
THR CA     C  N S 545 
THR C      C  N N 546 
THR O      O  N N 547 
THR CB     C  N R 548 
THR OG1    O  N N 549 
THR CG2    C  N N 550 
THR OXT    O  N N 551 
THR H      H  N N 552 
THR H2     H  N N 553 
THR HA     H  N N 554 
THR HB     H  N N 555 
THR HG1    H  N N 556 
THR HG21   H  N N 557 
THR HG22   H  N N 558 
THR HG23   H  N N 559 
THR HXT    H  N N 560 
TRP N      N  N N 561 
TRP CA     C  N S 562 
TRP C      C  N N 563 
TRP O      O  N N 564 
TRP CB     C  N N 565 
TRP CG     C  Y N 566 
TRP CD1    C  Y N 567 
TRP CD2    C  Y N 568 
TRP NE1    N  Y N 569 
TRP CE2    C  Y N 570 
TRP CE3    C  Y N 571 
TRP CZ2    C  Y N 572 
TRP CZ3    C  Y N 573 
TRP CH2    C  Y N 574 
TRP OXT    O  N N 575 
TRP H      H  N N 576 
TRP H2     H  N N 577 
TRP HA     H  N N 578 
TRP HB2    H  N N 579 
TRP HB3    H  N N 580 
TRP HD1    H  N N 581 
TRP HE1    H  N N 582 
TRP HE3    H  N N 583 
TRP HZ2    H  N N 584 
TRP HZ3    H  N N 585 
TRP HH2    H  N N 586 
TRP HXT    H  N N 587 
TYR N      N  N N 588 
TYR CA     C  N S 589 
TYR C      C  N N 590 
TYR O      O  N N 591 
TYR CB     C  N N 592 
TYR CG     C  Y N 593 
TYR CD1    C  Y N 594 
TYR CD2    C  Y N 595 
TYR CE1    C  Y N 596 
TYR CE2    C  Y N 597 
TYR CZ     C  Y N 598 
TYR OH     O  N N 599 
TYR OXT    O  N N 600 
TYR H      H  N N 601 
TYR H2     H  N N 602 
TYR HA     H  N N 603 
TYR HB2    H  N N 604 
TYR HB3    H  N N 605 
TYR HD1    H  N N 606 
TYR HD2    H  N N 607 
TYR HE1    H  N N 608 
TYR HE2    H  N N 609 
TYR HH     H  N N 610 
TYR HXT    H  N N 611 
U   OP3    O  N N 612 
U   P      P  N N 613 
U   OP1    O  N N 614 
U   OP2    O  N N 615 
U   "O5'"  O  N N 616 
U   "C5'"  C  N N 617 
U   "C4'"  C  N R 618 
U   "O4'"  O  N N 619 
U   "C3'"  C  N S 620 
U   "O3'"  O  N N 621 
U   "C2'"  C  N R 622 
U   "O2'"  O  N N 623 
U   "C1'"  C  N R 624 
U   N1     N  N N 625 
U   C2     C  N N 626 
U   O2     O  N N 627 
U   N3     N  N N 628 
U   C4     C  N N 629 
U   O4     O  N N 630 
U   C5     C  N N 631 
U   C6     C  N N 632 
U   HOP3   H  N N 633 
U   HOP2   H  N N 634 
U   "H5'"  H  N N 635 
U   "H5''" H  N N 636 
U   "H4'"  H  N N 637 
U   "H3'"  H  N N 638 
U   "HO3'" H  N N 639 
U   "H2'"  H  N N 640 
U   "HO2'" H  N N 641 
U   "H1'"  H  N N 642 
U   H3     H  N N 643 
U   H5     H  N N 644 
U   H6     H  N N 645 
VAL N      N  N N 646 
VAL CA     C  N S 647 
VAL C      C  N N 648 
VAL O      O  N N 649 
VAL CB     C  N N 650 
VAL CG1    C  N N 651 
VAL CG2    C  N N 652 
VAL OXT    O  N N 653 
VAL H      H  N N 654 
VAL H2     H  N N 655 
VAL HA     H  N N 656 
VAL HB     H  N N 657 
VAL HG11   H  N N 658 
VAL HG12   H  N N 659 
VAL HG13   H  N N 660 
VAL HG21   H  N N 661 
VAL HG22   H  N N 662 
VAL HG23   H  N N 663 
VAL HXT    H  N N 664 
# 
loop_
_chem_comp_bond.comp_id 
_chem_comp_bond.atom_id_1 
_chem_comp_bond.atom_id_2 
_chem_comp_bond.value_order 
_chem_comp_bond.pdbx_aromatic_flag 
_chem_comp_bond.pdbx_stereo_config 
_chem_comp_bond.pdbx_ordinal 
A   OP3   P      sing N N 1   
A   OP3   HOP3   sing N N 2   
A   P     OP1    doub N N 3   
A   P     OP2    sing N N 4   
A   P     "O5'"  sing N N 5   
A   OP2   HOP2   sing N N 6   
A   "O5'" "C5'"  sing N N 7   
A   "C5'" "C4'"  sing N N 8   
A   "C5'" "H5'"  sing N N 9   
A   "C5'" "H5''" sing N N 10  
A   "C4'" "O4'"  sing N N 11  
A   "C4'" "C3'"  sing N N 12  
A   "C4'" "H4'"  sing N N 13  
A   "O4'" "C1'"  sing N N 14  
A   "C3'" "O3'"  sing N N 15  
A   "C3'" "C2'"  sing N N 16  
A   "C3'" "H3'"  sing N N 17  
A   "O3'" "HO3'" sing N N 18  
A   "C2'" "O2'"  sing N N 19  
A   "C2'" "C1'"  sing N N 20  
A   "C2'" "H2'"  sing N N 21  
A   "O2'" "HO2'" sing N N 22  
A   "C1'" N9     sing N N 23  
A   "C1'" "H1'"  sing N N 24  
A   N9    C8     sing Y N 25  
A   N9    C4     sing Y N 26  
A   C8    N7     doub Y N 27  
A   C8    H8     sing N N 28  
A   N7    C5     sing Y N 29  
A   C5    C6     sing Y N 30  
A   C5    C4     doub Y N 31  
A   C6    N6     sing N N 32  
A   C6    N1     doub Y N 33  
A   N6    H61    sing N N 34  
A   N6    H62    sing N N 35  
A   N1    C2     sing Y N 36  
A   C2    N3     doub Y N 37  
A   C2    H2     sing N N 38  
A   N3    C4     sing Y N 39  
ALA N     CA     sing N N 40  
ALA N     H      sing N N 41  
ALA N     H2     sing N N 42  
ALA CA    C      sing N N 43  
ALA CA    CB     sing N N 44  
ALA CA    HA     sing N N 45  
ALA C     O      doub N N 46  
ALA C     OXT    sing N N 47  
ALA CB    HB1    sing N N 48  
ALA CB    HB2    sing N N 49  
ALA CB    HB3    sing N N 50  
ALA OXT   HXT    sing N N 51  
ARG N     CA     sing N N 52  
ARG N     H      sing N N 53  
ARG N     H2     sing N N 54  
ARG CA    C      sing N N 55  
ARG CA    CB     sing N N 56  
ARG CA    HA     sing N N 57  
ARG C     O      doub N N 58  
ARG C     OXT    sing N N 59  
ARG CB    CG     sing N N 60  
ARG CB    HB2    sing N N 61  
ARG CB    HB3    sing N N 62  
ARG CG    CD     sing N N 63  
ARG CG    HG2    sing N N 64  
ARG CG    HG3    sing N N 65  
ARG CD    NE     sing N N 66  
ARG CD    HD2    sing N N 67  
ARG CD    HD3    sing N N 68  
ARG NE    CZ     sing N N 69  
ARG NE    HE     sing N N 70  
ARG CZ    NH1    sing N N 71  
ARG CZ    NH2    doub N N 72  
ARG NH1   HH11   sing N N 73  
ARG NH1   HH12   sing N N 74  
ARG NH2   HH21   sing N N 75  
ARG NH2   HH22   sing N N 76  
ARG OXT   HXT    sing N N 77  
ASN N     CA     sing N N 78  
ASN N     H      sing N N 79  
ASN N     H2     sing N N 80  
ASN CA    C      sing N N 81  
ASN CA    CB     sing N N 82  
ASN CA    HA     sing N N 83  
ASN C     O      doub N N 84  
ASN C     OXT    sing N N 85  
ASN CB    CG     sing N N 86  
ASN CB    HB2    sing N N 87  
ASN CB    HB3    sing N N 88  
ASN CG    OD1    doub N N 89  
ASN CG    ND2    sing N N 90  
ASN ND2   HD21   sing N N 91  
ASN ND2   HD22   sing N N 92  
ASN OXT   HXT    sing N N 93  
ASP N     CA     sing N N 94  
ASP N     H      sing N N 95  
ASP N     H2     sing N N 96  
ASP CA    C      sing N N 97  
ASP CA    CB     sing N N 98  
ASP CA    HA     sing N N 99  
ASP C     O      doub N N 100 
ASP C     OXT    sing N N 101 
ASP CB    CG     sing N N 102 
ASP CB    HB2    sing N N 103 
ASP CB    HB3    sing N N 104 
ASP CG    OD1    doub N N 105 
ASP CG    OD2    sing N N 106 
ASP OD2   HD2    sing N N 107 
ASP OXT   HXT    sing N N 108 
C   OP3   P      sing N N 109 
C   OP3   HOP3   sing N N 110 
C   P     OP1    doub N N 111 
C   P     OP2    sing N N 112 
C   P     "O5'"  sing N N 113 
C   OP2   HOP2   sing N N 114 
C   "O5'" "C5'"  sing N N 115 
C   "C5'" "C4'"  sing N N 116 
C   "C5'" "H5'"  sing N N 117 
C   "C5'" "H5''" sing N N 118 
C   "C4'" "O4'"  sing N N 119 
C   "C4'" "C3'"  sing N N 120 
C   "C4'" "H4'"  sing N N 121 
C   "O4'" "C1'"  sing N N 122 
C   "C3'" "O3'"  sing N N 123 
C   "C3'" "C2'"  sing N N 124 
C   "C3'" "H3'"  sing N N 125 
C   "O3'" "HO3'" sing N N 126 
C   "C2'" "O2'"  sing N N 127 
C   "C2'" "C1'"  sing N N 128 
C   "C2'" "H2'"  sing N N 129 
C   "O2'" "HO2'" sing N N 130 
C   "C1'" N1     sing N N 131 
C   "C1'" "H1'"  sing N N 132 
C   N1    C2     sing N N 133 
C   N1    C6     sing N N 134 
C   C2    O2     doub N N 135 
C   C2    N3     sing N N 136 
C   N3    C4     doub N N 137 
C   C4    N4     sing N N 138 
C   C4    C5     sing N N 139 
C   N4    H41    sing N N 140 
C   N4    H42    sing N N 141 
C   C5    C6     doub N N 142 
C   C5    H5     sing N N 143 
C   C6    H6     sing N N 144 
DA  OP3   P      sing N N 145 
DA  OP3   HOP3   sing N N 146 
DA  P     OP1    doub N N 147 
DA  P     OP2    sing N N 148 
DA  P     "O5'"  sing N N 149 
DA  OP2   HOP2   sing N N 150 
DA  "O5'" "C5'"  sing N N 151 
DA  "C5'" "C4'"  sing N N 152 
DA  "C5'" "H5'"  sing N N 153 
DA  "C5'" "H5''" sing N N 154 
DA  "C4'" "O4'"  sing N N 155 
DA  "C4'" "C3'"  sing N N 156 
DA  "C4'" "H4'"  sing N N 157 
DA  "O4'" "C1'"  sing N N 158 
DA  "C3'" "O3'"  sing N N 159 
DA  "C3'" "C2'"  sing N N 160 
DA  "C3'" "H3'"  sing N N 161 
DA  "O3'" "HO3'" sing N N 162 
DA  "C2'" "C1'"  sing N N 163 
DA  "C2'" "H2'"  sing N N 164 
DA  "C2'" "H2''" sing N N 165 
DA  "C1'" N9     sing N N 166 
DA  "C1'" "H1'"  sing N N 167 
DA  N9    C8     sing Y N 168 
DA  N9    C4     sing Y N 169 
DA  C8    N7     doub Y N 170 
DA  C8    H8     sing N N 171 
DA  N7    C5     sing Y N 172 
DA  C5    C6     sing Y N 173 
DA  C5    C4     doub Y N 174 
DA  C6    N6     sing N N 175 
DA  C6    N1     doub Y N 176 
DA  N6    H61    sing N N 177 
DA  N6    H62    sing N N 178 
DA  N1    C2     sing Y N 179 
DA  C2    N3     doub Y N 180 
DA  C2    H2     sing N N 181 
DA  N3    C4     sing Y N 182 
DC  OP3   P      sing N N 183 
DC  OP3   HOP3   sing N N 184 
DC  P     OP1    doub N N 185 
DC  P     OP2    sing N N 186 
DC  P     "O5'"  sing N N 187 
DC  OP2   HOP2   sing N N 188 
DC  "O5'" "C5'"  sing N N 189 
DC  "C5'" "C4'"  sing N N 190 
DC  "C5'" "H5'"  sing N N 191 
DC  "C5'" "H5''" sing N N 192 
DC  "C4'" "O4'"  sing N N 193 
DC  "C4'" "C3'"  sing N N 194 
DC  "C4'" "H4'"  sing N N 195 
DC  "O4'" "C1'"  sing N N 196 
DC  "C3'" "O3'"  sing N N 197 
DC  "C3'" "C2'"  sing N N 198 
DC  "C3'" "H3'"  sing N N 199 
DC  "O3'" "HO3'" sing N N 200 
DC  "C2'" "C1'"  sing N N 201 
DC  "C2'" "H2'"  sing N N 202 
DC  "C2'" "H2''" sing N N 203 
DC  "C1'" N1     sing N N 204 
DC  "C1'" "H1'"  sing N N 205 
DC  N1    C2     sing N N 206 
DC  N1    C6     sing N N 207 
DC  C2    O2     doub N N 208 
DC  C2    N3     sing N N 209 
DC  N3    C4     doub N N 210 
DC  C4    N4     sing N N 211 
DC  C4    C5     sing N N 212 
DC  N4    H41    sing N N 213 
DC  N4    H42    sing N N 214 
DC  C5    C6     doub N N 215 
DC  C5    H5     sing N N 216 
DC  C6    H6     sing N N 217 
DG  OP3   P      sing N N 218 
DG  OP3   HOP3   sing N N 219 
DG  P     OP1    doub N N 220 
DG  P     OP2    sing N N 221 
DG  P     "O5'"  sing N N 222 
DG  OP2   HOP2   sing N N 223 
DG  "O5'" "C5'"  sing N N 224 
DG  "C5'" "C4'"  sing N N 225 
DG  "C5'" "H5'"  sing N N 226 
DG  "C5'" "H5''" sing N N 227 
DG  "C4'" "O4'"  sing N N 228 
DG  "C4'" "C3'"  sing N N 229 
DG  "C4'" "H4'"  sing N N 230 
DG  "O4'" "C1'"  sing N N 231 
DG  "C3'" "O3'"  sing N N 232 
DG  "C3'" "C2'"  sing N N 233 
DG  "C3'" "H3'"  sing N N 234 
DG  "O3'" "HO3'" sing N N 235 
DG  "C2'" "C1'"  sing N N 236 
DG  "C2'" "H2'"  sing N N 237 
DG  "C2'" "H2''" sing N N 238 
DG  "C1'" N9     sing N N 239 
DG  "C1'" "H1'"  sing N N 240 
DG  N9    C8     sing Y N 241 
DG  N9    C4     sing Y N 242 
DG  C8    N7     doub Y N 243 
DG  C8    H8     sing N N 244 
DG  N7    C5     sing Y N 245 
DG  C5    C6     sing N N 246 
DG  C5    C4     doub Y N 247 
DG  C6    O6     doub N N 248 
DG  C6    N1     sing N N 249 
DG  N1    C2     sing N N 250 
DG  N1    H1     sing N N 251 
DG  C2    N2     sing N N 252 
DG  C2    N3     doub N N 253 
DG  N2    H21    sing N N 254 
DG  N2    H22    sing N N 255 
DG  N3    C4     sing N N 256 
DT  OP3   P      sing N N 257 
DT  OP3   HOP3   sing N N 258 
DT  P     OP1    doub N N 259 
DT  P     OP2    sing N N 260 
DT  P     "O5'"  sing N N 261 
DT  OP2   HOP2   sing N N 262 
DT  "O5'" "C5'"  sing N N 263 
DT  "C5'" "C4'"  sing N N 264 
DT  "C5'" "H5'"  sing N N 265 
DT  "C5'" "H5''" sing N N 266 
DT  "C4'" "O4'"  sing N N 267 
DT  "C4'" "C3'"  sing N N 268 
DT  "C4'" "H4'"  sing N N 269 
DT  "O4'" "C1'"  sing N N 270 
DT  "C3'" "O3'"  sing N N 271 
DT  "C3'" "C2'"  sing N N 272 
DT  "C3'" "H3'"  sing N N 273 
DT  "O3'" "HO3'" sing N N 274 
DT  "C2'" "C1'"  sing N N 275 
DT  "C2'" "H2'"  sing N N 276 
DT  "C2'" "H2''" sing N N 277 
DT  "C1'" N1     sing N N 278 
DT  "C1'" "H1'"  sing N N 279 
DT  N1    C2     sing N N 280 
DT  N1    C6     sing N N 281 
DT  C2    O2     doub N N 282 
DT  C2    N3     sing N N 283 
DT  N3    C4     sing N N 284 
DT  N3    H3     sing N N 285 
DT  C4    O4     doub N N 286 
DT  C4    C5     sing N N 287 
DT  C5    C7     sing N N 288 
DT  C5    C6     doub N N 289 
DT  C7    H71    sing N N 290 
DT  C7    H72    sing N N 291 
DT  C7    H73    sing N N 292 
DT  C6    H6     sing N N 293 
G   OP3   P      sing N N 294 
G   OP3   HOP3   sing N N 295 
G   P     OP1    doub N N 296 
G   P     OP2    sing N N 297 
G   P     "O5'"  sing N N 298 
G   OP2   HOP2   sing N N 299 
G   "O5'" "C5'"  sing N N 300 
G   "C5'" "C4'"  sing N N 301 
G   "C5'" "H5'"  sing N N 302 
G   "C5'" "H5''" sing N N 303 
G   "C4'" "O4'"  sing N N 304 
G   "C4'" "C3'"  sing N N 305 
G   "C4'" "H4'"  sing N N 306 
G   "O4'" "C1'"  sing N N 307 
G   "C3'" "O3'"  sing N N 308 
G   "C3'" "C2'"  sing N N 309 
G   "C3'" "H3'"  sing N N 310 
G   "O3'" "HO3'" sing N N 311 
G   "C2'" "O2'"  sing N N 312 
G   "C2'" "C1'"  sing N N 313 
G   "C2'" "H2'"  sing N N 314 
G   "O2'" "HO2'" sing N N 315 
G   "C1'" N9     sing N N 316 
G   "C1'" "H1'"  sing N N 317 
G   N9    C8     sing Y N 318 
G   N9    C4     sing Y N 319 
G   C8    N7     doub Y N 320 
G   C8    H8     sing N N 321 
G   N7    C5     sing Y N 322 
G   C5    C6     sing N N 323 
G   C5    C4     doub Y N 324 
G   C6    O6     doub N N 325 
G   C6    N1     sing N N 326 
G   N1    C2     sing N N 327 
G   N1    H1     sing N N 328 
G   C2    N2     sing N N 329 
G   C2    N3     doub N N 330 
G   N2    H21    sing N N 331 
G   N2    H22    sing N N 332 
G   N3    C4     sing N N 333 
GLN N     CA     sing N N 334 
GLN N     H      sing N N 335 
GLN N     H2     sing N N 336 
GLN CA    C      sing N N 337 
GLN CA    CB     sing N N 338 
GLN CA    HA     sing N N 339 
GLN C     O      doub N N 340 
GLN C     OXT    sing N N 341 
GLN CB    CG     sing N N 342 
GLN CB    HB2    sing N N 343 
GLN CB    HB3    sing N N 344 
GLN CG    CD     sing N N 345 
GLN CG    HG2    sing N N 346 
GLN CG    HG3    sing N N 347 
GLN CD    OE1    doub N N 348 
GLN CD    NE2    sing N N 349 
GLN NE2   HE21   sing N N 350 
GLN NE2   HE22   sing N N 351 
GLN OXT   HXT    sing N N 352 
GLU N     CA     sing N N 353 
GLU N     H      sing N N 354 
GLU N     H2     sing N N 355 
GLU CA    C      sing N N 356 
GLU CA    CB     sing N N 357 
GLU CA    HA     sing N N 358 
GLU C     O      doub N N 359 
GLU C     OXT    sing N N 360 
GLU CB    CG     sing N N 361 
GLU CB    HB2    sing N N 362 
GLU CB    HB3    sing N N 363 
GLU CG    CD     sing N N 364 
GLU CG    HG2    sing N N 365 
GLU CG    HG3    sing N N 366 
GLU CD    OE1    doub N N 367 
GLU CD    OE2    sing N N 368 
GLU OE2   HE2    sing N N 369 
GLU OXT   HXT    sing N N 370 
GLY N     CA     sing N N 371 
GLY N     H      sing N N 372 
GLY N     H2     sing N N 373 
GLY CA    C      sing N N 374 
GLY CA    HA2    sing N N 375 
GLY CA    HA3    sing N N 376 
GLY C     O      doub N N 377 
GLY C     OXT    sing N N 378 
GLY OXT   HXT    sing N N 379 
HIS N     CA     sing N N 380 
HIS N     H      sing N N 381 
HIS N     H2     sing N N 382 
HIS CA    C      sing N N 383 
HIS CA    CB     sing N N 384 
HIS CA    HA     sing N N 385 
HIS C     O      doub N N 386 
HIS C     OXT    sing N N 387 
HIS CB    CG     sing N N 388 
HIS CB    HB2    sing N N 389 
HIS CB    HB3    sing N N 390 
HIS CG    ND1    sing Y N 391 
HIS CG    CD2    doub Y N 392 
HIS ND1   CE1    doub Y N 393 
HIS ND1   HD1    sing N N 394 
HIS CD2   NE2    sing Y N 395 
HIS CD2   HD2    sing N N 396 
HIS CE1   NE2    sing Y N 397 
HIS CE1   HE1    sing N N 398 
HIS NE2   HE2    sing N N 399 
HIS OXT   HXT    sing N N 400 
HOH O     H1     sing N N 401 
HOH O     H2     sing N N 402 
ILE N     CA     sing N N 403 
ILE N     H      sing N N 404 
ILE N     H2     sing N N 405 
ILE CA    C      sing N N 406 
ILE CA    CB     sing N N 407 
ILE CA    HA     sing N N 408 
ILE C     O      doub N N 409 
ILE C     OXT    sing N N 410 
ILE CB    CG1    sing N N 411 
ILE CB    CG2    sing N N 412 
ILE CB    HB     sing N N 413 
ILE CG1   CD1    sing N N 414 
ILE CG1   HG12   sing N N 415 
ILE CG1   HG13   sing N N 416 
ILE CG2   HG21   sing N N 417 
ILE CG2   HG22   sing N N 418 
ILE CG2   HG23   sing N N 419 
ILE CD1   HD11   sing N N 420 
ILE CD1   HD12   sing N N 421 
ILE CD1   HD13   sing N N 422 
ILE OXT   HXT    sing N N 423 
LEU N     CA     sing N N 424 
LEU N     H      sing N N 425 
LEU N     H2     sing N N 426 
LEU CA    C      sing N N 427 
LEU CA    CB     sing N N 428 
LEU CA    HA     sing N N 429 
LEU C     O      doub N N 430 
LEU C     OXT    sing N N 431 
LEU CB    CG     sing N N 432 
LEU CB    HB2    sing N N 433 
LEU CB    HB3    sing N N 434 
LEU CG    CD1    sing N N 435 
LEU CG    CD2    sing N N 436 
LEU CG    HG     sing N N 437 
LEU CD1   HD11   sing N N 438 
LEU CD1   HD12   sing N N 439 
LEU CD1   HD13   sing N N 440 
LEU CD2   HD21   sing N N 441 
LEU CD2   HD22   sing N N 442 
LEU CD2   HD23   sing N N 443 
LEU OXT   HXT    sing N N 444 
LYS N     CA     sing N N 445 
LYS N     H      sing N N 446 
LYS N     H2     sing N N 447 
LYS CA    C      sing N N 448 
LYS CA    CB     sing N N 449 
LYS CA    HA     sing N N 450 
LYS C     O      doub N N 451 
LYS C     OXT    sing N N 452 
LYS CB    CG     sing N N 453 
LYS CB    HB2    sing N N 454 
LYS CB    HB3    sing N N 455 
LYS CG    CD     sing N N 456 
LYS CG    HG2    sing N N 457 
LYS CG    HG3    sing N N 458 
LYS CD    CE     sing N N 459 
LYS CD    HD2    sing N N 460 
LYS CD    HD3    sing N N 461 
LYS CE    NZ     sing N N 462 
LYS CE    HE2    sing N N 463 
LYS CE    HE3    sing N N 464 
LYS NZ    HZ1    sing N N 465 
LYS NZ    HZ2    sing N N 466 
LYS NZ    HZ3    sing N N 467 
LYS OXT   HXT    sing N N 468 
MET N     CA     sing N N 469 
MET N     H      sing N N 470 
MET N     H2     sing N N 471 
MET CA    C      sing N N 472 
MET CA    CB     sing N N 473 
MET CA    HA     sing N N 474 
MET C     O      doub N N 475 
MET C     OXT    sing N N 476 
MET CB    CG     sing N N 477 
MET CB    HB2    sing N N 478 
MET CB    HB3    sing N N 479 
MET CG    SD     sing N N 480 
MET CG    HG2    sing N N 481 
MET CG    HG3    sing N N 482 
MET SD    CE     sing N N 483 
MET CE    HE1    sing N N 484 
MET CE    HE2    sing N N 485 
MET CE    HE3    sing N N 486 
MET OXT   HXT    sing N N 487 
PHE N     CA     sing N N 488 
PHE N     H      sing N N 489 
PHE N     H2     sing N N 490 
PHE CA    C      sing N N 491 
PHE CA    CB     sing N N 492 
PHE CA    HA     sing N N 493 
PHE C     O      doub N N 494 
PHE C     OXT    sing N N 495 
PHE CB    CG     sing N N 496 
PHE CB    HB2    sing N N 497 
PHE CB    HB3    sing N N 498 
PHE CG    CD1    doub Y N 499 
PHE CG    CD2    sing Y N 500 
PHE CD1   CE1    sing Y N 501 
PHE CD1   HD1    sing N N 502 
PHE CD2   CE2    doub Y N 503 
PHE CD2   HD2    sing N N 504 
PHE CE1   CZ     doub Y N 505 
PHE CE1   HE1    sing N N 506 
PHE CE2   CZ     sing Y N 507 
PHE CE2   HE2    sing N N 508 
PHE CZ    HZ     sing N N 509 
PHE OXT   HXT    sing N N 510 
PRO N     CA     sing N N 511 
PRO N     CD     sing N N 512 
PRO N     H      sing N N 513 
PRO CA    C      sing N N 514 
PRO CA    CB     sing N N 515 
PRO CA    HA     sing N N 516 
PRO C     O      doub N N 517 
PRO C     OXT    sing N N 518 
PRO CB    CG     sing N N 519 
PRO CB    HB2    sing N N 520 
PRO CB    HB3    sing N N 521 
PRO CG    CD     sing N N 522 
PRO CG    HG2    sing N N 523 
PRO CG    HG3    sing N N 524 
PRO CD    HD2    sing N N 525 
PRO CD    HD3    sing N N 526 
PRO OXT   HXT    sing N N 527 
SER N     CA     sing N N 528 
SER N     H      sing N N 529 
SER N     H2     sing N N 530 
SER CA    C      sing N N 531 
SER CA    CB     sing N N 532 
SER CA    HA     sing N N 533 
SER C     O      doub N N 534 
SER C     OXT    sing N N 535 
SER CB    OG     sing N N 536 
SER CB    HB2    sing N N 537 
SER CB    HB3    sing N N 538 
SER OG    HG     sing N N 539 
SER OXT   HXT    sing N N 540 
THR N     CA     sing N N 541 
THR N     H      sing N N 542 
THR N     H2     sing N N 543 
THR CA    C      sing N N 544 
THR CA    CB     sing N N 545 
THR CA    HA     sing N N 546 
THR C     O      doub N N 547 
THR C     OXT    sing N N 548 
THR CB    OG1    sing N N 549 
THR CB    CG2    sing N N 550 
THR CB    HB     sing N N 551 
THR OG1   HG1    sing N N 552 
THR CG2   HG21   sing N N 553 
THR CG2   HG22   sing N N 554 
THR CG2   HG23   sing N N 555 
THR OXT   HXT    sing N N 556 
TRP N     CA     sing N N 557 
TRP N     H      sing N N 558 
TRP N     H2     sing N N 559 
TRP CA    C      sing N N 560 
TRP CA    CB     sing N N 561 
TRP CA    HA     sing N N 562 
TRP C     O      doub N N 563 
TRP C     OXT    sing N N 564 
TRP CB    CG     sing N N 565 
TRP CB    HB2    sing N N 566 
TRP CB    HB3    sing N N 567 
TRP CG    CD1    doub Y N 568 
TRP CG    CD2    sing Y N 569 
TRP CD1   NE1    sing Y N 570 
TRP CD1   HD1    sing N N 571 
TRP CD2   CE2    doub Y N 572 
TRP CD2   CE3    sing Y N 573 
TRP NE1   CE2    sing Y N 574 
TRP NE1   HE1    sing N N 575 
TRP CE2   CZ2    sing Y N 576 
TRP CE3   CZ3    doub Y N 577 
TRP CE3   HE3    sing N N 578 
TRP CZ2   CH2    doub Y N 579 
TRP CZ2   HZ2    sing N N 580 
TRP CZ3   CH2    sing Y N 581 
TRP CZ3   HZ3    sing N N 582 
TRP CH2   HH2    sing N N 583 
TRP OXT   HXT    sing N N 584 
TYR N     CA     sing N N 585 
TYR N     H      sing N N 586 
TYR N     H2     sing N N 587 
TYR CA    C      sing N N 588 
TYR CA    CB     sing N N 589 
TYR CA    HA     sing N N 590 
TYR C     O      doub N N 591 
TYR C     OXT    sing N N 592 
TYR CB    CG     sing N N 593 
TYR CB    HB2    sing N N 594 
TYR CB    HB3    sing N N 595 
TYR CG    CD1    doub Y N 596 
TYR CG    CD2    sing Y N 597 
TYR CD1   CE1    sing Y N 598 
TYR CD1   HD1    sing N N 599 
TYR CD2   CE2    doub Y N 600 
TYR CD2   HD2    sing N N 601 
TYR CE1   CZ     doub Y N 602 
TYR CE1   HE1    sing N N 603 
TYR CE2   CZ     sing Y N 604 
TYR CE2   HE2    sing N N 605 
TYR CZ    OH     sing N N 606 
TYR OH    HH     sing N N 607 
TYR OXT   HXT    sing N N 608 
U   OP3   P      sing N N 609 
U   OP3   HOP3   sing N N 610 
U   P     OP1    doub N N 611 
U   P     OP2    sing N N 612 
U   P     "O5'"  sing N N 613 
U   OP2   HOP2   sing N N 614 
U   "O5'" "C5'"  sing N N 615 
U   "C5'" "C4'"  sing N N 616 
U   "C5'" "H5'"  sing N N 617 
U   "C5'" "H5''" sing N N 618 
U   "C4'" "O4'"  sing N N 619 
U   "C4'" "C3'"  sing N N 620 
U   "C4'" "H4'"  sing N N 621 
U   "O4'" "C1'"  sing N N 622 
U   "C3'" "O3'"  sing N N 623 
U   "C3'" "C2'"  sing N N 624 
U   "C3'" "H3'"  sing N N 625 
U   "O3'" "HO3'" sing N N 626 
U   "C2'" "O2'"  sing N N 627 
U   "C2'" "C1'"  sing N N 628 
U   "C2'" "H2'"  sing N N 629 
U   "O2'" "HO2'" sing N N 630 
U   "C1'" N1     sing N N 631 
U   "C1'" "H1'"  sing N N 632 
U   N1    C2     sing N N 633 
U   N1    C6     sing N N 634 
U   C2    O2     doub N N 635 
U   C2    N3     sing N N 636 
U   N3    C4     sing N N 637 
U   N3    H3     sing N N 638 
U   C4    O4     doub N N 639 
U   C4    C5     sing N N 640 
U   C5    C6     doub N N 641 
U   C5    H5     sing N N 642 
U   C6    H6     sing N N 643 
VAL N     CA     sing N N 644 
VAL N     H      sing N N 645 
VAL N     H2     sing N N 646 
VAL CA    C      sing N N 647 
VAL CA    CB     sing N N 648 
VAL CA    HA     sing N N 649 
VAL C     O      doub N N 650 
VAL C     OXT    sing N N 651 
VAL CB    CG1    sing N N 652 
VAL CB    CG2    sing N N 653 
VAL CB    HB     sing N N 654 
VAL CG1   HG11   sing N N 655 
VAL CG1   HG12   sing N N 656 
VAL CG1   HG13   sing N N 657 
VAL CG2   HG21   sing N N 658 
VAL CG2   HG22   sing N N 659 
VAL CG2   HG23   sing N N 660 
VAL OXT   HXT    sing N N 661 
# 
_ndb_struct_conf_na.entry_id   5WJR 
_ndb_struct_conf_na.feature    'double helix' 
# 
loop_
_ndb_struct_na_base_pair.model_number 
_ndb_struct_na_base_pair.i_label_asym_id 
_ndb_struct_na_base_pair.i_label_comp_id 
_ndb_struct_na_base_pair.i_label_seq_id 
_ndb_struct_na_base_pair.i_symmetry 
_ndb_struct_na_base_pair.j_label_asym_id 
_ndb_struct_na_base_pair.j_label_comp_id 
_ndb_struct_na_base_pair.j_label_seq_id 
_ndb_struct_na_base_pair.j_symmetry 
_ndb_struct_na_base_pair.shear 
_ndb_struct_na_base_pair.stretch 
_ndb_struct_na_base_pair.stagger 
_ndb_struct_na_base_pair.buckle 
_ndb_struct_na_base_pair.propeller 
_ndb_struct_na_base_pair.opening 
_ndb_struct_na_base_pair.pair_number 
_ndb_struct_na_base_pair.pair_name 
_ndb_struct_na_base_pair.i_auth_asym_id 
_ndb_struct_na_base_pair.i_auth_seq_id 
_ndb_struct_na_base_pair.i_PDB_ins_code 
_ndb_struct_na_base_pair.j_auth_asym_id 
_ndb_struct_na_base_pair.j_auth_seq_id 
_ndb_struct_na_base_pair.j_PDB_ins_code 
_ndb_struct_na_base_pair.hbond_type_28 
_ndb_struct_na_base_pair.hbond_type_12 
1 A C 2 1_555 B DG 6 1_555 0.022  -0.164 0.156  -1.305  -8.469  -3.357 1 B_C2:DG6_C B 2 ? C 6 ? 19 1 
1 A G 3 1_555 B DC 5 1_555 -0.215 -0.113 -0.287 -17.211 -13.488 -0.518 2 B_G3:DC5_C B 3 ? C 5 ? 19 1 
1 A A 4 1_555 B DT 4 1_555 -0.017 -0.106 -0.231 -11.571 -17.385 2.077  3 B_A4:DT4_C B 4 ? C 4 ? 20 1 
1 A C 5 1_555 B DG 3 1_555 0.284  -0.193 0.114  -7.453  -12.341 -1.223 4 B_C5:DG3_C B 5 ? C 3 ? 19 1 
1 A A 6 1_555 B DT 2 1_555 0.115  -0.121 -0.079 -10.359 -6.573  -0.373 5 B_A6:DT2_C B 6 ? C 2 ? 20 1 
# 
loop_
_ndb_struct_na_base_pair_step.model_number 
_ndb_struct_na_base_pair_step.i_label_asym_id_1 
_ndb_struct_na_base_pair_step.i_label_comp_id_1 
_ndb_struct_na_base_pair_step.i_label_seq_id_1 
_ndb_struct_na_base_pair_step.i_symmetry_1 
_ndb_struct_na_base_pair_step.j_label_asym_id_1 
_ndb_struct_na_base_pair_step.j_label_comp_id_1 
_ndb_struct_na_base_pair_step.j_label_seq_id_1 
_ndb_struct_na_base_pair_step.j_symmetry_1 
_ndb_struct_na_base_pair_step.i_label_asym_id_2 
_ndb_struct_na_base_pair_step.i_label_comp_id_2 
_ndb_struct_na_base_pair_step.i_label_seq_id_2 
_ndb_struct_na_base_pair_step.i_symmetry_2 
_ndb_struct_na_base_pair_step.j_label_asym_id_2 
_ndb_struct_na_base_pair_step.j_label_comp_id_2 
_ndb_struct_na_base_pair_step.j_label_seq_id_2 
_ndb_struct_na_base_pair_step.j_symmetry_2 
_ndb_struct_na_base_pair_step.shift 
_ndb_struct_na_base_pair_step.slide 
_ndb_struct_na_base_pair_step.rise 
_ndb_struct_na_base_pair_step.tilt 
_ndb_struct_na_base_pair_step.roll 
_ndb_struct_na_base_pair_step.twist 
_ndb_struct_na_base_pair_step.x_displacement 
_ndb_struct_na_base_pair_step.y_displacement 
_ndb_struct_na_base_pair_step.helical_rise 
_ndb_struct_na_base_pair_step.inclination 
_ndb_struct_na_base_pair_step.tip 
_ndb_struct_na_base_pair_step.helical_twist 
_ndb_struct_na_base_pair_step.step_number 
_ndb_struct_na_base_pair_step.step_name 
_ndb_struct_na_base_pair_step.i_auth_asym_id_1 
_ndb_struct_na_base_pair_step.i_auth_seq_id_1 
_ndb_struct_na_base_pair_step.i_PDB_ins_code_1 
_ndb_struct_na_base_pair_step.j_auth_asym_id_1 
_ndb_struct_na_base_pair_step.j_auth_seq_id_1 
_ndb_struct_na_base_pair_step.j_PDB_ins_code_1 
_ndb_struct_na_base_pair_step.i_auth_asym_id_2 
_ndb_struct_na_base_pair_step.i_auth_seq_id_2 
_ndb_struct_na_base_pair_step.i_PDB_ins_code_2 
_ndb_struct_na_base_pair_step.j_auth_asym_id_2 
_ndb_struct_na_base_pair_step.j_auth_seq_id_2 
_ndb_struct_na_base_pair_step.j_PDB_ins_code_2 
1 A C 2 1_555 B DG 6 1_555 A G 3 1_555 B DC 5 1_555 0.413  -1.095 3.634 6.650  5.539 37.575 -2.413 0.279  3.465 8.462  -10.160 
38.524 1 BB_C2G3:DC5DG6_CC B 2 ? C 6 ? B 3 ? C 5 ? 
1 A G 3 1_555 B DC 5 1_555 A A 4 1_555 B DT 4 1_555 0.663  -1.178 3.251 1.914  6.230 33.601 -2.954 -0.835 3.022 10.653 -3.273  
34.209 2 BB_G3A4:DT4DC5_CC B 3 ? C 5 ? B 4 ? C 4 ? 
1 A A 4 1_555 B DT 4 1_555 A C 5 1_555 B DG 3 1_555 -0.680 -1.179 3.169 -2.487 5.854 30.660 -3.230 0.817  2.943 10.923 4.641   
31.298 3 BB_A4C5:DG3DT4_CC B 4 ? C 4 ? B 5 ? C 3 ? 
1 A C 5 1_555 B DG 3 1_555 A A 6 1_555 B DT 2 1_555 0.990  -1.837 3.350 5.704  5.577 24.508 -5.682 -0.627 3.014 12.715 -13.004 
25.754 4 BB_C5A6:DT2DG3_CC B 5 ? C 3 ? B 6 ? C 2 ? 
# 
loop_
_pdbx_entity_nonpoly.entity_id 
_pdbx_entity_nonpoly.name 
_pdbx_entity_nonpoly.comp_id 
4 'MAGNESIUM ION' MG  
5 water           HOH 
# 
_pdbx_initial_refinement_model.id               1 
_pdbx_initial_refinement_model.entity_id_list   ? 
_pdbx_initial_refinement_model.type             'experimental model' 
_pdbx_initial_refinement_model.source_name      PDB 
_pdbx_initial_refinement_model.accession_code   2G8U 
_pdbx_initial_refinement_model.details          ? 
# 
_pdbx_struct_assembly_auth_evidence.id                     1 
_pdbx_struct_assembly_auth_evidence.assembly_id            1 
_pdbx_struct_assembly_auth_evidence.experimental_support   none 
_pdbx_struct_assembly_auth_evidence.details                ? 
# 
